data_5PBC
# 
_entry.id   5PBC 
# 
_audit_conform.dict_name       mmcif_pdbx.dic 
_audit_conform.dict_version    5.387 
_audit_conform.dict_location   http://mmcif.pdb.org/dictionaries/ascii/mmcif_pdbx.dic 
# 
loop_
_database_2.database_id 
_database_2.database_code 
_database_2.pdbx_database_accession 
_database_2.pdbx_DOI 
PDB   5PBC         pdb_00005pbc 10.2210/pdb5pbc/pdb 
WWPDB D_1001400448 ?            ?                   
# 
loop_
_pdbx_audit_revision_history.ordinal 
_pdbx_audit_revision_history.data_content_type 
_pdbx_audit_revision_history.major_revision 
_pdbx_audit_revision_history.minor_revision 
_pdbx_audit_revision_history.revision_date 
1 'Structure model' 1 0 2017-03-15 
2 'Structure model' 1 1 2017-09-27 
3 'Structure model' 1 2 2017-10-04 
4 'Structure model' 1 3 2024-03-06 
# 
_pdbx_audit_revision_details.ordinal             1 
_pdbx_audit_revision_details.revision_ordinal    1 
_pdbx_audit_revision_details.data_content_type   'Structure model' 
_pdbx_audit_revision_details.provider            repository 
_pdbx_audit_revision_details.type                'Initial release' 
_pdbx_audit_revision_details.description         ? 
_pdbx_audit_revision_details.details             ? 
# 
loop_
_pdbx_audit_revision_group.ordinal 
_pdbx_audit_revision_group.revision_ordinal 
_pdbx_audit_revision_group.data_content_type 
_pdbx_audit_revision_group.group 
1 2 'Structure model' 'Data collection'     
2 2 'Structure model' 'Database references' 
3 2 'Structure model' 'Structure summary'   
4 3 'Structure model' 'Structure summary'   
5 4 'Structure model' 'Data collection'     
6 4 'Structure model' 'Database references' 
# 
loop_
_pdbx_audit_revision_category.ordinal 
_pdbx_audit_revision_category.revision_ordinal 
_pdbx_audit_revision_category.data_content_type 
_pdbx_audit_revision_category.category 
1 2 'Structure model' citation           
2 2 'Structure model' citation_author    
3 2 'Structure model' diffrn_source      
4 2 'Structure model' pdbx_deposit_group 
5 3 'Structure model' pdbx_deposit_group 
6 4 'Structure model' chem_comp_atom     
7 4 'Structure model' chem_comp_bond     
8 4 'Structure model' database_2         
# 
loop_
_pdbx_audit_revision_item.ordinal 
_pdbx_audit_revision_item.revision_ordinal 
_pdbx_audit_revision_item.data_content_type 
_pdbx_audit_revision_item.item 
1  2 'Structure model' '_citation.journal_volume'             
2  2 'Structure model' '_citation.page_first'                 
3  2 'Structure model' '_citation.page_last'                  
4  2 'Structure model' '_citation.pdbx_database_id_DOI'       
5  2 'Structure model' '_citation.pdbx_database_id_PubMed'    
6  2 'Structure model' '_citation.title'                      
7  2 'Structure model' '_citation_author.name'                
8  2 'Structure model' '_diffrn_source.pdbx_synchrotron_site' 
9  2 'Structure model' '_pdbx_deposit_group.group_id'         
10 2 'Structure model' '_pdbx_deposit_group.group_title'      
11 2 'Structure model' '_pdbx_deposit_group.group_type'       
12 3 'Structure model' '_pdbx_deposit_group.group_title'      
13 4 'Structure model' '_database_2.pdbx_DOI'                 
14 4 'Structure model' '_database_2.pdbx_database_accession'  
# 
_pdbx_database_status.entry_id                        5PBC 
_pdbx_database_status.status_code                     REL 
_pdbx_database_status.recvd_initial_deposition_date   2017-02-03 
_pdbx_database_status.deposit_site                    RCSB 
_pdbx_database_status.process_site                    RCSB 
_pdbx_database_status.SG_entry                        ? 
_pdbx_database_status.pdb_format_compatible           Y 
_pdbx_database_status.status_code_sf                  REL 
_pdbx_database_status.status_code_mr                  ? 
_pdbx_database_status.status_code_cs                  ? 
_pdbx_database_status.methods_development_category    ? 
_pdbx_database_status.status_code_nmr_data            ? 
# 
loop_
_audit_author.name 
_audit_author.pdbx_ordinal 
'Pearce, N.M.'     1  
'Krojer, T.'       2  
'Talon, R.'        3  
'Bradley, A.R.'    4  
'Fairhead, M.'     5  
'Sethi, R.'        6  
'Wright, N.'       7  
'MacLean, E.'      8  
'Collins, P.'      9  
'Brandao-Neto, J.' 10 
'Douangamath, A.'  11 
'Renjie, Z.'       12 
'Dias, A.'         13 
'Vollmar, M.'      14 
'Ng, J.'           15 
'Brennan, P.E.'    16 
'Cox, O.'          17 
'Bountra, C.'      18 
'Arrowsmith, C.H.' 19 
'Edwards, A.'      20 
'von Delft, F.'    21 
# 
_citation.id                        primary 
_citation.title                     
'A multi-crystal method for extracting obscured crystallographic states from conventionally uninterpretable electron density.' 
_citation.journal_abbrev            'Nat Commun' 
_citation.journal_volume            8 
_citation.page_first                15123 
_citation.page_last                 15123 
_citation.year                      2017 
_citation.journal_id_ASTM           ? 
_citation.country                   UK 
_citation.journal_id_ISSN           2041-1723 
_citation.journal_id_CSD            ? 
_citation.book_publisher            ? 
_citation.pdbx_database_id_PubMed   28436492 
_citation.pdbx_database_id_DOI      10.1038/ncomms15123 
# 
loop_
_citation_author.citation_id 
_citation_author.name 
_citation_author.ordinal 
_citation_author.identifier_ORCID 
primary 'Pearce, N.M.'  1  ? 
primary 'Krojer, T.'    2  ? 
primary 'Bradley, A.R.' 3  ? 
primary 'Collins, P.'   4  ? 
primary 'Nowak, R.P.'   5  ? 
primary 'Talon, R.'     6  ? 
primary 'Marsden, B.D.' 7  ? 
primary 'Kelm, S.'      8  ? 
primary 'Shi, J.'       9  ? 
primary 'Deane, C.M.'   10 ? 
primary 'von Delft, F.' 11 ? 
# 
loop_
_entity.id 
_entity.type 
_entity.src_method 
_entity.pdbx_description 
_entity.formula_weight 
_entity.pdbx_number_of_molecules 
_entity.pdbx_ec 
_entity.pdbx_mutation 
_entity.pdbx_fragment 
_entity.details 
1 polymer     man 'Bromodomain adjacent to zinc finger domain protein 2B' 16090.326 1   ? ? ? ? 
2 non-polymer syn 1,2-ETHANEDIOL                                          62.068    2   ? ? ? ? 
3 non-polymer syn 4-bromo-1H-imidazole                                    146.973   1   ? ? ? ? 
4 water       nat water                                                   18.015    212 ? ? ? ? 
# 
_entity_name_com.entity_id   1 
_entity_name_com.name        hWALp4 
# 
_entity_poly.entity_id                      1 
_entity_poly.type                           'polypeptide(L)' 
_entity_poly.nstd_linkage                   no 
_entity_poly.nstd_monomer                   no 
_entity_poly.pdbx_seq_one_letter_code       
;MHHHHHHSSGVDLGTENLYFQSMSVKKPKRDDSKDLALCSMILTEMETHEDAWPFLLPVNLKLVPGYKKVIKKPMDFSTI
REKLSSGQYPNLETFALDVRLVFDNCETFNEDDSDIGRAGHNMRKYFEKKWTDTFKVS
;
_entity_poly.pdbx_seq_one_letter_code_can   
;MHHHHHHSSGVDLGTENLYFQSMSVKKPKRDDSKDLALCSMILTEMETHEDAWPFLLPVNLKLVPGYKKVIKKPMDFSTI
REKLSSGQYPNLETFALDVRLVFDNCETFNEDDSDIGRAGHNMRKYFEKKWTDTFKVS
;
_entity_poly.pdbx_strand_id                 A 
_entity_poly.pdbx_target_identifier         ? 
# 
loop_
_pdbx_entity_nonpoly.entity_id 
_pdbx_entity_nonpoly.name 
_pdbx_entity_nonpoly.comp_id 
2 1,2-ETHANEDIOL       EDO 
3 4-bromo-1H-imidazole ES3 
4 water                HOH 
# 
loop_
_entity_poly_seq.entity_id 
_entity_poly_seq.num 
_entity_poly_seq.mon_id 
_entity_poly_seq.hetero 
1 1   MET n 
1 2   HIS n 
1 3   HIS n 
1 4   HIS n 
1 5   HIS n 
1 6   HIS n 
1 7   HIS n 
1 8   SER n 
1 9   SER n 
1 10  GLY n 
1 11  VAL n 
1 12  ASP n 
1 13  LEU n 
1 14  GLY n 
1 15  THR n 
1 16  GLU n 
1 17  ASN n 
1 18  LEU n 
1 19  TYR n 
1 20  PHE n 
1 21  GLN n 
1 22  SER n 
1 23  MET n 
1 24  SER n 
1 25  VAL n 
1 26  LYS n 
1 27  LYS n 
1 28  PRO n 
1 29  LYS n 
1 30  ARG n 
1 31  ASP n 
1 32  ASP n 
1 33  SER n 
1 34  LYS n 
1 35  ASP n 
1 36  LEU n 
1 37  ALA n 
1 38  LEU n 
1 39  CYS n 
1 40  SER n 
1 41  MET n 
1 42  ILE n 
1 43  LEU n 
1 44  THR n 
1 45  GLU n 
1 46  MET n 
1 47  GLU n 
1 48  THR n 
1 49  HIS n 
1 50  GLU n 
1 51  ASP n 
1 52  ALA n 
1 53  TRP n 
1 54  PRO n 
1 55  PHE n 
1 56  LEU n 
1 57  LEU n 
1 58  PRO n 
1 59  VAL n 
1 60  ASN n 
1 61  LEU n 
1 62  LYS n 
1 63  LEU n 
1 64  VAL n 
1 65  PRO n 
1 66  GLY n 
1 67  TYR n 
1 68  LYS n 
1 69  LYS n 
1 70  VAL n 
1 71  ILE n 
1 72  LYS n 
1 73  LYS n 
1 74  PRO n 
1 75  MET n 
1 76  ASP n 
1 77  PHE n 
1 78  SER n 
1 79  THR n 
1 80  ILE n 
1 81  ARG n 
1 82  GLU n 
1 83  LYS n 
1 84  LEU n 
1 85  SER n 
1 86  SER n 
1 87  GLY n 
1 88  GLN n 
1 89  TYR n 
1 90  PRO n 
1 91  ASN n 
1 92  LEU n 
1 93  GLU n 
1 94  THR n 
1 95  PHE n 
1 96  ALA n 
1 97  LEU n 
1 98  ASP n 
1 99  VAL n 
1 100 ARG n 
1 101 LEU n 
1 102 VAL n 
1 103 PHE n 
1 104 ASP n 
1 105 ASN n 
1 106 CYS n 
1 107 GLU n 
1 108 THR n 
1 109 PHE n 
1 110 ASN n 
1 111 GLU n 
1 112 ASP n 
1 113 ASP n 
1 114 SER n 
1 115 ASP n 
1 116 ILE n 
1 117 GLY n 
1 118 ARG n 
1 119 ALA n 
1 120 GLY n 
1 121 HIS n 
1 122 ASN n 
1 123 MET n 
1 124 ARG n 
1 125 LYS n 
1 126 TYR n 
1 127 PHE n 
1 128 GLU n 
1 129 LYS n 
1 130 LYS n 
1 131 TRP n 
1 132 THR n 
1 133 ASP n 
1 134 THR n 
1 135 PHE n 
1 136 LYS n 
1 137 VAL n 
1 138 SER n 
# 
_entity_src_gen.entity_id                          1 
_entity_src_gen.pdbx_src_id                        1 
_entity_src_gen.pdbx_alt_source_flag               sample 
_entity_src_gen.pdbx_seq_type                      'Biological sequence' 
_entity_src_gen.pdbx_beg_seq_num                   1 
_entity_src_gen.pdbx_end_seq_num                   138 
_entity_src_gen.gene_src_common_name               Human 
_entity_src_gen.gene_src_genus                     ? 
_entity_src_gen.pdbx_gene_src_gene                 'BAZ2B, KIAA1476' 
_entity_src_gen.gene_src_species                   ? 
_entity_src_gen.gene_src_strain                    ? 
_entity_src_gen.gene_src_tissue                    ? 
_entity_src_gen.gene_src_tissue_fraction           ? 
_entity_src_gen.gene_src_details                   ? 
_entity_src_gen.pdbx_gene_src_fragment             ? 
_entity_src_gen.pdbx_gene_src_scientific_name      'Homo sapiens' 
_entity_src_gen.pdbx_gene_src_ncbi_taxonomy_id     9606 
_entity_src_gen.pdbx_gene_src_variant              ? 
_entity_src_gen.pdbx_gene_src_cell_line            ? 
_entity_src_gen.pdbx_gene_src_atcc                 ? 
_entity_src_gen.pdbx_gene_src_organ                ? 
_entity_src_gen.pdbx_gene_src_organelle            ? 
_entity_src_gen.pdbx_gene_src_cell                 ? 
_entity_src_gen.pdbx_gene_src_cellular_location    ? 
_entity_src_gen.host_org_common_name               ? 
_entity_src_gen.pdbx_host_org_scientific_name      'escherichia coli' 
_entity_src_gen.pdbx_host_org_ncbi_taxonomy_id     562 
_entity_src_gen.host_org_genus                     ? 
_entity_src_gen.pdbx_host_org_gene                 ? 
_entity_src_gen.pdbx_host_org_organ                ? 
_entity_src_gen.host_org_species                   ? 
_entity_src_gen.pdbx_host_org_tissue               ? 
_entity_src_gen.pdbx_host_org_tissue_fraction      ? 
_entity_src_gen.pdbx_host_org_strain               ? 
_entity_src_gen.pdbx_host_org_variant              ? 
_entity_src_gen.pdbx_host_org_cell_line            ? 
_entity_src_gen.pdbx_host_org_atcc                 ? 
_entity_src_gen.pdbx_host_org_culture_collection   ? 
_entity_src_gen.pdbx_host_org_cell                 ? 
_entity_src_gen.pdbx_host_org_organelle            ? 
_entity_src_gen.pdbx_host_org_cellular_location    ? 
_entity_src_gen.pdbx_host_org_vector_type          ? 
_entity_src_gen.pdbx_host_org_vector               ? 
_entity_src_gen.host_org_details                   ? 
_entity_src_gen.expression_system_id               ? 
_entity_src_gen.plasmid_name                       ? 
_entity_src_gen.plasmid_details                    ? 
_entity_src_gen.pdbx_description                   ? 
# 
loop_
_chem_comp.id 
_chem_comp.type 
_chem_comp.mon_nstd_flag 
_chem_comp.name 
_chem_comp.pdbx_synonyms 
_chem_comp.formula 
_chem_comp.formula_weight 
ALA 'L-peptide linking' y ALANINE              ?                 'C3 H7 N O2'     89.093  
ARG 'L-peptide linking' y ARGININE             ?                 'C6 H15 N4 O2 1' 175.209 
ASN 'L-peptide linking' y ASPARAGINE           ?                 'C4 H8 N2 O3'    132.118 
ASP 'L-peptide linking' y 'ASPARTIC ACID'      ?                 'C4 H7 N O4'     133.103 
CYS 'L-peptide linking' y CYSTEINE             ?                 'C3 H7 N O2 S'   121.158 
EDO non-polymer         . 1,2-ETHANEDIOL       'ETHYLENE GLYCOL' 'C2 H6 O2'       62.068  
ES3 non-polymer         . 4-bromo-1H-imidazole ?                 'C3 H3 Br N2'    146.973 
GLN 'L-peptide linking' y GLUTAMINE            ?                 'C5 H10 N2 O3'   146.144 
GLU 'L-peptide linking' y 'GLUTAMIC ACID'      ?                 'C5 H9 N O4'     147.129 
GLY 'peptide linking'   y GLYCINE              ?                 'C2 H5 N O2'     75.067  
HIS 'L-peptide linking' y HISTIDINE            ?                 'C6 H10 N3 O2 1' 156.162 
HOH non-polymer         . WATER                ?                 'H2 O'           18.015  
ILE 'L-peptide linking' y ISOLEUCINE           ?                 'C6 H13 N O2'    131.173 
LEU 'L-peptide linking' y LEUCINE              ?                 'C6 H13 N O2'    131.173 
LYS 'L-peptide linking' y LYSINE               ?                 'C6 H15 N2 O2 1' 147.195 
MET 'L-peptide linking' y METHIONINE           ?                 'C5 H11 N O2 S'  149.211 
PHE 'L-peptide linking' y PHENYLALANINE        ?                 'C9 H11 N O2'    165.189 
PRO 'L-peptide linking' y PROLINE              ?                 'C5 H9 N O2'     115.130 
SER 'L-peptide linking' y SERINE               ?                 'C3 H7 N O3'     105.093 
THR 'L-peptide linking' y THREONINE            ?                 'C4 H9 N O3'     119.119 
TRP 'L-peptide linking' y TRYPTOPHAN           ?                 'C11 H12 N2 O2'  204.225 
TYR 'L-peptide linking' y TYROSINE             ?                 'C9 H11 N O3'    181.189 
VAL 'L-peptide linking' y VALINE               ?                 'C5 H11 N O2'    117.146 
# 
loop_
_pdbx_poly_seq_scheme.asym_id 
_pdbx_poly_seq_scheme.entity_id 
_pdbx_poly_seq_scheme.seq_id 
_pdbx_poly_seq_scheme.mon_id 
_pdbx_poly_seq_scheme.ndb_seq_num 
_pdbx_poly_seq_scheme.pdb_seq_num 
_pdbx_poly_seq_scheme.auth_seq_num 
_pdbx_poly_seq_scheme.pdb_mon_id 
_pdbx_poly_seq_scheme.auth_mon_id 
_pdbx_poly_seq_scheme.pdb_strand_id 
_pdbx_poly_seq_scheme.pdb_ins_code 
_pdbx_poly_seq_scheme.hetero 
A 1 1   MET 1   1835 ?    ?   ?   A . n 
A 1 2   HIS 2   1836 ?    ?   ?   A . n 
A 1 3   HIS 3   1837 ?    ?   ?   A . n 
A 1 4   HIS 4   1838 ?    ?   ?   A . n 
A 1 5   HIS 5   1839 ?    ?   ?   A . n 
A 1 6   HIS 6   1840 ?    ?   ?   A . n 
A 1 7   HIS 7   1841 ?    ?   ?   A . n 
A 1 8   SER 8   1842 ?    ?   ?   A . n 
A 1 9   SER 9   1843 ?    ?   ?   A . n 
A 1 10  GLY 10  1844 ?    ?   ?   A . n 
A 1 11  VAL 11  1845 ?    ?   ?   A . n 
A 1 12  ASP 12  1846 ?    ?   ?   A . n 
A 1 13  LEU 13  1847 ?    ?   ?   A . n 
A 1 14  GLY 14  1848 ?    ?   ?   A . n 
A 1 15  THR 15  1849 ?    ?   ?   A . n 
A 1 16  GLU 16  1850 ?    ?   ?   A . n 
A 1 17  ASN 17  1851 ?    ?   ?   A . n 
A 1 18  LEU 18  1852 ?    ?   ?   A . n 
A 1 19  TYR 19  1853 ?    ?   ?   A . n 
A 1 20  PHE 20  1854 ?    ?   ?   A . n 
A 1 21  GLN 21  1855 ?    ?   ?   A . n 
A 1 22  SER 22  1856 1856 SER SER A . n 
A 1 23  MET 23  1857 1857 MET MET A . n 
A 1 24  SER 24  1858 1858 SER SER A . n 
A 1 25  VAL 25  1859 1859 VAL VAL A . n 
A 1 26  LYS 26  1860 1860 LYS LYS A . n 
A 1 27  LYS 27  1861 1861 LYS LYS A . n 
A 1 28  PRO 28  1862 1862 PRO PRO A . n 
A 1 29  LYS 29  1863 1863 LYS LYS A . n 
A 1 30  ARG 30  1864 1864 ARG ARG A . n 
A 1 31  ASP 31  1865 1865 ASP ASP A . n 
A 1 32  ASP 32  1866 1866 ASP ASP A . n 
A 1 33  SER 33  1867 1867 SER SER A . n 
A 1 34  LYS 34  1868 1868 LYS LYS A . n 
A 1 35  ASP 35  1869 1869 ASP ASP A . n 
A 1 36  LEU 36  1870 1870 LEU LEU A . n 
A 1 37  ALA 37  1871 1871 ALA ALA A . n 
A 1 38  LEU 38  1872 1872 LEU LEU A . n 
A 1 39  CYS 39  1873 1873 CYS CYS A . n 
A 1 40  SER 40  1874 1874 SER SER A . n 
A 1 41  MET 41  1875 1875 MET MET A . n 
A 1 42  ILE 42  1876 1876 ILE ILE A . n 
A 1 43  LEU 43  1877 1877 LEU LEU A . n 
A 1 44  THR 44  1878 1878 THR THR A . n 
A 1 45  GLU 45  1879 1879 GLU GLU A . n 
A 1 46  MET 46  1880 1880 MET MET A . n 
A 1 47  GLU 47  1881 1881 GLU GLU A . n 
A 1 48  THR 48  1882 1882 THR THR A . n 
A 1 49  HIS 49  1883 1883 HIS HIS A . n 
A 1 50  GLU 50  1884 1884 GLU GLU A . n 
A 1 51  ASP 51  1885 1885 ASP ASP A . n 
A 1 52  ALA 52  1886 1886 ALA ALA A . n 
A 1 53  TRP 53  1887 1887 TRP TRP A . n 
A 1 54  PRO 54  1888 1888 PRO PRO A . n 
A 1 55  PHE 55  1889 1889 PHE PHE A . n 
A 1 56  LEU 56  1890 1890 LEU LEU A . n 
A 1 57  LEU 57  1891 1891 LEU LEU A . n 
A 1 58  PRO 58  1892 1892 PRO PRO A . n 
A 1 59  VAL 59  1893 1893 VAL VAL A . n 
A 1 60  ASN 60  1894 1894 ASN ASN A . n 
A 1 61  LEU 61  1895 1895 LEU LEU A . n 
A 1 62  LYS 62  1896 1896 LYS LYS A . n 
A 1 63  LEU 63  1897 1897 LEU LEU A . n 
A 1 64  VAL 64  1898 1898 VAL VAL A . n 
A 1 65  PRO 65  1899 1899 PRO PRO A . n 
A 1 66  GLY 66  1900 1900 GLY GLY A . n 
A 1 67  TYR 67  1901 1901 TYR TYR A . n 
A 1 68  LYS 68  1902 1902 LYS LYS A . n 
A 1 69  LYS 69  1903 1903 LYS LYS A . n 
A 1 70  VAL 70  1904 1904 VAL VAL A . n 
A 1 71  ILE 71  1905 1905 ILE ILE A . n 
A 1 72  LYS 72  1906 1906 LYS LYS A . n 
A 1 73  LYS 73  1907 1907 LYS LYS A . n 
A 1 74  PRO 74  1908 1908 PRO PRO A . n 
A 1 75  MET 75  1909 1909 MET MET A . n 
A 1 76  ASP 76  1910 1910 ASP ASP A . n 
A 1 77  PHE 77  1911 1911 PHE PHE A . n 
A 1 78  SER 78  1912 1912 SER SER A . n 
A 1 79  THR 79  1913 1913 THR THR A . n 
A 1 80  ILE 80  1914 1914 ILE ILE A . n 
A 1 81  ARG 81  1915 1915 ARG ARG A . n 
A 1 82  GLU 82  1916 1916 GLU GLU A . n 
A 1 83  LYS 83  1917 1917 LYS LYS A . n 
A 1 84  LEU 84  1918 1918 LEU LEU A . n 
A 1 85  SER 85  1919 1919 SER SER A . n 
A 1 86  SER 86  1920 1920 SER SER A . n 
A 1 87  GLY 87  1921 1921 GLY GLY A . n 
A 1 88  GLN 88  1922 1922 GLN GLN A . n 
A 1 89  TYR 89  1923 1923 TYR TYR A . n 
A 1 90  PRO 90  1924 1924 PRO PRO A . n 
A 1 91  ASN 91  1925 1925 ASN ASN A . n 
A 1 92  LEU 92  1926 1926 LEU LEU A . n 
A 1 93  GLU 93  1927 1927 GLU GLU A . n 
A 1 94  THR 94  1928 1928 THR THR A . n 
A 1 95  PHE 95  1929 1929 PHE PHE A . n 
A 1 96  ALA 96  1930 1930 ALA ALA A . n 
A 1 97  LEU 97  1931 1931 LEU LEU A . n 
A 1 98  ASP 98  1932 1932 ASP ASP A . n 
A 1 99  VAL 99  1933 1933 VAL VAL A . n 
A 1 100 ARG 100 1934 1934 ARG ARG A . n 
A 1 101 LEU 101 1935 1935 LEU LEU A . n 
A 1 102 VAL 102 1936 1936 VAL VAL A . n 
A 1 103 PHE 103 1937 1937 PHE PHE A . n 
A 1 104 ASP 104 1938 1938 ASP ASP A . n 
A 1 105 ASN 105 1939 1939 ASN ASN A . n 
A 1 106 CYS 106 1940 1940 CYS CYS A . n 
A 1 107 GLU 107 1941 1941 GLU GLU A . n 
A 1 108 THR 108 1942 1942 THR THR A . n 
A 1 109 PHE 109 1943 1943 PHE PHE A . n 
A 1 110 ASN 110 1944 1944 ASN ASN A . n 
A 1 111 GLU 111 1945 1945 GLU GLU A . n 
A 1 112 ASP 112 1946 1946 ASP ASP A . n 
A 1 113 ASP 113 1947 1947 ASP ASP A . n 
A 1 114 SER 114 1948 1948 SER SER A . n 
A 1 115 ASP 115 1949 1949 ASP ASP A . n 
A 1 116 ILE 116 1950 1950 ILE ILE A . n 
A 1 117 GLY 117 1951 1951 GLY GLY A . n 
A 1 118 ARG 118 1952 1952 ARG ARG A . n 
A 1 119 ALA 119 1953 1953 ALA ALA A . n 
A 1 120 GLY 120 1954 1954 GLY GLY A . n 
A 1 121 HIS 121 1955 1955 HIS HIS A . n 
A 1 122 ASN 122 1956 1956 ASN ASN A . n 
A 1 123 MET 123 1957 1957 MET MET A . n 
A 1 124 ARG 124 1958 1958 ARG ARG A . n 
A 1 125 LYS 125 1959 1959 LYS LYS A . n 
A 1 126 TYR 126 1960 1960 TYR TYR A . n 
A 1 127 PHE 127 1961 1961 PHE PHE A . n 
A 1 128 GLU 128 1962 1962 GLU GLU A . n 
A 1 129 LYS 129 1963 1963 LYS LYS A . n 
A 1 130 LYS 130 1964 1964 LYS LYS A . n 
A 1 131 TRP 131 1965 1965 TRP TRP A . n 
A 1 132 THR 132 1966 1966 THR THR A . n 
A 1 133 ASP 133 1967 1967 ASP ASP A . n 
A 1 134 THR 134 1968 1968 THR THR A . n 
A 1 135 PHE 135 1969 1969 PHE PHE A . n 
A 1 136 LYS 136 1970 1970 LYS LYS A . n 
A 1 137 VAL 137 1971 ?    ?   ?   A . n 
A 1 138 SER 138 1972 ?    ?   ?   A . n 
# 
loop_
_pdbx_nonpoly_scheme.asym_id 
_pdbx_nonpoly_scheme.entity_id 
_pdbx_nonpoly_scheme.mon_id 
_pdbx_nonpoly_scheme.ndb_seq_num 
_pdbx_nonpoly_scheme.pdb_seq_num 
_pdbx_nonpoly_scheme.auth_seq_num 
_pdbx_nonpoly_scheme.pdb_mon_id 
_pdbx_nonpoly_scheme.auth_mon_id 
_pdbx_nonpoly_scheme.pdb_strand_id 
_pdbx_nonpoly_scheme.pdb_ins_code 
B 2 EDO 1   2001 1   EDO EDO A . 
C 2 EDO 1   2002 2   EDO EDO A . 
D 3 ES3 1   2003 1   ES3 LIG A . 
E 4 HOH 1   2101 92  HOH HOH A . 
E 4 HOH 2   2102 196 HOH HOH A . 
E 4 HOH 3   2103 50  HOH HOH A . 
E 4 HOH 4   2104 51  HOH HOH A . 
E 4 HOH 5   2105 44  HOH HOH A . 
E 4 HOH 6   2106 114 HOH HOH A . 
E 4 HOH 7   2107 68  HOH HOH A . 
E 4 HOH 8   2108 200 HOH HOH A . 
E 4 HOH 9   2109 36  HOH HOH A . 
E 4 HOH 10  2110 208 HOH HOH A . 
E 4 HOH 11  2111 84  HOH HOH A . 
E 4 HOH 12  2112 59  HOH HOH A . 
E 4 HOH 13  2113 63  HOH HOH A . 
E 4 HOH 14  2114 40  HOH HOH A . 
E 4 HOH 15  2115 126 HOH HOH A . 
E 4 HOH 16  2116 100 HOH HOH A . 
E 4 HOH 17  2117 24  HOH HOH A . 
E 4 HOH 18  2118 38  HOH HOH A . 
E 4 HOH 19  2119 158 HOH HOH A . 
E 4 HOH 20  2120 74  HOH HOH A . 
E 4 HOH 21  2121 7   HOH HOH A . 
E 4 HOH 22  2122 34  HOH HOH A . 
E 4 HOH 23  2123 211 HOH HOH A . 
E 4 HOH 24  2124 47  HOH HOH A . 
E 4 HOH 25  2125 163 HOH HOH A . 
E 4 HOH 26  2126 207 HOH HOH A . 
E 4 HOH 27  2127 14  HOH HOH A . 
E 4 HOH 28  2128 166 HOH HOH A . 
E 4 HOH 29  2129 5   HOH HOH A . 
E 4 HOH 30  2130 120 HOH HOH A . 
E 4 HOH 31  2131 91  HOH HOH A . 
E 4 HOH 32  2132 9   HOH HOH A . 
E 4 HOH 33  2133 139 HOH HOH A . 
E 4 HOH 34  2134 45  HOH HOH A . 
E 4 HOH 35  2135 167 HOH HOH A . 
E 4 HOH 36  2136 52  HOH HOH A . 
E 4 HOH 37  2137 170 HOH HOH A . 
E 4 HOH 38  2138 107 HOH HOH A . 
E 4 HOH 39  2139 16  HOH HOH A . 
E 4 HOH 40  2140 15  HOH HOH A . 
E 4 HOH 41  2141 2   HOH HOH A . 
E 4 HOH 42  2142 72  HOH HOH A . 
E 4 HOH 43  2143 6   HOH HOH A . 
E 4 HOH 44  2144 21  HOH HOH A . 
E 4 HOH 45  2145 37  HOH HOH A . 
E 4 HOH 46  2146 20  HOH HOH A . 
E 4 HOH 47  2147 81  HOH HOH A . 
E 4 HOH 48  2148 13  HOH HOH A . 
E 4 HOH 49  2149 23  HOH HOH A . 
E 4 HOH 50  2150 39  HOH HOH A . 
E 4 HOH 51  2151 154 HOH HOH A . 
E 4 HOH 52  2152 26  HOH HOH A . 
E 4 HOH 53  2153 148 HOH HOH A . 
E 4 HOH 54  2154 19  HOH HOH A . 
E 4 HOH 55  2155 10  HOH HOH A . 
E 4 HOH 56  2156 182 HOH HOH A . 
E 4 HOH 57  2157 48  HOH HOH A . 
E 4 HOH 58  2158 30  HOH HOH A . 
E 4 HOH 59  2159 113 HOH HOH A . 
E 4 HOH 60  2160 77  HOH HOH A . 
E 4 HOH 61  2161 35  HOH HOH A . 
E 4 HOH 62  2162 70  HOH HOH A . 
E 4 HOH 63  2163 32  HOH HOH A . 
E 4 HOH 64  2164 73  HOH HOH A . 
E 4 HOH 65  2165 88  HOH HOH A . 
E 4 HOH 66  2166 41  HOH HOH A . 
E 4 HOH 67  2167 75  HOH HOH A . 
E 4 HOH 68  2168 146 HOH HOH A . 
E 4 HOH 69  2169 27  HOH HOH A . 
E 4 HOH 70  2170 171 HOH HOH A . 
E 4 HOH 71  2171 93  HOH HOH A . 
E 4 HOH 72  2172 4   HOH HOH A . 
E 4 HOH 73  2173 191 HOH HOH A . 
E 4 HOH 74  2174 25  HOH HOH A . 
E 4 HOH 75  2175 46  HOH HOH A . 
E 4 HOH 76  2176 174 HOH HOH A . 
E 4 HOH 77  2177 190 HOH HOH A . 
E 4 HOH 78  2178 152 HOH HOH A . 
E 4 HOH 79  2179 28  HOH HOH A . 
E 4 HOH 80  2180 62  HOH HOH A . 
E 4 HOH 81  2181 80  HOH HOH A . 
E 4 HOH 82  2182 1   HOH HOH A . 
E 4 HOH 83  2183 56  HOH HOH A . 
E 4 HOH 84  2184 17  HOH HOH A . 
E 4 HOH 85  2185 66  HOH HOH A . 
E 4 HOH 86  2186 76  HOH HOH A . 
E 4 HOH 87  2187 105 HOH HOH A . 
E 4 HOH 88  2188 85  HOH HOH A . 
E 4 HOH 89  2189 64  HOH HOH A . 
E 4 HOH 90  2190 137 HOH HOH A . 
E 4 HOH 91  2191 61  HOH HOH A . 
E 4 HOH 92  2192 90  HOH HOH A . 
E 4 HOH 93  2193 172 HOH HOH A . 
E 4 HOH 94  2194 173 HOH HOH A . 
E 4 HOH 95  2195 83  HOH HOH A . 
E 4 HOH 96  2196 212 HOH HOH A . 
E 4 HOH 97  2197 149 HOH HOH A . 
E 4 HOH 98  2198 12  HOH HOH A . 
E 4 HOH 99  2199 206 HOH HOH A . 
E 4 HOH 100 2200 53  HOH HOH A . 
E 4 HOH 101 2201 18  HOH HOH A . 
E 4 HOH 102 2202 95  HOH HOH A . 
E 4 HOH 103 2203 168 HOH HOH A . 
E 4 HOH 104 2204 65  HOH HOH A . 
E 4 HOH 105 2205 8   HOH HOH A . 
E 4 HOH 106 2206 145 HOH HOH A . 
E 4 HOH 107 2207 129 HOH HOH A . 
E 4 HOH 108 2208 193 HOH HOH A . 
E 4 HOH 109 2209 116 HOH HOH A . 
E 4 HOH 110 2210 54  HOH HOH A . 
E 4 HOH 111 2211 164 HOH HOH A . 
E 4 HOH 112 2212 29  HOH HOH A . 
E 4 HOH 113 2213 144 HOH HOH A . 
E 4 HOH 114 2214 169 HOH HOH A . 
E 4 HOH 115 2215 57  HOH HOH A . 
E 4 HOH 116 2216 3   HOH HOH A . 
E 4 HOH 117 2217 205 HOH HOH A . 
E 4 HOH 118 2218 11  HOH HOH A . 
E 4 HOH 119 2219 156 HOH HOH A . 
E 4 HOH 120 2220 33  HOH HOH A . 
E 4 HOH 121 2221 210 HOH HOH A . 
E 4 HOH 122 2222 147 HOH HOH A . 
E 4 HOH 123 2223 106 HOH HOH A . 
E 4 HOH 124 2224 117 HOH HOH A . 
E 4 HOH 125 2225 103 HOH HOH A . 
E 4 HOH 126 2226 181 HOH HOH A . 
E 4 HOH 127 2227 82  HOH HOH A . 
E 4 HOH 128 2228 22  HOH HOH A . 
E 4 HOH 129 2229 98  HOH HOH A . 
E 4 HOH 130 2230 101 HOH HOH A . 
E 4 HOH 131 2231 138 HOH HOH A . 
E 4 HOH 132 2232 189 HOH HOH A . 
E 4 HOH 133 2233 153 HOH HOH A . 
E 4 HOH 134 2234 69  HOH HOH A . 
E 4 HOH 135 2235 188 HOH HOH A . 
E 4 HOH 136 2236 124 HOH HOH A . 
E 4 HOH 137 2237 209 HOH HOH A . 
E 4 HOH 138 2238 157 HOH HOH A . 
E 4 HOH 139 2239 99  HOH HOH A . 
E 4 HOH 140 2240 143 HOH HOH A . 
E 4 HOH 141 2241 185 HOH HOH A . 
E 4 HOH 142 2242 187 HOH HOH A . 
E 4 HOH 143 2243 186 HOH HOH A . 
E 4 HOH 144 2244 130 HOH HOH A . 
E 4 HOH 145 2245 141 HOH HOH A . 
E 4 HOH 146 2246 134 HOH HOH A . 
E 4 HOH 147 2247 97  HOH HOH A . 
E 4 HOH 148 2248 132 HOH HOH A . 
E 4 HOH 149 2249 192 HOH HOH A . 
E 4 HOH 150 2250 162 HOH HOH A . 
E 4 HOH 151 2251 108 HOH HOH A . 
E 4 HOH 152 2252 201 HOH HOH A . 
E 4 HOH 153 2253 112 HOH HOH A . 
E 4 HOH 154 2254 49  HOH HOH A . 
E 4 HOH 155 2255 151 HOH HOH A . 
E 4 HOH 156 2256 127 HOH HOH A . 
E 4 HOH 157 2257 31  HOH HOH A . 
E 4 HOH 158 2258 176 HOH HOH A . 
E 4 HOH 159 2259 183 HOH HOH A . 
E 4 HOH 160 2260 60  HOH HOH A . 
E 4 HOH 161 2261 43  HOH HOH A . 
E 4 HOH 162 2262 150 HOH HOH A . 
E 4 HOH 163 2263 135 HOH HOH A . 
E 4 HOH 164 2264 119 HOH HOH A . 
E 4 HOH 165 2265 96  HOH HOH A . 
E 4 HOH 166 2266 102 HOH HOH A . 
E 4 HOH 167 2267 155 HOH HOH A . 
E 4 HOH 168 2268 161 HOH HOH A . 
E 4 HOH 169 2269 123 HOH HOH A . 
E 4 HOH 170 2270 194 HOH HOH A . 
E 4 HOH 171 2271 94  HOH HOH A . 
E 4 HOH 172 2272 58  HOH HOH A . 
E 4 HOH 173 2273 202 HOH HOH A . 
E 4 HOH 174 2274 110 HOH HOH A . 
E 4 HOH 175 2275 86  HOH HOH A . 
E 4 HOH 176 2276 199 HOH HOH A . 
E 4 HOH 177 2277 195 HOH HOH A . 
E 4 HOH 178 2278 104 HOH HOH A . 
E 4 HOH 179 2279 121 HOH HOH A . 
E 4 HOH 180 2280 177 HOH HOH A . 
E 4 HOH 181 2281 111 HOH HOH A . 
E 4 HOH 182 2282 89  HOH HOH A . 
E 4 HOH 183 2283 128 HOH HOH A . 
E 4 HOH 184 2284 178 HOH HOH A . 
E 4 HOH 185 2285 78  HOH HOH A . 
E 4 HOH 186 2286 198 HOH HOH A . 
E 4 HOH 187 2287 109 HOH HOH A . 
E 4 HOH 188 2288 55  HOH HOH A . 
E 4 HOH 189 2289 79  HOH HOH A . 
E 4 HOH 190 2290 87  HOH HOH A . 
E 4 HOH 191 2291 42  HOH HOH A . 
E 4 HOH 192 2292 71  HOH HOH A . 
E 4 HOH 193 2293 115 HOH HOH A . 
E 4 HOH 194 2294 136 HOH HOH A . 
E 4 HOH 195 2295 118 HOH HOH A . 
E 4 HOH 196 2296 180 HOH HOH A . 
E 4 HOH 197 2297 159 HOH HOH A . 
E 4 HOH 198 2298 160 HOH HOH A . 
E 4 HOH 199 2299 204 HOH HOH A . 
E 4 HOH 200 2300 184 HOH HOH A . 
E 4 HOH 201 2301 67  HOH HOH A . 
E 4 HOH 202 2302 142 HOH HOH A . 
E 4 HOH 203 2303 165 HOH HOH A . 
E 4 HOH 204 2304 131 HOH HOH A . 
E 4 HOH 205 2305 140 HOH HOH A . 
E 4 HOH 206 2306 197 HOH HOH A . 
E 4 HOH 207 2307 122 HOH HOH A . 
E 4 HOH 208 2308 179 HOH HOH A . 
E 4 HOH 209 2309 175 HOH HOH A . 
E 4 HOH 210 2310 203 HOH HOH A . 
E 4 HOH 211 2311 133 HOH HOH A . 
E 4 HOH 212 2312 125 HOH HOH A . 
# 
loop_
_pdbx_unobs_or_zero_occ_atoms.id 
_pdbx_unobs_or_zero_occ_atoms.PDB_model_num 
_pdbx_unobs_or_zero_occ_atoms.polymer_flag 
_pdbx_unobs_or_zero_occ_atoms.occupancy_flag 
_pdbx_unobs_or_zero_occ_atoms.auth_asym_id 
_pdbx_unobs_or_zero_occ_atoms.auth_comp_id 
_pdbx_unobs_or_zero_occ_atoms.auth_seq_id 
_pdbx_unobs_or_zero_occ_atoms.PDB_ins_code 
_pdbx_unobs_or_zero_occ_atoms.auth_atom_id 
_pdbx_unobs_or_zero_occ_atoms.label_alt_id 
_pdbx_unobs_or_zero_occ_atoms.label_asym_id 
_pdbx_unobs_or_zero_occ_atoms.label_comp_id 
_pdbx_unobs_or_zero_occ_atoms.label_seq_id 
_pdbx_unobs_or_zero_occ_atoms.label_atom_id 
1  1 Y 1 A LYS 1863 ? CG ? A LYS 29  CG 
2  1 Y 1 A LYS 1863 ? CD ? A LYS 29  CD 
3  1 Y 1 A LYS 1863 ? CE ? A LYS 29  CE 
4  1 Y 1 A LYS 1863 ? NZ ? A LYS 29  NZ 
5  1 Y 1 A LYS 1868 ? CE ? A LYS 34  CE 
6  1 Y 1 A LYS 1868 ? NZ ? A LYS 34  NZ 
7  1 Y 1 A LYS 1970 ? CG ? A LYS 136 CG 
8  1 Y 1 A LYS 1970 ? CD ? A LYS 136 CD 
9  1 Y 1 A LYS 1970 ? CE ? A LYS 136 CE 
10 1 Y 1 A LYS 1970 ? NZ ? A LYS 136 NZ 
# 
loop_
_software.pdbx_ordinal 
_software.name 
_software.version 
_software.date 
_software.type 
_software.contact_author 
_software.contact_author_email 
_software.classification 
_software.location 
_software.language 
_software.citation_id 
1 PHENIX      1.9_1682 ?               package 'Paul D. Adams' PDAdams@lbl.gov          refinement        
http://www.phenix-online.org/                       C++ ? 
2 Aimless     0.1.29   21/08/12        program 'Phil Evans'    ?                        'data scaling'    
http://www.mrc-lmb.cam.ac.uk/harry/pre/aimless.html ?   ? 
3 PDB_EXTRACT 3.23     'SEP. 23, 2016' package PDB             deposit@deposit.rcsb.org 'data extraction' 
http://sw-tools.pdb.org/apps/PDB_EXTRACT/           C++ ? 
4 XDS         .        ?               program ?               ?                        'data reduction'  ? ?   ? 
5 REFMAC      .        ?               program ?               ?                        phasing           ? ?   ? 
# 
_cell.entry_id           5PBC 
_cell.length_a           82.320 
_cell.length_b           96.714 
_cell.length_c           57.871 
_cell.angle_alpha        90.000 
_cell.angle_beta         90.000 
_cell.angle_gamma        90.000 
_cell.Z_PDB              8 
_cell.pdbx_unique_axis   ? 
# 
_symmetry.entry_id                         5PBC 
_symmetry.space_group_name_H-M             'C 2 2 21' 
_symmetry.pdbx_full_space_group_name_H-M   ? 
_symmetry.cell_setting                     ? 
_symmetry.Int_Tables_number                20 
# 
_exptl.crystals_number   1 
_exptl.entry_id          5PBC 
_exptl.method            'X-RAY DIFFRACTION' 
# 
_exptl_crystal.id                    1 
_exptl_crystal.pdbx_mosaicity        0.150 
_exptl_crystal.pdbx_mosaicity_esd    ? 
_exptl_crystal.density_Matthews      3.58 
_exptl_crystal.density_diffrn        ? 
_exptl_crystal.density_meas          ? 
_exptl_crystal.density_meas_temp     ? 
_exptl_crystal.density_percent_sol   65.64 
_exptl_crystal.size_max              ? 
_exptl_crystal.size_mid              ? 
_exptl_crystal.size_min              ? 
_exptl_crystal.size_rad              ? 
_exptl_crystal.description           ? 
# 
_exptl_crystal_grow.crystal_id      1 
_exptl_crystal_grow.method          'VAPOR DIFFUSION, SITTING DROP' 
_exptl_crystal_grow.pH              7 
_exptl_crystal_grow.temp            277 
_exptl_crystal_grow.pdbx_details    '30% PEG600 -- 0.1M MES pH 6.0' 
_exptl_crystal_grow.temp_details    ? 
_exptl_crystal_grow.pdbx_pH_range   ? 
# 
_diffrn.id                     1 
_diffrn.ambient_temp           100 
_diffrn.crystal_id             1 
_diffrn.ambient_temp_details   ? 
# 
_diffrn_detector.detector               PIXEL 
_diffrn_detector.type                   'DECTRIS PILATUS 2M' 
_diffrn_detector.pdbx_collection_date   2013-03-10 
_diffrn_detector.diffrn_id              1 
_diffrn_detector.details                ? 
# 
_diffrn_radiation.diffrn_id                        1 
_diffrn_radiation.wavelength_id                    1 
_diffrn_radiation.pdbx_diffrn_protocol             'SINGLE WAVELENGTH' 
_diffrn_radiation.pdbx_monochromatic_or_laue_m_l   ? 
_diffrn_radiation.monochromator                    ? 
_diffrn_radiation.pdbx_scattering_type             x-ray 
# 
_diffrn_radiation_wavelength.id           1 
_diffrn_radiation_wavelength.wavelength   0.9200 
_diffrn_radiation_wavelength.wt           1.0 
# 
_diffrn_source.diffrn_id                   1 
_diffrn_source.source                      SYNCHROTRON 
_diffrn_source.type                        'DIAMOND BEAMLINE I04-1' 
_diffrn_source.pdbx_wavelength_list        0.9200 
_diffrn_source.pdbx_synchrotron_site       Diamond 
_diffrn_source.pdbx_synchrotron_beamline   I04-1 
_diffrn_source.pdbx_wavelength             ? 
# 
_reflns.entry_id                     5PBC 
_reflns.pdbx_diffrn_id               1 
_reflns.pdbx_ordinal                 1 
_reflns.observed_criterion_sigma_I   ? 
_reflns.observed_criterion_sigma_F   ? 
_reflns.d_resolution_low             28.9350 
_reflns.d_resolution_high            1.770 
_reflns.number_obs                   22571 
_reflns.number_all                   ? 
_reflns.percent_possible_obs         98.800 
_reflns.pdbx_Rmerge_I_obs            0.053 
_reflns.pdbx_Rsym_value              ? 
_reflns.pdbx_netI_over_sigmaI        18.600 
_reflns.B_iso_Wilson_estimate        30.380 
_reflns.pdbx_redundancy              6.600 
_reflns.pdbx_Rrim_I_all              0.058 
_reflns.pdbx_Rpim_I_all              0.022 
_reflns.pdbx_CC_half                 0.999 
_reflns.pdbx_netI_over_av_sigmaI     ? 
_reflns.pdbx_number_measured_all     148603 
_reflns.pdbx_scaling_rejects         0 
_reflns.pdbx_chi_squared             ? 
_reflns.Rmerge_F_all                 ? 
_reflns.Rmerge_F_obs                 ? 
_reflns.observed_criterion_F_max     ? 
_reflns.observed_criterion_F_min     ? 
_reflns.observed_criterion_I_max     ? 
_reflns.observed_criterion_I_min     ? 
_reflns.pdbx_d_res_high_opt          ? 
_reflns.pdbx_d_res_low_opt           ? 
_reflns.details                      ? 
# 
loop_
_reflns_shell.pdbx_diffrn_id 
_reflns_shell.pdbx_ordinal 
_reflns_shell.d_res_high 
_reflns_shell.d_res_low 
_reflns_shell.number_measured_obs 
_reflns_shell.number_measured_all 
_reflns_shell.number_unique_obs 
_reflns_shell.pdbx_rejects 
_reflns_shell.Rmerge_I_obs 
_reflns_shell.meanI_over_sigI_obs 
_reflns_shell.pdbx_Rsym_value 
_reflns_shell.pdbx_chi_squared 
_reflns_shell.pdbx_redundancy 
_reflns_shell.percent_possible_obs 
_reflns_shell.pdbx_netI_over_sigmaI_obs 
_reflns_shell.number_possible 
_reflns_shell.number_unique_all 
_reflns_shell.Rmerge_F_all 
_reflns_shell.Rmerge_F_obs 
_reflns_shell.Rmerge_I_all 
_reflns_shell.meanI_over_sigI_all 
_reflns_shell.percent_possible_all 
_reflns_shell.pdbx_Rrim_I_all 
_reflns_shell.pdbx_Rpim_I_all 
_reflns_shell.pdbx_CC_half 
1 1 1.770 1.810  ? 7445 ? ? 0.961 ? ? ? 6.100 ? 1.900  ? 1223 ? ? ? ? 91.500 1.047 0.410 0.827 
1 2 8.860 28.940 ? 1315 ? ? 0.024 ? ? ? 6.200 ? 61.000 ? 213  ? ? ? ? 97.400 0.026 0.010 0.999 
# 
_refine.entry_id                                 5PBC 
_refine.pdbx_refine_id                           'X-RAY DIFFRACTION' 
_refine.ls_d_res_high                            1.7710 
_refine.ls_d_res_low                             28.9350 
_refine.pdbx_ls_sigma_F                          1.340 
_refine.pdbx_data_cutoff_high_absF               ? 
_refine.pdbx_data_cutoff_low_absF                ? 
_refine.ls_percent_reflns_obs                    98.6700 
_refine.ls_number_reflns_obs                     22551 
_refine.ls_number_reflns_all                     ? 
_refine.pdbx_ls_cross_valid_method               THROUGHOUT 
_refine.ls_matrix_type                           ? 
_refine.pdbx_R_Free_selection_details            ? 
_refine.details                                  ? 
_refine.ls_R_factor_all                          ? 
_refine.ls_R_factor_obs                          0.1833 
_refine.ls_R_factor_R_work                       0.1816 
_refine.ls_wR_factor_R_work                      ? 
_refine.ls_R_factor_R_free                       0.2154 
_refine.ls_wR_factor_R_free                      ? 
_refine.ls_percent_reflns_R_free                 4.9400 
_refine.ls_number_reflns_R_free                  1113 
_refine.ls_number_reflns_R_work                  21438 
_refine.ls_R_factor_R_free_error                 ? 
_refine.B_iso_mean                               34.8676 
_refine.solvent_model_param_bsol                 ? 
_refine.solvent_model_param_ksol                 ? 
_refine.pdbx_isotropic_thermal_model             ? 
_refine.aniso_B[1][1]                            ? 
_refine.aniso_B[2][2]                            ? 
_refine.aniso_B[3][3]                            ? 
_refine.aniso_B[1][2]                            ? 
_refine.aniso_B[1][3]                            ? 
_refine.aniso_B[2][3]                            ? 
_refine.correlation_coeff_Fo_to_Fc               ? 
_refine.correlation_coeff_Fo_to_Fc_free          ? 
_refine.overall_SU_R_Cruickshank_DPI             ? 
_refine.pdbx_overall_SU_R_free_Cruickshank_DPI   ? 
_refine.pdbx_overall_SU_R_Blow_DPI               ? 
_refine.pdbx_overall_SU_R_free_Blow_DPI          ? 
_refine.overall_SU_R_free                        ? 
_refine.pdbx_overall_ESU_R                       ? 
_refine.pdbx_overall_ESU_R_Free                  ? 
_refine.overall_SU_ML                            0.2400 
_refine.overall_SU_B                             ? 
_refine.solvent_model_details                    'FLAT BULK SOLVENT MODEL' 
_refine.pdbx_solvent_vdw_probe_radii             1.1100 
_refine.pdbx_solvent_ion_probe_radii             ? 
_refine.pdbx_solvent_shrinkage_radii             0.9000 
_refine.ls_number_parameters                     ? 
_refine.ls_number_restraints                     ? 
_refine.pdbx_starting_model                      3G0L 
_refine.pdbx_method_to_determine_struct          'FOURIER SYNTHESIS' 
_refine.pdbx_stereochemistry_target_values       ML 
_refine.pdbx_stereochem_target_val_spec_case     ? 
_refine.overall_FOM_work_R_set                   ? 
_refine.B_iso_max                                70.260 
_refine.B_iso_min                                16.890 
_refine.pdbx_overall_phase_error                 24.3400 
_refine.occupancy_max                            ? 
_refine.occupancy_min                            ? 
_refine.pdbx_diffrn_id                           1 
_refine.pdbx_TLS_residual_ADP_flag               ? 
_refine.pdbx_ls_sigma_I                          ? 
_refine.pdbx_data_cutoff_high_rms_absF           ? 
_refine.ls_R_factor_R_free_error_details         ? 
# 
_refine_hist.cycle_id                         final 
_refine_hist.pdbx_refine_id                   'X-RAY DIFFRACTION' 
_refine_hist.d_res_high                       1.7710 
_refine_hist.d_res_low                        28.9350 
_refine_hist.pdbx_number_atoms_ligand         23 
_refine_hist.number_atoms_solvent             214 
_refine_hist.number_atoms_total               1167 
_refine_hist.pdbx_number_residues_total       115 
_refine_hist.pdbx_B_iso_mean_ligand           47.23 
_refine_hist.pdbx_B_iso_mean_solvent          44.81 
_refine_hist.pdbx_number_atoms_protein        930 
_refine_hist.pdbx_number_atoms_nucleic_acid   0 
# 
loop_
_refine_ls_restr.pdbx_refine_id 
_refine_ls_restr.type 
_refine_ls_restr.number 
_refine_ls_restr.dev_ideal 
_refine_ls_restr.dev_ideal_target 
_refine_ls_restr.weight 
_refine_ls_restr.pdbx_restraint_function 
'X-RAY DIFFRACTION' f_bond_d           983  0.008  ? ? ? 
'X-RAY DIFFRACTION' f_angle_d          1323 1.032  ? ? ? 
'X-RAY DIFFRACTION' f_chiral_restr     143  0.040  ? ? ? 
'X-RAY DIFFRACTION' f_plane_restr      169  0.006  ? ? ? 
'X-RAY DIFFRACTION' f_dihedral_angle_d 382  12.883 ? ? ? 
# 
loop_
_refine_ls_shell.d_res_high 
_refine_ls_shell.d_res_low 
_refine_ls_shell.pdbx_total_number_of_bins_used 
_refine_ls_shell.percent_reflns_obs 
_refine_ls_shell.number_reflns_R_work 
_refine_ls_shell.R_factor_all 
_refine_ls_shell.R_factor_R_work 
_refine_ls_shell.R_factor_R_free 
_refine_ls_shell.percent_reflns_R_free 
_refine_ls_shell.number_reflns_R_free 
_refine_ls_shell.R_factor_R_free_error 
_refine_ls_shell.number_reflns_all 
_refine_ls_shell.number_reflns_obs 
_refine_ls_shell.pdbx_refine_id 
1.7713 1.8519  8 96.0000  2549 . 0.3339 0.3710 . 132 . 2681 . 'X-RAY DIFFRACTION' 
1.8519 1.9495  8 100.0000 2678 . 0.2778 0.3024 . 144 . 2822 . 'X-RAY DIFFRACTION' 
1.9495 2.0716  8 100.0000 2694 . 0.2432 0.3189 . 121 . 2815 . 'X-RAY DIFFRACTION' 
2.0716 2.2315  8 99.0000  2659 . 0.2108 0.2474 . 140 . 2799 . 'X-RAY DIFFRACTION' 
2.2315 2.4560  8 98.0000  2660 . 0.2012 0.2448 . 137 . 2797 . 'X-RAY DIFFRACTION' 
2.4560 2.8111  8 100.0000 2689 . 0.1917 0.2030 . 131 . 2820 . 'X-RAY DIFFRACTION' 
2.8111 3.5407  8 99.0000  2712 . 0.1753 0.2412 . 165 . 2877 . 'X-RAY DIFFRACTION' 
3.5407 28.9393 8 98.0000  2797 . 0.1405 0.1556 . 143 . 2940 . 'X-RAY DIFFRACTION' 
# 
_struct.entry_id                  5PBC 
_struct.title                     'PanDDA analysis group deposition -- Crystal Structure of BAZ2B in complex with N09724a' 
_struct.pdbx_model_details        ? 
_struct.pdbx_CASP_flag            ? 
_struct.pdbx_model_type_details   ? 
# 
_struct_keywords.entry_id        5PBC 
_struct_keywords.text            'PanDDA, SGC - Diamond I04-1 fragment screening, bromodomain, epigenetics, DNA BINDING PROTEIN' 
_struct_keywords.pdbx_keywords   'DNA BINDING PROTEIN' 
# 
loop_
_struct_asym.id 
_struct_asym.pdbx_blank_PDB_chainid_flag 
_struct_asym.pdbx_modified 
_struct_asym.entity_id 
_struct_asym.details 
A N N 1 ? 
B N N 2 ? 
C N N 2 ? 
D N N 3 ? 
E N N 4 ? 
# 
_struct_ref.id                         1 
_struct_ref.db_name                    UNP 
_struct_ref.db_code                    BAZ2B_HUMAN 
_struct_ref.pdbx_db_accession          Q9UIF8 
_struct_ref.pdbx_db_isoform            Q9UIF8-2 
_struct_ref.entity_id                  1 
_struct_ref.pdbx_seq_one_letter_code   
;SVKKPKRDDSKDLALCSMILTEMETHEDAWPFLLPVNLKLVPGYKKVIKKPMDFSTIREKLSSGQYPNLETFALDVRLVF
DNCETFNEDDSDIGRAGHNMRKYFEKKWTDTFKVS
;
_struct_ref.pdbx_align_begin           1954 
# 
_struct_ref_seq.align_id                      1 
_struct_ref_seq.ref_id                        1 
_struct_ref_seq.pdbx_PDB_id_code              5PBC 
_struct_ref_seq.pdbx_strand_id                A 
_struct_ref_seq.seq_align_beg                 24 
_struct_ref_seq.pdbx_seq_align_beg_ins_code   ? 
_struct_ref_seq.seq_align_end                 138 
_struct_ref_seq.pdbx_seq_align_end_ins_code   ? 
_struct_ref_seq.pdbx_db_accession             Q9UIF8 
_struct_ref_seq.db_align_beg                  1954 
_struct_ref_seq.pdbx_db_align_beg_ins_code    ? 
_struct_ref_seq.db_align_end                  2068 
_struct_ref_seq.pdbx_db_align_end_ins_code    ? 
_struct_ref_seq.pdbx_auth_seq_align_beg       1858 
_struct_ref_seq.pdbx_auth_seq_align_end       1972 
# 
loop_
_struct_ref_seq_dif.align_id 
_struct_ref_seq_dif.pdbx_pdb_id_code 
_struct_ref_seq_dif.mon_id 
_struct_ref_seq_dif.pdbx_pdb_strand_id 
_struct_ref_seq_dif.seq_num 
_struct_ref_seq_dif.pdbx_pdb_ins_code 
_struct_ref_seq_dif.pdbx_seq_db_name 
_struct_ref_seq_dif.pdbx_seq_db_accession_code 
_struct_ref_seq_dif.db_mon_id 
_struct_ref_seq_dif.pdbx_seq_db_seq_num 
_struct_ref_seq_dif.details 
_struct_ref_seq_dif.pdbx_auth_seq_num 
_struct_ref_seq_dif.pdbx_ordinal 
1 5PBC MET A 1  ? UNP Q9UIF8 ? ? 'expression tag' 1835 1  
1 5PBC HIS A 2  ? UNP Q9UIF8 ? ? 'expression tag' 1836 2  
1 5PBC HIS A 3  ? UNP Q9UIF8 ? ? 'expression tag' 1837 3  
1 5PBC HIS A 4  ? UNP Q9UIF8 ? ? 'expression tag' 1838 4  
1 5PBC HIS A 5  ? UNP Q9UIF8 ? ? 'expression tag' 1839 5  
1 5PBC HIS A 6  ? UNP Q9UIF8 ? ? 'expression tag' 1840 6  
1 5PBC HIS A 7  ? UNP Q9UIF8 ? ? 'expression tag' 1841 7  
1 5PBC SER A 8  ? UNP Q9UIF8 ? ? 'expression tag' 1842 8  
1 5PBC SER A 9  ? UNP Q9UIF8 ? ? 'expression tag' 1843 9  
1 5PBC GLY A 10 ? UNP Q9UIF8 ? ? 'expression tag' 1844 10 
1 5PBC VAL A 11 ? UNP Q9UIF8 ? ? 'expression tag' 1845 11 
1 5PBC ASP A 12 ? UNP Q9UIF8 ? ? 'expression tag' 1846 12 
1 5PBC LEU A 13 ? UNP Q9UIF8 ? ? 'expression tag' 1847 13 
1 5PBC GLY A 14 ? UNP Q9UIF8 ? ? 'expression tag' 1848 14 
1 5PBC THR A 15 ? UNP Q9UIF8 ? ? 'expression tag' 1849 15 
1 5PBC GLU A 16 ? UNP Q9UIF8 ? ? 'expression tag' 1850 16 
1 5PBC ASN A 17 ? UNP Q9UIF8 ? ? 'expression tag' 1851 17 
1 5PBC LEU A 18 ? UNP Q9UIF8 ? ? 'expression tag' 1852 18 
1 5PBC TYR A 19 ? UNP Q9UIF8 ? ? 'expression tag' 1853 19 
1 5PBC PHE A 20 ? UNP Q9UIF8 ? ? 'expression tag' 1854 20 
1 5PBC GLN A 21 ? UNP Q9UIF8 ? ? 'expression tag' 1855 21 
1 5PBC SER A 22 ? UNP Q9UIF8 ? ? 'expression tag' 1856 22 
1 5PBC MET A 23 ? UNP Q9UIF8 ? ? 'expression tag' 1857 23 
# 
_pdbx_struct_assembly.id                   1 
_pdbx_struct_assembly.details              author_defined_assembly 
_pdbx_struct_assembly.method_details       ? 
_pdbx_struct_assembly.oligomeric_details   monomeric 
_pdbx_struct_assembly.oligomeric_count     1 
# 
_pdbx_struct_assembly_gen.assembly_id       1 
_pdbx_struct_assembly_gen.oper_expression   1 
_pdbx_struct_assembly_gen.asym_id_list      A,B,C,D,E 
# 
_pdbx_struct_oper_list.id                   1 
_pdbx_struct_oper_list.type                 'identity operation' 
_pdbx_struct_oper_list.name                 1_555 
_pdbx_struct_oper_list.symmetry_operation   x,y,z 
_pdbx_struct_oper_list.matrix[1][1]         1.0000000000 
_pdbx_struct_oper_list.matrix[1][2]         0.0000000000 
_pdbx_struct_oper_list.matrix[1][3]         0.0000000000 
_pdbx_struct_oper_list.vector[1]            0.0000000000 
_pdbx_struct_oper_list.matrix[2][1]         0.0000000000 
_pdbx_struct_oper_list.matrix[2][2]         1.0000000000 
_pdbx_struct_oper_list.matrix[2][3]         0.0000000000 
_pdbx_struct_oper_list.vector[2]            0.0000000000 
_pdbx_struct_oper_list.matrix[3][1]         0.0000000000 
_pdbx_struct_oper_list.matrix[3][2]         0.0000000000 
_pdbx_struct_oper_list.matrix[3][3]         1.0000000000 
_pdbx_struct_oper_list.vector[3]            0.0000000000 
# 
loop_
_struct_conf.conf_type_id 
_struct_conf.id 
_struct_conf.pdbx_PDB_helix_id 
_struct_conf.beg_label_comp_id 
_struct_conf.beg_label_asym_id 
_struct_conf.beg_label_seq_id 
_struct_conf.pdbx_beg_PDB_ins_code 
_struct_conf.end_label_comp_id 
_struct_conf.end_label_asym_id 
_struct_conf.end_label_seq_id 
_struct_conf.pdbx_end_PDB_ins_code 
_struct_conf.beg_auth_comp_id 
_struct_conf.beg_auth_asym_id 
_struct_conf.beg_auth_seq_id 
_struct_conf.end_auth_comp_id 
_struct_conf.end_auth_asym_id 
_struct_conf.end_auth_seq_id 
_struct_conf.pdbx_PDB_helix_class 
_struct_conf.details 
_struct_conf.pdbx_PDB_helix_length 
HELX_P HELX_P1 AA1 LYS A 34  ? HIS A 49  ? LYS A 1868 HIS A 1883 1 ? 16 
HELX_P HELX_P2 AA2 GLU A 50  ? TRP A 53  ? GLU A 1884 TRP A 1887 5 ? 4  
HELX_P HELX_P3 AA3 GLY A 66  ? ILE A 71  ? GLY A 1900 ILE A 1905 1 ? 6  
HELX_P HELX_P4 AA4 ASP A 76  ? SER A 86  ? ASP A 1910 SER A 1920 1 ? 11 
HELX_P HELX_P5 AA5 ASN A 91  ? ASN A 110 ? ASN A 1925 ASN A 1944 1 ? 20 
HELX_P HELX_P6 AA6 SER A 114 ? LYS A 136 ? SER A 1948 LYS A 1970 1 ? 23 
# 
_struct_conf_type.id          HELX_P 
_struct_conf_type.criteria    ? 
_struct_conf_type.reference   ? 
# 
loop_
_struct_site.id 
_struct_site.pdbx_evidence_code 
_struct_site.pdbx_auth_asym_id 
_struct_site.pdbx_auth_comp_id 
_struct_site.pdbx_auth_seq_id 
_struct_site.pdbx_auth_ins_code 
_struct_site.pdbx_num_residues 
_struct_site.details 
AC1 Software A EDO 2001 ? 5 'binding site for residue EDO A 2001' 
AC2 Software A EDO 2002 ? 4 'binding site for residue EDO A 2002' 
AC3 Software A ES3 2003 ? 7 'binding site for residue ES3 A 2003' 
# 
loop_
_struct_site_gen.id 
_struct_site_gen.site_id 
_struct_site_gen.pdbx_num_res 
_struct_site_gen.label_comp_id 
_struct_site_gen.label_asym_id 
_struct_site_gen.label_seq_id 
_struct_site_gen.pdbx_auth_ins_code 
_struct_site_gen.auth_comp_id 
_struct_site_gen.auth_asym_id 
_struct_site_gen.auth_seq_id 
_struct_site_gen.label_atom_id 
_struct_site_gen.label_alt_id 
_struct_site_gen.symmetry 
_struct_site_gen.details 
1  AC1 5 PHE A 109 ? PHE A 1943 . ? 1_555 ? 
2  AC1 5 ASN A 110 ? ASN A 1944 . ? 1_555 ? 
3  AC1 5 ES3 D .   ? ES3 A 2003 . ? 1_555 ? 
4  AC1 5 HOH E .   ? HOH A 2118 . ? 1_555 ? 
5  AC1 5 HOH E .   ? HOH A 2207 . ? 1_555 ? 
6  AC2 4 GLU A 45  ? GLU A 1879 . ? 1_555 ? 
7  AC2 4 THR A 134 ? THR A 1968 . ? 1_555 ? 
8  AC2 4 HOH E .   ? HOH A 2123 . ? 1_555 ? 
9  AC2 4 HOH E .   ? HOH A 2196 . ? 1_555 ? 
10 AC3 7 PRO A 54  ? PRO A 1888 . ? 1_555 ? 
11 AC3 7 PHE A 109 ? PHE A 1943 . ? 1_555 ? 
12 AC3 7 EDO B .   ? EDO A 2001 . ? 1_555 ? 
13 AC3 7 HOH E .   ? HOH A 2118 . ? 1_555 ? 
14 AC3 7 HOH E .   ? HOH A 2217 . ? 1_555 ? 
15 AC3 7 HOH E .   ? HOH A 2230 . ? 1_555 ? 
16 AC3 7 HOH E .   ? HOH A 2293 . ? 1_555 ? 
# 
loop_
_pdbx_validate_close_contact.id 
_pdbx_validate_close_contact.PDB_model_num 
_pdbx_validate_close_contact.auth_atom_id_1 
_pdbx_validate_close_contact.auth_asym_id_1 
_pdbx_validate_close_contact.auth_comp_id_1 
_pdbx_validate_close_contact.auth_seq_id_1 
_pdbx_validate_close_contact.PDB_ins_code_1 
_pdbx_validate_close_contact.label_alt_id_1 
_pdbx_validate_close_contact.auth_atom_id_2 
_pdbx_validate_close_contact.auth_asym_id_2 
_pdbx_validate_close_contact.auth_comp_id_2 
_pdbx_validate_close_contact.auth_seq_id_2 
_pdbx_validate_close_contact.PDB_ins_code_2 
_pdbx_validate_close_contact.label_alt_id_2 
_pdbx_validate_close_contact.dist 
1 1 O A HOH 2235 ? ? O A HOH 2268 ? ? 2.12 
2 1 O A HOH 2303 ? ? O A HOH 2305 ? ? 2.19 
# 
_pdbx_struct_special_symmetry.id              1 
_pdbx_struct_special_symmetry.PDB_model_num   1 
_pdbx_struct_special_symmetry.auth_asym_id    A 
_pdbx_struct_special_symmetry.auth_comp_id    HOH 
_pdbx_struct_special_symmetry.auth_seq_id     2135 
_pdbx_struct_special_symmetry.PDB_ins_code    ? 
_pdbx_struct_special_symmetry.label_asym_id   E 
_pdbx_struct_special_symmetry.label_comp_id   HOH 
_pdbx_struct_special_symmetry.label_seq_id    . 
# 
_phasing.method   MR 
# 
_pdbx_entry_details.nonpolymer_details       
;<BAZ2BA-x538>
<used_for_statistical_map>yes</used_for_statistical_map>
<smiles_of_compound_added>c1c(nc[nH]1)[Br]</smiles_of_compound_added>
<site1>
<label>None</label>
<coordinate>14.64 41.83 41.83</coordinate>
<smiles>c1c(nc[nH]1)[Br]</smiles>
<confidence>3 - Clear density, unexpected ligand</confidence>
<comment>None</comment>
<occupancy>0.4</occupancy>
<B_average>30.455714285714283</B_average>
<B_ratio>1.048377031889602</B_ratio>
<RSCC>0.96499999999999997</RSCC>
<RSR>0.13900000000000001</RSR>
<RSZD>1.7</RSZD>
<RMSD>0.26640320318394634</RMSD>
</site1>
</BAZ2BA-x538>
;
_pdbx_entry_details.entry_id                 5PBC 
_pdbx_entry_details.compound_details         ? 
_pdbx_entry_details.source_details           ? 
_pdbx_entry_details.sequence_details         ? 
_pdbx_entry_details.has_ligand_of_interest   ? 
# 
loop_
_pdbx_distant_solvent_atoms.id 
_pdbx_distant_solvent_atoms.PDB_model_num 
_pdbx_distant_solvent_atoms.auth_atom_id 
_pdbx_distant_solvent_atoms.label_alt_id 
_pdbx_distant_solvent_atoms.auth_asym_id 
_pdbx_distant_solvent_atoms.auth_comp_id 
_pdbx_distant_solvent_atoms.auth_seq_id 
_pdbx_distant_solvent_atoms.PDB_ins_code 
_pdbx_distant_solvent_atoms.neighbor_macromolecule_distance 
_pdbx_distant_solvent_atoms.neighbor_ligand_distance 
1 1 O ? A HOH 2309 ? 5.82 . 
2 1 O ? A HOH 2310 ? 6.80 . 
3 1 O ? A HOH 2311 ? 7.55 . 
4 1 O ? A HOH 2312 ? 7.81 . 
# 
loop_
_pdbx_unobs_or_zero_occ_residues.id 
_pdbx_unobs_or_zero_occ_residues.PDB_model_num 
_pdbx_unobs_or_zero_occ_residues.polymer_flag 
_pdbx_unobs_or_zero_occ_residues.occupancy_flag 
_pdbx_unobs_or_zero_occ_residues.auth_asym_id 
_pdbx_unobs_or_zero_occ_residues.auth_comp_id 
_pdbx_unobs_or_zero_occ_residues.auth_seq_id 
_pdbx_unobs_or_zero_occ_residues.PDB_ins_code 
_pdbx_unobs_or_zero_occ_residues.label_asym_id 
_pdbx_unobs_or_zero_occ_residues.label_comp_id 
_pdbx_unobs_or_zero_occ_residues.label_seq_id 
1  1 Y 1 A MET 1835 ? A MET 1   
2  1 Y 1 A HIS 1836 ? A HIS 2   
3  1 Y 1 A HIS 1837 ? A HIS 3   
4  1 Y 1 A HIS 1838 ? A HIS 4   
5  1 Y 1 A HIS 1839 ? A HIS 5   
6  1 Y 1 A HIS 1840 ? A HIS 6   
7  1 Y 1 A HIS 1841 ? A HIS 7   
8  1 Y 1 A SER 1842 ? A SER 8   
9  1 Y 1 A SER 1843 ? A SER 9   
10 1 Y 1 A GLY 1844 ? A GLY 10  
11 1 Y 1 A VAL 1845 ? A VAL 11  
12 1 Y 1 A ASP 1846 ? A ASP 12  
13 1 Y 1 A LEU 1847 ? A LEU 13  
14 1 Y 1 A GLY 1848 ? A GLY 14  
15 1 Y 1 A THR 1849 ? A THR 15  
16 1 Y 1 A GLU 1850 ? A GLU 16  
17 1 Y 1 A ASN 1851 ? A ASN 17  
18 1 Y 1 A LEU 1852 ? A LEU 18  
19 1 Y 1 A TYR 1853 ? A TYR 19  
20 1 Y 1 A PHE 1854 ? A PHE 20  
21 1 Y 1 A GLN 1855 ? A GLN 21  
22 1 Y 1 A VAL 1971 ? A VAL 137 
23 1 Y 1 A SER 1972 ? A SER 138 
# 
loop_
_chem_comp_atom.comp_id 
_chem_comp_atom.atom_id 
_chem_comp_atom.type_symbol 
_chem_comp_atom.pdbx_aromatic_flag 
_chem_comp_atom.pdbx_stereo_config 
_chem_comp_atom.pdbx_ordinal 
ALA N    N  N N 1   
ALA CA   C  N S 2   
ALA C    C  N N 3   
ALA O    O  N N 4   
ALA CB   C  N N 5   
ALA OXT  O  N N 6   
ALA H    H  N N 7   
ALA H2   H  N N 8   
ALA HA   H  N N 9   
ALA HB1  H  N N 10  
ALA HB2  H  N N 11  
ALA HB3  H  N N 12  
ALA HXT  H  N N 13  
ARG N    N  N N 14  
ARG CA   C  N S 15  
ARG C    C  N N 16  
ARG O    O  N N 17  
ARG CB   C  N N 18  
ARG CG   C  N N 19  
ARG CD   C  N N 20  
ARG NE   N  N N 21  
ARG CZ   C  N N 22  
ARG NH1  N  N N 23  
ARG NH2  N  N N 24  
ARG OXT  O  N N 25  
ARG H    H  N N 26  
ARG H2   H  N N 27  
ARG HA   H  N N 28  
ARG HB2  H  N N 29  
ARG HB3  H  N N 30  
ARG HG2  H  N N 31  
ARG HG3  H  N N 32  
ARG HD2  H  N N 33  
ARG HD3  H  N N 34  
ARG HE   H  N N 35  
ARG HH11 H  N N 36  
ARG HH12 H  N N 37  
ARG HH21 H  N N 38  
ARG HH22 H  N N 39  
ARG HXT  H  N N 40  
ASN N    N  N N 41  
ASN CA   C  N S 42  
ASN C    C  N N 43  
ASN O    O  N N 44  
ASN CB   C  N N 45  
ASN CG   C  N N 46  
ASN OD1  O  N N 47  
ASN ND2  N  N N 48  
ASN OXT  O  N N 49  
ASN H    H  N N 50  
ASN H2   H  N N 51  
ASN HA   H  N N 52  
ASN HB2  H  N N 53  
ASN HB3  H  N N 54  
ASN HD21 H  N N 55  
ASN HD22 H  N N 56  
ASN HXT  H  N N 57  
ASP N    N  N N 58  
ASP CA   C  N S 59  
ASP C    C  N N 60  
ASP O    O  N N 61  
ASP CB   C  N N 62  
ASP CG   C  N N 63  
ASP OD1  O  N N 64  
ASP OD2  O  N N 65  
ASP OXT  O  N N 66  
ASP H    H  N N 67  
ASP H2   H  N N 68  
ASP HA   H  N N 69  
ASP HB2  H  N N 70  
ASP HB3  H  N N 71  
ASP HD2  H  N N 72  
ASP HXT  H  N N 73  
CYS N    N  N N 74  
CYS CA   C  N R 75  
CYS C    C  N N 76  
CYS O    O  N N 77  
CYS CB   C  N N 78  
CYS SG   S  N N 79  
CYS OXT  O  N N 80  
CYS H    H  N N 81  
CYS H2   H  N N 82  
CYS HA   H  N N 83  
CYS HB2  H  N N 84  
CYS HB3  H  N N 85  
CYS HG   H  N N 86  
CYS HXT  H  N N 87  
EDO C1   C  N N 88  
EDO O1   O  N N 89  
EDO C2   C  N N 90  
EDO O2   O  N N 91  
EDO H11  H  N N 92  
EDO H12  H  N N 93  
EDO HO1  H  N N 94  
EDO H21  H  N N 95  
EDO H22  H  N N 96  
EDO HO2  H  N N 97  
ES3 BR01 BR N N 98  
ES3 C02  C  Y N 99  
ES3 C03  C  Y N 100 
ES3 N04  N  Y N 101 
ES3 C05  C  Y N 102 
ES3 N06  N  Y N 103 
ES3 H03  H  N N 104 
ES3 HN04 H  N N 105 
ES3 H05  H  N N 106 
GLN N    N  N N 107 
GLN CA   C  N S 108 
GLN C    C  N N 109 
GLN O    O  N N 110 
GLN CB   C  N N 111 
GLN CG   C  N N 112 
GLN CD   C  N N 113 
GLN OE1  O  N N 114 
GLN NE2  N  N N 115 
GLN OXT  O  N N 116 
GLN H    H  N N 117 
GLN H2   H  N N 118 
GLN HA   H  N N 119 
GLN HB2  H  N N 120 
GLN HB3  H  N N 121 
GLN HG2  H  N N 122 
GLN HG3  H  N N 123 
GLN HE21 H  N N 124 
GLN HE22 H  N N 125 
GLN HXT  H  N N 126 
GLU N    N  N N 127 
GLU CA   C  N S 128 
GLU C    C  N N 129 
GLU O    O  N N 130 
GLU CB   C  N N 131 
GLU CG   C  N N 132 
GLU CD   C  N N 133 
GLU OE1  O  N N 134 
GLU OE2  O  N N 135 
GLU OXT  O  N N 136 
GLU H    H  N N 137 
GLU H2   H  N N 138 
GLU HA   H  N N 139 
GLU HB2  H  N N 140 
GLU HB3  H  N N 141 
GLU HG2  H  N N 142 
GLU HG3  H  N N 143 
GLU HE2  H  N N 144 
GLU HXT  H  N N 145 
GLY N    N  N N 146 
GLY CA   C  N N 147 
GLY C    C  N N 148 
GLY O    O  N N 149 
GLY OXT  O  N N 150 
GLY H    H  N N 151 
GLY H2   H  N N 152 
GLY HA2  H  N N 153 
GLY HA3  H  N N 154 
GLY HXT  H  N N 155 
HIS N    N  N N 156 
HIS CA   C  N S 157 
HIS C    C  N N 158 
HIS O    O  N N 159 
HIS CB   C  N N 160 
HIS CG   C  Y N 161 
HIS ND1  N  Y N 162 
HIS CD2  C  Y N 163 
HIS CE1  C  Y N 164 
HIS NE2  N  Y N 165 
HIS OXT  O  N N 166 
HIS H    H  N N 167 
HIS H2   H  N N 168 
HIS HA   H  N N 169 
HIS HB2  H  N N 170 
HIS HB3  H  N N 171 
HIS HD1  H  N N 172 
HIS HD2  H  N N 173 
HIS HE1  H  N N 174 
HIS HE2  H  N N 175 
HIS HXT  H  N N 176 
HOH O    O  N N 177 
HOH H1   H  N N 178 
HOH H2   H  N N 179 
ILE N    N  N N 180 
ILE CA   C  N S 181 
ILE C    C  N N 182 
ILE O    O  N N 183 
ILE CB   C  N S 184 
ILE CG1  C  N N 185 
ILE CG2  C  N N 186 
ILE CD1  C  N N 187 
ILE OXT  O  N N 188 
ILE H    H  N N 189 
ILE H2   H  N N 190 
ILE HA   H  N N 191 
ILE HB   H  N N 192 
ILE HG12 H  N N 193 
ILE HG13 H  N N 194 
ILE HG21 H  N N 195 
ILE HG22 H  N N 196 
ILE HG23 H  N N 197 
ILE HD11 H  N N 198 
ILE HD12 H  N N 199 
ILE HD13 H  N N 200 
ILE HXT  H  N N 201 
LEU N    N  N N 202 
LEU CA   C  N S 203 
LEU C    C  N N 204 
LEU O    O  N N 205 
LEU CB   C  N N 206 
LEU CG   C  N N 207 
LEU CD1  C  N N 208 
LEU CD2  C  N N 209 
LEU OXT  O  N N 210 
LEU H    H  N N 211 
LEU H2   H  N N 212 
LEU HA   H  N N 213 
LEU HB2  H  N N 214 
LEU HB3  H  N N 215 
LEU HG   H  N N 216 
LEU HD11 H  N N 217 
LEU HD12 H  N N 218 
LEU HD13 H  N N 219 
LEU HD21 H  N N 220 
LEU HD22 H  N N 221 
LEU HD23 H  N N 222 
LEU HXT  H  N N 223 
LYS N    N  N N 224 
LYS CA   C  N S 225 
LYS C    C  N N 226 
LYS O    O  N N 227 
LYS CB   C  N N 228 
LYS CG   C  N N 229 
LYS CD   C  N N 230 
LYS CE   C  N N 231 
LYS NZ   N  N N 232 
LYS OXT  O  N N 233 
LYS H    H  N N 234 
LYS H2   H  N N 235 
LYS HA   H  N N 236 
LYS HB2  H  N N 237 
LYS HB3  H  N N 238 
LYS HG2  H  N N 239 
LYS HG3  H  N N 240 
LYS HD2  H  N N 241 
LYS HD3  H  N N 242 
LYS HE2  H  N N 243 
LYS HE3  H  N N 244 
LYS HZ1  H  N N 245 
LYS HZ2  H  N N 246 
LYS HZ3  H  N N 247 
LYS HXT  H  N N 248 
MET N    N  N N 249 
MET CA   C  N S 250 
MET C    C  N N 251 
MET O    O  N N 252 
MET CB   C  N N 253 
MET CG   C  N N 254 
MET SD   S  N N 255 
MET CE   C  N N 256 
MET OXT  O  N N 257 
MET H    H  N N 258 
MET H2   H  N N 259 
MET HA   H  N N 260 
MET HB2  H  N N 261 
MET HB3  H  N N 262 
MET HG2  H  N N 263 
MET HG3  H  N N 264 
MET HE1  H  N N 265 
MET HE2  H  N N 266 
MET HE3  H  N N 267 
MET HXT  H  N N 268 
PHE N    N  N N 269 
PHE CA   C  N S 270 
PHE C    C  N N 271 
PHE O    O  N N 272 
PHE CB   C  N N 273 
PHE CG   C  Y N 274 
PHE CD1  C  Y N 275 
PHE CD2  C  Y N 276 
PHE CE1  C  Y N 277 
PHE CE2  C  Y N 278 
PHE CZ   C  Y N 279 
PHE OXT  O  N N 280 
PHE H    H  N N 281 
PHE H2   H  N N 282 
PHE HA   H  N N 283 
PHE HB2  H  N N 284 
PHE HB3  H  N N 285 
PHE HD1  H  N N 286 
PHE HD2  H  N N 287 
PHE HE1  H  N N 288 
PHE HE2  H  N N 289 
PHE HZ   H  N N 290 
PHE HXT  H  N N 291 
PRO N    N  N N 292 
PRO CA   C  N S 293 
PRO C    C  N N 294 
PRO O    O  N N 295 
PRO CB   C  N N 296 
PRO CG   C  N N 297 
PRO CD   C  N N 298 
PRO OXT  O  N N 299 
PRO H    H  N N 300 
PRO HA   H  N N 301 
PRO HB2  H  N N 302 
PRO HB3  H  N N 303 
PRO HG2  H  N N 304 
PRO HG3  H  N N 305 
PRO HD2  H  N N 306 
PRO HD3  H  N N 307 
PRO HXT  H  N N 308 
SER N    N  N N 309 
SER CA   C  N S 310 
SER C    C  N N 311 
SER O    O  N N 312 
SER CB   C  N N 313 
SER OG   O  N N 314 
SER OXT  O  N N 315 
SER H    H  N N 316 
SER H2   H  N N 317 
SER HA   H  N N 318 
SER HB2  H  N N 319 
SER HB3  H  N N 320 
SER HG   H  N N 321 
SER HXT  H  N N 322 
THR N    N  N N 323 
THR CA   C  N S 324 
THR C    C  N N 325 
THR O    O  N N 326 
THR CB   C  N R 327 
THR OG1  O  N N 328 
THR CG2  C  N N 329 
THR OXT  O  N N 330 
THR H    H  N N 331 
THR H2   H  N N 332 
THR HA   H  N N 333 
THR HB   H  N N 334 
THR HG1  H  N N 335 
THR HG21 H  N N 336 
THR HG22 H  N N 337 
THR HG23 H  N N 338 
THR HXT  H  N N 339 
TRP N    N  N N 340 
TRP CA   C  N S 341 
TRP C    C  N N 342 
TRP O    O  N N 343 
TRP CB   C  N N 344 
TRP CG   C  Y N 345 
TRP CD1  C  Y N 346 
TRP CD2  C  Y N 347 
TRP NE1  N  Y N 348 
TRP CE2  C  Y N 349 
TRP CE3  C  Y N 350 
TRP CZ2  C  Y N 351 
TRP CZ3  C  Y N 352 
TRP CH2  C  Y N 353 
TRP OXT  O  N N 354 
TRP H    H  N N 355 
TRP H2   H  N N 356 
TRP HA   H  N N 357 
TRP HB2  H  N N 358 
TRP HB3  H  N N 359 
TRP HD1  H  N N 360 
TRP HE1  H  N N 361 
TRP HE3  H  N N 362 
TRP HZ2  H  N N 363 
TRP HZ3  H  N N 364 
TRP HH2  H  N N 365 
TRP HXT  H  N N 366 
TYR N    N  N N 367 
TYR CA   C  N S 368 
TYR C    C  N N 369 
TYR O    O  N N 370 
TYR CB   C  N N 371 
TYR CG   C  Y N 372 
TYR CD1  C  Y N 373 
TYR CD2  C  Y N 374 
TYR CE1  C  Y N 375 
TYR CE2  C  Y N 376 
TYR CZ   C  Y N 377 
TYR OH   O  N N 378 
TYR OXT  O  N N 379 
TYR H    H  N N 380 
TYR H2   H  N N 381 
TYR HA   H  N N 382 
TYR HB2  H  N N 383 
TYR HB3  H  N N 384 
TYR HD1  H  N N 385 
TYR HD2  H  N N 386 
TYR HE1  H  N N 387 
TYR HE2  H  N N 388 
TYR HH   H  N N 389 
TYR HXT  H  N N 390 
VAL N    N  N N 391 
VAL CA   C  N S 392 
VAL C    C  N N 393 
VAL O    O  N N 394 
VAL CB   C  N N 395 
VAL CG1  C  N N 396 
VAL CG2  C  N N 397 
VAL OXT  O  N N 398 
VAL H    H  N N 399 
VAL H2   H  N N 400 
VAL HA   H  N N 401 
VAL HB   H  N N 402 
VAL HG11 H  N N 403 
VAL HG12 H  N N 404 
VAL HG13 H  N N 405 
VAL HG21 H  N N 406 
VAL HG22 H  N N 407 
VAL HG23 H  N N 408 
VAL HXT  H  N N 409 
# 
loop_
_chem_comp_bond.comp_id 
_chem_comp_bond.atom_id_1 
_chem_comp_bond.atom_id_2 
_chem_comp_bond.value_order 
_chem_comp_bond.pdbx_aromatic_flag 
_chem_comp_bond.pdbx_stereo_config 
_chem_comp_bond.pdbx_ordinal 
ALA N    CA   sing N N 1   
ALA N    H    sing N N 2   
ALA N    H2   sing N N 3   
ALA CA   C    sing N N 4   
ALA CA   CB   sing N N 5   
ALA CA   HA   sing N N 6   
ALA C    O    doub N N 7   
ALA C    OXT  sing N N 8   
ALA CB   HB1  sing N N 9   
ALA CB   HB2  sing N N 10  
ALA CB   HB3  sing N N 11  
ALA OXT  HXT  sing N N 12  
ARG N    CA   sing N N 13  
ARG N    H    sing N N 14  
ARG N    H2   sing N N 15  
ARG CA   C    sing N N 16  
ARG CA   CB   sing N N 17  
ARG CA   HA   sing N N 18  
ARG C    O    doub N N 19  
ARG C    OXT  sing N N 20  
ARG CB   CG   sing N N 21  
ARG CB   HB2  sing N N 22  
ARG CB   HB3  sing N N 23  
ARG CG   CD   sing N N 24  
ARG CG   HG2  sing N N 25  
ARG CG   HG3  sing N N 26  
ARG CD   NE   sing N N 27  
ARG CD   HD2  sing N N 28  
ARG CD   HD3  sing N N 29  
ARG NE   CZ   sing N N 30  
ARG NE   HE   sing N N 31  
ARG CZ   NH1  sing N N 32  
ARG CZ   NH2  doub N N 33  
ARG NH1  HH11 sing N N 34  
ARG NH1  HH12 sing N N 35  
ARG NH2  HH21 sing N N 36  
ARG NH2  HH22 sing N N 37  
ARG OXT  HXT  sing N N 38  
ASN N    CA   sing N N 39  
ASN N    H    sing N N 40  
ASN N    H2   sing N N 41  
ASN CA   C    sing N N 42  
ASN CA   CB   sing N N 43  
ASN CA   HA   sing N N 44  
ASN C    O    doub N N 45  
ASN C    OXT  sing N N 46  
ASN CB   CG   sing N N 47  
ASN CB   HB2  sing N N 48  
ASN CB   HB3  sing N N 49  
ASN CG   OD1  doub N N 50  
ASN CG   ND2  sing N N 51  
ASN ND2  HD21 sing N N 52  
ASN ND2  HD22 sing N N 53  
ASN OXT  HXT  sing N N 54  
ASP N    CA   sing N N 55  
ASP N    H    sing N N 56  
ASP N    H2   sing N N 57  
ASP CA   C    sing N N 58  
ASP CA   CB   sing N N 59  
ASP CA   HA   sing N N 60  
ASP C    O    doub N N 61  
ASP C    OXT  sing N N 62  
ASP CB   CG   sing N N 63  
ASP CB   HB2  sing N N 64  
ASP CB   HB3  sing N N 65  
ASP CG   OD1  doub N N 66  
ASP CG   OD2  sing N N 67  
ASP OD2  HD2  sing N N 68  
ASP OXT  HXT  sing N N 69  
CYS N    CA   sing N N 70  
CYS N    H    sing N N 71  
CYS N    H2   sing N N 72  
CYS CA   C    sing N N 73  
CYS CA   CB   sing N N 74  
CYS CA   HA   sing N N 75  
CYS C    O    doub N N 76  
CYS C    OXT  sing N N 77  
CYS CB   SG   sing N N 78  
CYS CB   HB2  sing N N 79  
CYS CB   HB3  sing N N 80  
CYS SG   HG   sing N N 81  
CYS OXT  HXT  sing N N 82  
EDO C1   O1   sing N N 83  
EDO C1   C2   sing N N 84  
EDO C1   H11  sing N N 85  
EDO C1   H12  sing N N 86  
EDO O1   HO1  sing N N 87  
EDO C2   O2   sing N N 88  
EDO C2   H21  sing N N 89  
EDO C2   H22  sing N N 90  
EDO O2   HO2  sing N N 91  
ES3 BR01 C02  sing N N 92  
ES3 C02  C03  doub Y N 93  
ES3 C02  N06  sing Y N 94  
ES3 C03  N04  sing Y N 95  
ES3 N04  C05  sing Y N 96  
ES3 C05  N06  doub Y N 97  
ES3 C03  H03  sing N N 98  
ES3 N04  HN04 sing N N 99  
ES3 C05  H05  sing N N 100 
GLN N    CA   sing N N 101 
GLN N    H    sing N N 102 
GLN N    H2   sing N N 103 
GLN CA   C    sing N N 104 
GLN CA   CB   sing N N 105 
GLN CA   HA   sing N N 106 
GLN C    O    doub N N 107 
GLN C    OXT  sing N N 108 
GLN CB   CG   sing N N 109 
GLN CB   HB2  sing N N 110 
GLN CB   HB3  sing N N 111 
GLN CG   CD   sing N N 112 
GLN CG   HG2  sing N N 113 
GLN CG   HG3  sing N N 114 
GLN CD   OE1  doub N N 115 
GLN CD   NE2  sing N N 116 
GLN NE2  HE21 sing N N 117 
GLN NE2  HE22 sing N N 118 
GLN OXT  HXT  sing N N 119 
GLU N    CA   sing N N 120 
GLU N    H    sing N N 121 
GLU N    H2   sing N N 122 
GLU CA   C    sing N N 123 
GLU CA   CB   sing N N 124 
GLU CA   HA   sing N N 125 
GLU C    O    doub N N 126 
GLU C    OXT  sing N N 127 
GLU CB   CG   sing N N 128 
GLU CB   HB2  sing N N 129 
GLU CB   HB3  sing N N 130 
GLU CG   CD   sing N N 131 
GLU CG   HG2  sing N N 132 
GLU CG   HG3  sing N N 133 
GLU CD   OE1  doub N N 134 
GLU CD   OE2  sing N N 135 
GLU OE2  HE2  sing N N 136 
GLU OXT  HXT  sing N N 137 
GLY N    CA   sing N N 138 
GLY N    H    sing N N 139 
GLY N    H2   sing N N 140 
GLY CA   C    sing N N 141 
GLY CA   HA2  sing N N 142 
GLY CA   HA3  sing N N 143 
GLY C    O    doub N N 144 
GLY C    OXT  sing N N 145 
GLY OXT  HXT  sing N N 146 
HIS N    CA   sing N N 147 
HIS N    H    sing N N 148 
HIS N    H2   sing N N 149 
HIS CA   C    sing N N 150 
HIS CA   CB   sing N N 151 
HIS CA   HA   sing N N 152 
HIS C    O    doub N N 153 
HIS C    OXT  sing N N 154 
HIS CB   CG   sing N N 155 
HIS CB   HB2  sing N N 156 
HIS CB   HB3  sing N N 157 
HIS CG   ND1  sing Y N 158 
HIS CG   CD2  doub Y N 159 
HIS ND1  CE1  doub Y N 160 
HIS ND1  HD1  sing N N 161 
HIS CD2  NE2  sing Y N 162 
HIS CD2  HD2  sing N N 163 
HIS CE1  NE2  sing Y N 164 
HIS CE1  HE1  sing N N 165 
HIS NE2  HE2  sing N N 166 
HIS OXT  HXT  sing N N 167 
HOH O    H1   sing N N 168 
HOH O    H2   sing N N 169 
ILE N    CA   sing N N 170 
ILE N    H    sing N N 171 
ILE N    H2   sing N N 172 
ILE CA   C    sing N N 173 
ILE CA   CB   sing N N 174 
ILE CA   HA   sing N N 175 
ILE C    O    doub N N 176 
ILE C    OXT  sing N N 177 
ILE CB   CG1  sing N N 178 
ILE CB   CG2  sing N N 179 
ILE CB   HB   sing N N 180 
ILE CG1  CD1  sing N N 181 
ILE CG1  HG12 sing N N 182 
ILE CG1  HG13 sing N N 183 
ILE CG2  HG21 sing N N 184 
ILE CG2  HG22 sing N N 185 
ILE CG2  HG23 sing N N 186 
ILE CD1  HD11 sing N N 187 
ILE CD1  HD12 sing N N 188 
ILE CD1  HD13 sing N N 189 
ILE OXT  HXT  sing N N 190 
LEU N    CA   sing N N 191 
LEU N    H    sing N N 192 
LEU N    H2   sing N N 193 
LEU CA   C    sing N N 194 
LEU CA   CB   sing N N 195 
LEU CA   HA   sing N N 196 
LEU C    O    doub N N 197 
LEU C    OXT  sing N N 198 
LEU CB   CG   sing N N 199 
LEU CB   HB2  sing N N 200 
LEU CB   HB3  sing N N 201 
LEU CG   CD1  sing N N 202 
LEU CG   CD2  sing N N 203 
LEU CG   HG   sing N N 204 
LEU CD1  HD11 sing N N 205 
LEU CD1  HD12 sing N N 206 
LEU CD1  HD13 sing N N 207 
LEU CD2  HD21 sing N N 208 
LEU CD2  HD22 sing N N 209 
LEU CD2  HD23 sing N N 210 
LEU OXT  HXT  sing N N 211 
LYS N    CA   sing N N 212 
LYS N    H    sing N N 213 
LYS N    H2   sing N N 214 
LYS CA   C    sing N N 215 
LYS CA   CB   sing N N 216 
LYS CA   HA   sing N N 217 
LYS C    O    doub N N 218 
LYS C    OXT  sing N N 219 
LYS CB   CG   sing N N 220 
LYS CB   HB2  sing N N 221 
LYS CB   HB3  sing N N 222 
LYS CG   CD   sing N N 223 
LYS CG   HG2  sing N N 224 
LYS CG   HG3  sing N N 225 
LYS CD   CE   sing N N 226 
LYS CD   HD2  sing N N 227 
LYS CD   HD3  sing N N 228 
LYS CE   NZ   sing N N 229 
LYS CE   HE2  sing N N 230 
LYS CE   HE3  sing N N 231 
LYS NZ   HZ1  sing N N 232 
LYS NZ   HZ2  sing N N 233 
LYS NZ   HZ3  sing N N 234 
LYS OXT  HXT  sing N N 235 
MET N    CA   sing N N 236 
MET N    H    sing N N 237 
MET N    H2   sing N N 238 
MET CA   C    sing N N 239 
MET CA   CB   sing N N 240 
MET CA   HA   sing N N 241 
MET C    O    doub N N 242 
MET C    OXT  sing N N 243 
MET CB   CG   sing N N 244 
MET CB   HB2  sing N N 245 
MET CB   HB3  sing N N 246 
MET CG   SD   sing N N 247 
MET CG   HG2  sing N N 248 
MET CG   HG3  sing N N 249 
MET SD   CE   sing N N 250 
MET CE   HE1  sing N N 251 
MET CE   HE2  sing N N 252 
MET CE   HE3  sing N N 253 
MET OXT  HXT  sing N N 254 
PHE N    CA   sing N N 255 
PHE N    H    sing N N 256 
PHE N    H2   sing N N 257 
PHE CA   C    sing N N 258 
PHE CA   CB   sing N N 259 
PHE CA   HA   sing N N 260 
PHE C    O    doub N N 261 
PHE C    OXT  sing N N 262 
PHE CB   CG   sing N N 263 
PHE CB   HB2  sing N N 264 
PHE CB   HB3  sing N N 265 
PHE CG   CD1  doub Y N 266 
PHE CG   CD2  sing Y N 267 
PHE CD1  CE1  sing Y N 268 
PHE CD1  HD1  sing N N 269 
PHE CD2  CE2  doub Y N 270 
PHE CD2  HD2  sing N N 271 
PHE CE1  CZ   doub Y N 272 
PHE CE1  HE1  sing N N 273 
PHE CE2  CZ   sing Y N 274 
PHE CE2  HE2  sing N N 275 
PHE CZ   HZ   sing N N 276 
PHE OXT  HXT  sing N N 277 
PRO N    CA   sing N N 278 
PRO N    CD   sing N N 279 
PRO N    H    sing N N 280 
PRO CA   C    sing N N 281 
PRO CA   CB   sing N N 282 
PRO CA   HA   sing N N 283 
PRO C    O    doub N N 284 
PRO C    OXT  sing N N 285 
PRO CB   CG   sing N N 286 
PRO CB   HB2  sing N N 287 
PRO CB   HB3  sing N N 288 
PRO CG   CD   sing N N 289 
PRO CG   HG2  sing N N 290 
PRO CG   HG3  sing N N 291 
PRO CD   HD2  sing N N 292 
PRO CD   HD3  sing N N 293 
PRO OXT  HXT  sing N N 294 
SER N    CA   sing N N 295 
SER N    H    sing N N 296 
SER N    H2   sing N N 297 
SER CA   C    sing N N 298 
SER CA   CB   sing N N 299 
SER CA   HA   sing N N 300 
SER C    O    doub N N 301 
SER C    OXT  sing N N 302 
SER CB   OG   sing N N 303 
SER CB   HB2  sing N N 304 
SER CB   HB3  sing N N 305 
SER OG   HG   sing N N 306 
SER OXT  HXT  sing N N 307 
THR N    CA   sing N N 308 
THR N    H    sing N N 309 
THR N    H2   sing N N 310 
THR CA   C    sing N N 311 
THR CA   CB   sing N N 312 
THR CA   HA   sing N N 313 
THR C    O    doub N N 314 
THR C    OXT  sing N N 315 
THR CB   OG1  sing N N 316 
THR CB   CG2  sing N N 317 
THR CB   HB   sing N N 318 
THR OG1  HG1  sing N N 319 
THR CG2  HG21 sing N N 320 
THR CG2  HG22 sing N N 321 
THR CG2  HG23 sing N N 322 
THR OXT  HXT  sing N N 323 
TRP N    CA   sing N N 324 
TRP N    H    sing N N 325 
TRP N    H2   sing N N 326 
TRP CA   C    sing N N 327 
TRP CA   CB   sing N N 328 
TRP CA   HA   sing N N 329 
TRP C    O    doub N N 330 
TRP C    OXT  sing N N 331 
TRP CB   CG   sing N N 332 
TRP CB   HB2  sing N N 333 
TRP CB   HB3  sing N N 334 
TRP CG   CD1  doub Y N 335 
TRP CG   CD2  sing Y N 336 
TRP CD1  NE1  sing Y N 337 
TRP CD1  HD1  sing N N 338 
TRP CD2  CE2  doub Y N 339 
TRP CD2  CE3  sing Y N 340 
TRP NE1  CE2  sing Y N 341 
TRP NE1  HE1  sing N N 342 
TRP CE2  CZ2  sing Y N 343 
TRP CE3  CZ3  doub Y N 344 
TRP CE3  HE3  sing N N 345 
TRP CZ2  CH2  doub Y N 346 
TRP CZ2  HZ2  sing N N 347 
TRP CZ3  CH2  sing Y N 348 
TRP CZ3  HZ3  sing N N 349 
TRP CH2  HH2  sing N N 350 
TRP OXT  HXT  sing N N 351 
TYR N    CA   sing N N 352 
TYR N    H    sing N N 353 
TYR N    H2   sing N N 354 
TYR CA   C    sing N N 355 
TYR CA   CB   sing N N 356 
TYR CA   HA   sing N N 357 
TYR C    O    doub N N 358 
TYR C    OXT  sing N N 359 
TYR CB   CG   sing N N 360 
TYR CB   HB2  sing N N 361 
TYR CB   HB3  sing N N 362 
TYR CG   CD1  doub Y N 363 
TYR CG   CD2  sing Y N 364 
TYR CD1  CE1  sing Y N 365 
TYR CD1  HD1  sing N N 366 
TYR CD2  CE2  doub Y N 367 
TYR CD2  HD2  sing N N 368 
TYR CE1  CZ   doub Y N 369 
TYR CE1  HE1  sing N N 370 
TYR CE2  CZ   sing Y N 371 
TYR CE2  HE2  sing N N 372 
TYR CZ   OH   sing N N 373 
TYR OH   HH   sing N N 374 
TYR OXT  HXT  sing N N 375 
VAL N    CA   sing N N 376 
VAL N    H    sing N N 377 
VAL N    H2   sing N N 378 
VAL CA   C    sing N N 379 
VAL CA   CB   sing N N 380 
VAL CA   HA   sing N N 381 
VAL C    O    doub N N 382 
VAL C    OXT  sing N N 383 
VAL CB   CG1  sing N N 384 
VAL CB   CG2  sing N N 385 
VAL CB   HB   sing N N 386 
VAL CG1  HG11 sing N N 387 
VAL CG1  HG12 sing N N 388 
VAL CG1  HG13 sing N N 389 
VAL CG2  HG21 sing N N 390 
VAL CG2  HG22 sing N N 391 
VAL CG2  HG23 sing N N 392 
VAL OXT  HXT  sing N N 393 
# 
_pdbx_deposit_group.group_id            G_1002018 
_pdbx_deposit_group.group_description   
;bromodomain of human BAZ2B screened against the ZENOBIA Fragment Library by X-ray Crystallography at the XChem
facility of Diamond Light Source beamline I04-1. Check out the PanDDA event maps at
https://zenodo.org/record/290199/files/0_index.html
;
_pdbx_deposit_group.group_title         'PanDDA analysis group deposition of models with modelled events (e.g. bound ligands)' 
_pdbx_deposit_group.group_type          'changed state' 
# 
_atom_sites.entry_id                    5PBC 
_atom_sites.fract_transf_matrix[1][1]   0.00639219 
_atom_sites.fract_transf_matrix[1][2]   -0.00185698 
_atom_sites.fract_transf_matrix[1][3]   -0.01016196 
_atom_sites.fract_transf_matrix[2][1]   0.00878618 
_atom_sites.fract_transf_matrix[2][2]   0.00137115 
_atom_sites.fract_transf_matrix[2][3]   0.00527623 
_atom_sites.fract_transf_matrix[3][1]   0.00056894 
_atom_sites.fract_transf_matrix[3][2]   -0.01692248 
_atom_sites.fract_transf_matrix[3][3]   0.00345028 
_atom_sites.fract_transf_vector[1]      0.283198 
_atom_sites.fract_transf_vector[2]      0.293047 
_atom_sites.fract_transf_vector[3]      0.459865 
# 
loop_
_atom_type.symbol 
BR 
C  
H  
N  
O  
S  
# 
loop_
_atom_site.group_PDB 
_atom_site.id 
_atom_site.type_symbol 
_atom_site.label_atom_id 
_atom_site.label_alt_id 
_atom_site.label_comp_id 
_atom_site.label_asym_id 
_atom_site.label_entity_id 
_atom_site.label_seq_id 
_atom_site.pdbx_PDB_ins_code 
_atom_site.Cartn_x 
_atom_site.Cartn_y 
_atom_site.Cartn_z 
_atom_site.occupancy 
_atom_site.B_iso_or_equiv 
_atom_site.pdbx_formal_charge 
_atom_site.auth_seq_id 
_atom_site.auth_comp_id 
_atom_site.auth_asym_id 
_atom_site.auth_atom_id 
_atom_site.pdbx_PDB_model_num 
ATOM   1    N  N    . SER A 1 22  ? 7.322   3.728   -29.944 1.00 34.79 ? 1856 SER A N    1 
ATOM   2    C  CA   . SER A 1 22  ? 8.058   4.928   -30.330 1.00 36.79 ? 1856 SER A CA   1 
ATOM   3    C  C    . SER A 1 22  ? 7.117   5.950   -30.971 1.00 35.31 ? 1856 SER A C    1 
ATOM   4    O  O    . SER A 1 22  ? 5.894   5.765   -30.954 1.00 36.31 ? 1856 SER A O    1 
ATOM   5    C  CB   . SER A 1 22  ? 9.195   4.565   -31.294 1.00 28.42 ? 1856 SER A CB   1 
ATOM   6    O  OG   . SER A 1 22  ? 8.693   4.321   -32.590 1.00 31.30 ? 1856 SER A OG   1 
ATOM   7    N  N    . MET A 1 23  ? 7.677   7.021   -31.542 1.00 33.94 ? 1857 MET A N    1 
ATOM   8    C  CA   . MET A 1 23  ? 6.860   8.087   -32.136 1.00 31.62 ? 1857 MET A CA   1 
ATOM   9    C  C    . MET A 1 23  ? 5.846   7.578   -33.169 1.00 36.41 ? 1857 MET A C    1 
ATOM   10   O  O    . MET A 1 23  ? 6.217   7.034   -34.212 1.00 34.18 ? 1857 MET A O    1 
ATOM   11   C  CB   . MET A 1 23  ? 7.745   9.154   -32.796 1.00 32.13 ? 1857 MET A CB   1 
ATOM   12   C  CG   . MET A 1 23  ? 7.008   10.456  -33.112 1.00 29.79 ? 1857 MET A CG   1 
ATOM   13   S  SD   . MET A 1 23  ? 7.942   11.735  -34.022 1.00 31.52 ? 1857 MET A SD   1 
ATOM   14   C  CE   . MET A 1 23  ? 9.591   11.566  -33.343 1.00 28.42 ? 1857 MET A CE   1 
ATOM   15   N  N    . SER A 1 24  ? 4.559   7.789   -32.882 1.00 35.03 ? 1858 SER A N    1 
ATOM   16   C  CA   . SER A 1 24  ? 3.473   7.347   -33.769 1.00 36.91 ? 1858 SER A CA   1 
ATOM   17   C  C    . SER A 1 24  ? 3.397   5.815   -33.898 1.00 35.25 ? 1858 SER A C    1 
ATOM   18   O  O    . SER A 1 24  ? 2.875   5.290   -34.888 1.00 41.87 ? 1858 SER A O    1 
ATOM   19   C  CB   . SER A 1 24  ? 3.616   7.965   -35.165 1.00 31.82 ? 1858 SER A CB   1 
ATOM   20   O  OG   . SER A 1 24  ? 3.666   9.379   -35.115 1.00 31.22 ? 1858 SER A OG   1 
ATOM   21   N  N    . VAL A 1 25  ? 3.925   5.110   -32.904 1.00 35.93 ? 1859 VAL A N    1 
ATOM   22   C  CA   . VAL A 1 25  ? 3.826   3.648   -32.859 1.00 36.41 ? 1859 VAL A CA   1 
ATOM   23   C  C    . VAL A 1 25  ? 3.475   3.209   -31.451 1.00 32.96 ? 1859 VAL A C    1 
ATOM   24   O  O    . VAL A 1 25  ? 4.329   3.197   -30.565 1.00 36.90 ? 1859 VAL A O    1 
ATOM   25   C  CB   . VAL A 1 25  ? 5.133   2.960   -33.302 1.00 34.44 ? 1859 VAL A CB   1 
ATOM   26   C  CG1  . VAL A 1 25  ? 5.037   1.437   -33.095 1.00 33.94 ? 1859 VAL A CG1  1 
ATOM   27   C  CG2  . VAL A 1 25  ? 5.410   3.279   -34.750 1.00 33.08 ? 1859 VAL A CG2  1 
ATOM   28   N  N    . LYS A 1 26  ? 2.210   2.852   -31.251 1.00 38.94 ? 1860 LYS A N    1 
ATOM   29   C  CA   . LYS A 1 26  ? 1.702   2.555   -29.916 1.00 38.64 ? 1860 LYS A CA   1 
ATOM   30   C  C    . LYS A 1 26  ? 1.076   1.176   -29.799 1.00 36.46 ? 1860 LYS A C    1 
ATOM   31   O  O    . LYS A 1 26  ? 0.374   0.749   -30.715 1.00 34.58 ? 1860 LYS A O    1 
ATOM   32   C  CB   . LYS A 1 26  ? 0.660   3.608   -29.513 1.00 44.51 ? 1860 LYS A CB   1 
ATOM   33   C  CG   . LYS A 1 26  ? 1.273   4.942   -29.116 1.00 55.16 ? 1860 LYS A CG   1 
ATOM   34   C  CD   . LYS A 1 26  ? 2.360   4.745   -28.056 1.00 49.72 ? 1860 LYS A CD   1 
ATOM   35   C  CE   . LYS A 1 26  ? 3.122   6.038   -27.807 1.00 51.74 ? 1860 LYS A CE   1 
ATOM   36   N  NZ   . LYS A 1 26  ? 3.500   6.680   -29.098 1.00 52.97 ? 1860 LYS A NZ   1 
ATOM   37   N  N    . LYS A 1 27  ? 1.331   0.501   -28.674 1.00 34.86 ? 1861 LYS A N    1 
ATOM   38   C  CA   . LYS A 1 27  ? 0.570   -0.687  -28.274 1.00 41.66 ? 1861 LYS A CA   1 
ATOM   39   C  C    . LYS A 1 27  ? -0.898  -0.347  -28.157 1.00 41.12 ? 1861 LYS A C    1 
ATOM   40   O  O    . LYS A 1 27  ? -1.246  0.792   -27.846 1.00 43.19 ? 1861 LYS A O    1 
ATOM   41   C  CB   . LYS A 1 27  ? 1.024   -1.232  -26.913 1.00 46.58 ? 1861 LYS A CB   1 
ATOM   42   C  CG   . LYS A 1 27  ? 2.384   -1.883  -26.837 1.00 50.27 ? 1861 LYS A CG   1 
ATOM   43   C  CD   . LYS A 1 27  ? 2.495   -2.662  -25.516 1.00 48.34 ? 1861 LYS A CD   1 
ATOM   44   C  CE   . LYS A 1 27  ? 3.923   -3.058  -25.201 1.00 49.29 ? 1861 LYS A CE   1 
ATOM   45   N  NZ   . LYS A 1 27  ? 4.781   -1.845  -25.137 1.00 51.17 ? 1861 LYS A NZ   1 
ATOM   46   N  N    . PRO A 1 28  ? -1.770  -1.338  -28.379 1.00 44.05 ? 1862 PRO A N    1 
ATOM   47   C  CA   . PRO A 1 28  ? -3.207  -1.159  -28.146 1.00 46.45 ? 1862 PRO A CA   1 
ATOM   48   C  C    . PRO A 1 28  ? -3.483  -0.604  -26.745 1.00 51.95 ? 1862 PRO A C    1 
ATOM   49   O  O    . PRO A 1 28  ? -2.825  -1.027  -25.785 1.00 47.67 ? 1862 PRO A O    1 
ATOM   50   C  CB   . PRO A 1 28  ? -3.762  -2.575  -28.310 1.00 49.39 ? 1862 PRO A CB   1 
ATOM   51   C  CG   . PRO A 1 28  ? -2.825  -3.205  -29.296 1.00 47.94 ? 1862 PRO A CG   1 
ATOM   52   C  CD   . PRO A 1 28  ? -1.463  -2.654  -28.965 1.00 42.60 ? 1862 PRO A CD   1 
ATOM   53   N  N    . LYS A 1 29  ? -4.421  0.342   -26.644 1.00 47.24 ? 1863 LYS A N    1 
ATOM   54   C  CA   . LYS A 1 29  ? -4.637  1.085   -25.400 1.00 63.98 ? 1863 LYS A CA   1 
ATOM   55   C  C    . LYS A 1 29  ? -5.418  0.283   -24.350 1.00 56.15 ? 1863 LYS A C    1 
ATOM   56   O  O    . LYS A 1 29  ? -6.612  0.028   -24.517 1.00 55.50 ? 1863 LYS A O    1 
ATOM   57   C  CB   . LYS A 1 29  ? -5.361  2.408   -25.686 1.00 57.15 ? 1863 LYS A CB   1 
ATOM   58   N  N    . ARG A 1 30  ? -4.726  -0.111  -23.279 1.00 49.46 ? 1864 ARG A N    1 
ATOM   59   C  CA   . ARG A 1 30  ? -5.364  -0.749  -22.129 1.00 58.76 ? 1864 ARG A CA   1 
ATOM   60   C  C    . ARG A 1 30  ? -6.393  0.180   -21.472 1.00 54.88 ? 1864 ARG A C    1 
ATOM   61   O  O    . ARG A 1 30  ? -6.145  1.377   -21.297 1.00 55.52 ? 1864 ARG A O    1 
ATOM   62   C  CB   . ARG A 1 30  ? -4.316  -1.172  -21.100 1.00 55.02 ? 1864 ARG A CB   1 
ATOM   63   C  CG   . ARG A 1 30  ? -4.936  -1.753  -19.850 1.00 51.91 ? 1864 ARG A CG   1 
ATOM   64   C  CD   . ARG A 1 30  ? -3.947  -1.910  -18.701 1.00 47.76 ? 1864 ARG A CD   1 
ATOM   65   N  NE   . ARG A 1 30  ? -4.662  -2.291  -17.482 1.00 52.46 ? 1864 ARG A NE   1 
ATOM   66   C  CZ   . ARG A 1 30  ? -4.992  -1.443  -16.508 1.00 49.35 ? 1864 ARG A CZ   1 
ATOM   67   N  NH1  . ARG A 1 30  ? -4.635  -0.163  -16.581 1.00 40.59 ? 1864 ARG A NH1  1 
ATOM   68   N  NH2  . ARG A 1 30  ? -5.666  -1.878  -15.452 1.00 43.37 ? 1864 ARG A NH2  1 
ATOM   69   N  N    . ASP A 1 31  ? -7.556  -0.367  -21.125 1.00 48.97 ? 1865 ASP A N    1 
ATOM   70   C  CA   . ASP A 1 31  ? -8.597  0.437   -20.496 1.00 51.22 ? 1865 ASP A CA   1 
ATOM   71   C  C    . ASP A 1 31  ? -8.240  0.670   -19.030 1.00 46.30 ? 1865 ASP A C    1 
ATOM   72   O  O    . ASP A 1 31  ? -8.204  -0.265  -18.229 1.00 45.51 ? 1865 ASP A O    1 
ATOM   73   C  CB   . ASP A 1 31  ? -9.968  -0.239  -20.623 1.00 51.76 ? 1865 ASP A CB   1 
ATOM   74   C  CG   . ASP A 1 31  ? -11.103 0.629   -20.095 1.00 51.98 ? 1865 ASP A CG   1 
ATOM   75   O  OD1  . ASP A 1 31  ? -10.879 1.830   -19.822 1.00 50.54 ? 1865 ASP A OD1  1 
ATOM   76   O  OD2  . ASP A 1 31  ? -12.231 0.106   -19.964 1.00 60.41 ? 1865 ASP A OD2  1 
ATOM   77   N  N    . ASP A 1 32  ? -7.952  1.921   -18.693 1.00 48.82 ? 1866 ASP A N    1 
ATOM   78   C  CA   . ASP A 1 32  ? -7.517  2.263   -17.345 1.00 47.46 ? 1866 ASP A CA   1 
ATOM   79   C  C    . ASP A 1 32  ? -8.550  3.132   -16.634 1.00 43.92 ? 1866 ASP A C    1 
ATOM   80   O  O    . ASP A 1 32  ? -8.280  3.665   -15.556 1.00 38.69 ? 1866 ASP A O    1 
ATOM   81   C  CB   . ASP A 1 32  ? -6.170  2.987   -17.394 1.00 39.88 ? 1866 ASP A CB   1 
ATOM   82   C  CG   . ASP A 1 32  ? -6.274  4.358   -18.043 1.00 41.76 ? 1866 ASP A CG   1 
ATOM   83   O  OD1  . ASP A 1 32  ? -7.285  4.624   -18.726 1.00 44.49 ? 1866 ASP A OD1  1 
ATOM   84   O  OD2  . ASP A 1 32  ? -5.342  5.170   -17.874 1.00 45.59 ? 1866 ASP A OD2  1 
ATOM   85   N  N    . SER A 1 33  ? -9.726  3.275   -17.241 1.00 40.46 ? 1867 SER A N    1 
ATOM   86   C  CA   . SER A 1 33  ? -10.736 4.213   -16.746 1.00 41.15 ? 1867 SER A CA   1 
ATOM   87   C  C    . SER A 1 33  ? -11.334 3.813   -15.392 1.00 36.41 ? 1867 SER A C    1 
ATOM   88   O  O    . SER A 1 33  ? -11.881 4.663   -14.676 1.00 39.76 ? 1867 SER A O    1 
ATOM   89   C  CB   . SER A 1 33  ? -11.865 4.359   -17.767 1.00 43.46 ? 1867 SER A CB   1 
ATOM   90   O  OG   . SER A 1 33  ? -12.564 3.131   -17.922 1.00 47.57 ? 1867 SER A OG   1 
ATOM   91   N  N    . LYS A 1 34  ? -11.226 2.532   -15.051 1.00 35.40 ? 1868 LYS A N    1 
ATOM   92   C  CA   . LYS A 1 34  ? -11.761 2.011   -13.794 1.00 38.43 ? 1868 LYS A CA   1 
ATOM   93   C  C    . LYS A 1 34  ? -10.697 1.822   -12.712 1.00 34.32 ? 1868 LYS A C    1 
ATOM   94   O  O    . LYS A 1 34  ? -11.005 1.377   -11.601 1.00 33.92 ? 1868 LYS A O    1 
ATOM   95   C  CB   . LYS A 1 34  ? -12.465 0.680   -14.045 1.00 36.97 ? 1868 LYS A CB   1 
ATOM   96   C  CG   . LYS A 1 34  ? -13.720 0.797   -14.921 1.00 36.42 ? 1868 LYS A CG   1 
ATOM   97   C  CD   . LYS A 1 34  ? -14.295 -0.575  -15.208 1.00 46.52 ? 1868 LYS A CD   1 
ATOM   98   N  N    . ASP A 1 35  ? -9.452  2.154   -13.036 1.00 30.86 ? 1869 ASP A N    1 
ATOM   99   C  CA   . ASP A 1 35  ? -8.332  1.882   -12.130 1.00 32.52 ? 1869 ASP A CA   1 
ATOM   100  C  C    . ASP A 1 35  ? -8.501  2.570   -10.773 1.00 27.60 ? 1869 ASP A C    1 
ATOM   101  O  O    . ASP A 1 35  ? -8.261  1.956   -9.727  1.00 29.64 ? 1869 ASP A O    1 
ATOM   102  C  CB   . ASP A 1 35  ? -7.007  2.311   -12.772 1.00 27.66 ? 1869 ASP A CB   1 
ATOM   103  C  CG   . ASP A 1 35  ? -6.544  1.343   -13.857 1.00 31.29 ? 1869 ASP A CG   1 
ATOM   104  O  OD1  . ASP A 1 35  ? -7.278  0.378   -14.154 1.00 29.11 ? 1869 ASP A OD1  1 
ATOM   105  O  OD2  . ASP A 1 35  ? -5.452  1.556   -14.416 1.00 33.60 ? 1869 ASP A OD2  1 
ATOM   106  N  N    . LEU A 1 36  ? -8.906  3.837   -10.798 1.00 29.17 ? 1870 LEU A N    1 
ATOM   107  C  CA   . LEU A 1 36  ? -9.058  4.621   -9.571  1.00 33.68 ? 1870 LEU A CA   1 
ATOM   108  C  C    . LEU A 1 36  ? -10.089 3.989   -8.654  1.00 34.30 ? 1870 LEU A C    1 
ATOM   109  O  O    . LEU A 1 36  ? -9.854  3.831   -7.454  1.00 34.21 ? 1870 LEU A O    1 
ATOM   110  C  CB   . LEU A 1 36  ? -9.451  6.070   -9.885  1.00 33.16 ? 1870 LEU A CB   1 
ATOM   111  C  CG   . LEU A 1 36  ? -9.575  7.036   -8.694  1.00 37.78 ? 1870 LEU A CG   1 
ATOM   112  C  CD1  . LEU A 1 36  ? -8.256  7.181   -7.910  1.00 29.43 ? 1870 LEU A CD1  1 
ATOM   113  C  CD2  . LEU A 1 36  ? -10.070 8.408   -9.164  1.00 41.24 ? 1870 LEU A CD2  1 
ATOM   114  N  N    . ALA A 1 37  ? -11.228 3.616   -9.222  1.00 32.68 ? 1871 ALA A N    1 
ATOM   115  C  CA   . ALA A 1 37  ? -12.294 2.972   -8.469  1.00 34.14 ? 1871 ALA A CA   1 
ATOM   116  C  C    . ALA A 1 37  ? -11.886 1.612   -7.908  1.00 37.52 ? 1871 ALA A C    1 
ATOM   117  O  O    . ALA A 1 37  ? -12.249 1.256   -6.782  1.00 35.15 ? 1871 ALA A O    1 
ATOM   118  C  CB   . ALA A 1 37  ? -13.537 2.816   -9.355  1.00 36.06 ? 1871 ALA A CB   1 
ATOM   119  N  N    . LEU A 1 38  ? -11.162 0.835   -8.707  1.00 30.17 ? 1872 LEU A N    1 
ATOM   120  C  CA   . LEU A 1 38  ? -10.728 -0.489  -8.287  1.00 28.97 ? 1872 LEU A CA   1 
ATOM   121  C  C    . LEU A 1 38  ? -9.635  -0.424  -7.206  1.00 26.79 ? 1872 LEU A C    1 
ATOM   122  O  O    . LEU A 1 38  ? -9.635  -1.236  -6.275  1.00 28.43 ? 1872 LEU A O    1 
ATOM   123  C  CB   . LEU A 1 38  ? -10.217 -1.290  -9.488  1.00 31.49 ? 1872 LEU A CB   1 
ATOM   124  C  CG   . LEU A 1 38  ? -11.279 -1.786  -10.477 1.00 31.56 ? 1872 LEU A CG   1 
ATOM   125  C  CD1  . LEU A 1 38  ? -10.627 -2.057  -11.833 1.00 36.22 ? 1872 LEU A CD1  1 
ATOM   126  C  CD2  . LEU A 1 38  ? -11.985 -3.034  -9.959  1.00 35.75 ? 1872 LEU A CD2  1 
ATOM   127  N  N    . CYS A 1 39  ? -8.698  0.513   -7.341  1.00 25.02 ? 1873 CYS A N    1 
ATOM   128  C  CA   . CYS A 1 39  ? -7.690  0.698   -6.283  1.00 26.14 ? 1873 CYS A CA   1 
ATOM   129  C  C    . CYS A 1 39  ? -8.368  1.093   -4.973  1.00 29.70 ? 1873 CYS A C    1 
ATOM   130  O  O    . CYS A 1 39  ? -7.955  0.666   -3.888  1.00 27.85 ? 1873 CYS A O    1 
ATOM   131  C  CB   . CYS A 1 39  ? -6.662  1.748   -6.667  1.00 23.82 ? 1873 CYS A CB   1 
ATOM   132  S  SG   . CYS A 1 39  ? -5.487  1.129   -7.908  1.00 25.54 ? 1873 CYS A SG   1 
ATOM   133  N  N    . SER A 1 40  ? -9.423  1.895   -5.081  1.00 28.76 ? 1874 SER A N    1 
ATOM   134  C  CA   . SER A 1 40  ? -10.154 2.322   -3.892  1.00 26.34 ? 1874 SER A CA   1 
ATOM   135  C  C    . SER A 1 40  ? -10.823 1.127   -3.205  1.00 32.17 ? 1874 SER A C    1 
ATOM   136  O  O    . SER A 1 40  ? -10.844 1.032   -1.980  1.00 30.17 ? 1874 SER A O    1 
ATOM   137  C  CB   . SER A 1 40  ? -11.195 3.386   -4.250  1.00 33.83 ? 1874 SER A CB   1 
ATOM   138  O  OG   . SER A 1 40  ? -11.934 3.770   -3.099  1.00 38.99 ? 1874 SER A OG   1 
ATOM   139  N  N    . MET A 1 41  ? -11.367 0.209   -3.995  1.00 31.92 ? 1875 MET A N    1 
ATOM   140  C  CA   . MET A 1 41  ? -11.978 -0.987  -3.445  1.00 31.83 ? 1875 MET A CA   1 
ATOM   141  C  C    . MET A 1 41  ? -10.958 -1.880  -2.758  1.00 31.21 ? 1875 MET A C    1 
ATOM   142  O  O    . MET A 1 41  ? -11.212 -2.400  -1.681  1.00 31.35 ? 1875 MET A O    1 
ATOM   143  C  CB   . MET A 1 41  ? -12.698 -1.786  -4.537  1.00 33.49 ? 1875 MET A CB   1 
ATOM   144  C  CG   . MET A 1 41  ? -13.928 -1.095  -5.096  1.00 51.57 ? 1875 MET A CG   1 
ATOM   145  S  SD   . MET A 1 41  ? -14.780 -2.156  -6.287  1.00 64.35 ? 1875 MET A SD   1 
ATOM   146  C  CE   . MET A 1 41  ? -15.080 -3.626  -5.295  1.00 51.28 ? 1875 MET A CE   1 
ATOM   147  N  N    . ILE A 1 42  ? -9.811  -2.091  -3.393  1.00 27.28 ? 1876 ILE A N    1 
ATOM   148  C  CA   . ILE A 1 42  ? -8.762  -2.881  -2.761  1.00 28.20 ? 1876 ILE A CA   1 
ATOM   149  C  C    . ILE A 1 42  ? -8.352  -2.248  -1.421  1.00 24.95 ? 1876 ILE A C    1 
ATOM   150  O  O    . ILE A 1 42  ? -8.180  -2.948  -0.406  1.00 27.51 ? 1876 ILE A O    1 
ATOM   151  C  CB   . ILE A 1 42  ? -7.533  -3.016  -3.683  1.00 24.00 ? 1876 ILE A CB   1 
ATOM   152  C  CG1  . ILE A 1 42  ? -7.904  -3.833  -4.930  1.00 28.04 ? 1876 ILE A CG1  1 
ATOM   153  C  CG2  . ILE A 1 42  ? -6.379  -3.696  -2.959  1.00 24.48 ? 1876 ILE A CG2  1 
ATOM   154  C  CD1  . ILE A 1 42  ? -6.831  -3.783  -6.013  1.00 29.15 ? 1876 ILE A CD1  1 
ATOM   155  N  N    . LEU A 1 43  ? -8.204  -0.930  -1.430  1.00 28.05 ? 1877 LEU A N    1 
ATOM   156  C  CA   . LEU A 1 43  ? -7.743  -0.214  -0.249  1.00 24.09 ? 1877 LEU A CA   1 
ATOM   157  C  C    . LEU A 1 43  ? -8.794  -0.367  0.851   1.00 28.71 ? 1877 LEU A C    1 
ATOM   158  O  O    . LEU A 1 43  ? -8.451  -0.622  2.001   1.00 26.04 ? 1877 LEU A O    1 
ATOM   159  C  CB   . LEU A 1 43  ? -7.472  1.258   -0.558  1.00 24.69 ? 1877 LEU A CB   1 
ATOM   160  C  CG   . LEU A 1 43  ? -6.913  2.083   0.609   1.00 25.06 ? 1877 LEU A CG   1 
ATOM   161  C  CD1  . LEU A 1 43  ? -5.642  1.442   1.169   1.00 21.28 ? 1877 LEU A CD1  1 
ATOM   162  C  CD2  . LEU A 1 43  ? -6.640  3.519   0.173   1.00 27.03 ? 1877 LEU A CD2  1 
ATOM   163  N  N    . THR A 1 44  ? -10.078 -0.276  0.481   1.00 27.69 ? 1878 THR A N    1 
ATOM   164  C  CA   . THR A 1 44  ? -11.153 -0.478  1.469   1.00 25.91 ? 1878 THR A CA   1 
ATOM   165  C  C    . THR A 1 44  ? -11.060 -1.864  2.103   1.00 29.06 ? 1878 THR A C    1 
ATOM   166  O  O    . THR A 1 44  ? -11.195 -2.011  3.319   1.00 30.73 ? 1878 THR A O    1 
ATOM   167  C  CB   . THR A 1 44  ? -12.557 -0.267  0.832   1.00 27.16 ? 1878 THR A CB   1 
ATOM   168  O  OG1  . THR A 1 44  ? -12.711 1.115   0.504   1.00 32.40 ? 1878 THR A OG1  1 
ATOM   169  C  CG2  . THR A 1 44  ? -13.663 -0.680  1.801   1.00 36.01 ? 1878 THR A CG2  1 
ATOM   170  N  N    . GLU A 1 45  ? -10.783 -2.882  1.296   1.00 26.37 ? 1879 GLU A N    1 
ATOM   171  C  CA   . GLU A 1 45  ? -10.675 -4.232  1.810   1.00 30.17 ? 1879 GLU A CA   1 
ATOM   172  C  C    . GLU A 1 45  ? -9.452  -4.378  2.721   1.00 31.33 ? 1879 GLU A C    1 
ATOM   173  O  O    . GLU A 1 45  ? -9.492  -5.136  3.685   1.00 27.24 ? 1879 GLU A O    1 
ATOM   174  C  CB   . GLU A 1 45  ? -10.634 -5.241  0.658   1.00 31.73 ? 1879 GLU A CB   1 
ATOM   175  C  CG   . GLU A 1 45  ? -11.952 -5.244  -0.128  1.00 37.12 ? 1879 GLU A CG   1 
ATOM   176  C  CD   . GLU A 1 45  ? -11.878 -5.929  -1.487  1.00 47.23 ? 1879 GLU A CD   1 
ATOM   177  O  OE1  . GLU A 1 45  ? -10.804 -6.456  -1.862  1.00 46.08 ? 1879 GLU A OE1  1 
ATOM   178  O  OE2  . GLU A 1 45  ? -12.917 -5.920  -2.189  1.00 57.37 ? 1879 GLU A OE2  1 
ATOM   179  N  N    . MET A 1 46  ? -8.376  -3.654  2.419   1.00 24.47 ? 1880 MET A N    1 
ATOM   180  C  CA   A MET A 1 46  ? -7.220  -3.703  3.302   0.44 27.93 ? 1880 MET A CA   1 
ATOM   181  C  CA   B MET A 1 46  ? -7.184  -3.605  3.270   0.56 27.95 ? 1880 MET A CA   1 
ATOM   182  C  C    . MET A 1 46  ? -7.525  -2.963  4.604   1.00 26.89 ? 1880 MET A C    1 
ATOM   183  O  O    . MET A 1 46  ? -7.190  -3.465  5.682   1.00 26.99 ? 1880 MET A O    1 
ATOM   184  C  CB   A MET A 1 46  ? -5.978  -3.135  2.618   0.44 26.67 ? 1880 MET A CB   1 
ATOM   185  C  CB   B MET A 1 46  ? -6.066  -2.801  2.594   0.56 26.35 ? 1880 MET A CB   1 
ATOM   186  C  CG   A MET A 1 46  ? -5.447  -4.046  1.513   0.44 26.85 ? 1880 MET A CG   1 
ATOM   187  C  CG   B MET A 1 46  ? -5.658  -3.332  1.233   0.56 27.41 ? 1880 MET A CG   1 
ATOM   188  S  SD   A MET A 1 46  ? -3.762  -3.655  1.012   0.44 23.40 ? 1880 MET A SD   1 
ATOM   189  S  SD   B MET A 1 46  ? -4.840  -4.923  1.394   0.56 24.63 ? 1880 MET A SD   1 
ATOM   190  C  CE   A MET A 1 46  ? -3.993  -2.027  0.297   0.44 21.31 ? 1880 MET A CE   1 
ATOM   191  C  CE   B MET A 1 46  ? -3.205  -4.413  1.939   0.56 24.06 ? 1880 MET A CE   1 
ATOM   192  N  N    . GLU A 1 47  ? -8.181  -1.809  4.506   1.00 25.86 ? 1881 GLU A N    1 
ATOM   193  C  CA   . GLU A 1 47  ? -8.568  -1.028  5.690   1.00 27.50 ? 1881 GLU A CA   1 
ATOM   194  C  C    . GLU A 1 47  ? -9.457  -1.812  6.672   1.00 32.38 ? 1881 GLU A C    1 
ATOM   195  O  O    . GLU A 1 47  ? -9.422  -1.569  7.881   1.00 27.92 ? 1881 GLU A O    1 
ATOM   196  C  CB   . GLU A 1 47  ? -9.278  0.263   5.263   1.00 27.15 ? 1881 GLU A CB   1 
ATOM   197  C  CG   . GLU A 1 47  ? -8.365  1.285   4.574   1.00 27.67 ? 1881 GLU A CG   1 
ATOM   198  C  CD   . GLU A 1 47  ? -9.142  2.417   3.906   1.00 31.52 ? 1881 GLU A CD   1 
ATOM   199  O  OE1  . GLU A 1 47  ? -10.309 2.210   3.518   1.00 33.96 ? 1881 GLU A OE1  1 
ATOM   200  O  OE2  . GLU A 1 47  ? -8.581  3.514   3.751   1.00 31.92 ? 1881 GLU A OE2  1 
ATOM   201  N  N    . THR A 1 48  ? -10.242 -2.753  6.161   1.00 28.99 ? 1882 THR A N    1 
ATOM   202  C  CA   . THR A 1 48  ? -11.215 -3.455  6.998   1.00 29.36 ? 1882 THR A CA   1 
ATOM   203  C  C    . THR A 1 48  ? -10.743 -4.851  7.426   1.00 33.20 ? 1882 THR A C    1 
ATOM   204  O  O    . THR A 1 48  ? -11.420 -5.536  8.189   1.00 37.76 ? 1882 THR A O    1 
ATOM   205  C  CB   . THR A 1 48  ? -12.584 -3.570  6.273   1.00 30.80 ? 1882 THR A CB   1 
ATOM   206  O  OG1  . THR A 1 48  ? -12.406 -4.256  5.030   1.00 32.22 ? 1882 THR A OG1  1 
ATOM   207  C  CG2  . THR A 1 48  ? -13.162 -2.190  5.997   1.00 33.27 ? 1882 THR A CG2  1 
ATOM   208  N  N    . HIS A 1 49  ? -9.575  -5.269  6.953   1.00 27.23 ? 1883 HIS A N    1 
ATOM   209  C  CA   . HIS A 1 49  ? -8.973  -6.526  7.387   1.00 26.20 ? 1883 HIS A CA   1 
ATOM   210  C  C    . HIS A 1 49  ? -8.625  -6.457  8.890   1.00 32.58 ? 1883 HIS A C    1 
ATOM   211  O  O    . HIS A 1 49  ? -8.141  -5.431  9.385   1.00 29.15 ? 1883 HIS A O    1 
ATOM   212  C  CB   . HIS A 1 49  ? -7.739  -6.796  6.525   1.00 29.12 ? 1883 HIS A CB   1 
ATOM   213  C  CG   . HIS A 1 49  ? -7.119  -8.144  6.715   1.00 31.21 ? 1883 HIS A CG   1 
ATOM   214  N  ND1  . HIS A 1 49  ? -6.690  -8.603  7.942   1.00 31.86 ? 1883 HIS A ND1  1 
ATOM   215  C  CD2  . HIS A 1 49  ? -6.804  -9.111  5.819   1.00 30.92 ? 1883 HIS A CD2  1 
ATOM   216  C  CE1  . HIS A 1 49  ? -6.149  -9.801  7.798   1.00 31.15 ? 1883 HIS A CE1  1 
ATOM   217  N  NE2  . HIS A 1 49  ? -6.203  -10.130 6.517   1.00 31.81 ? 1883 HIS A NE2  1 
ATOM   218  N  N    . GLU A 1 50  ? -8.879  -7.525  9.635   1.00 33.69 ? 1884 GLU A N    1 
ATOM   219  C  CA   . GLU A 1 50  ? -8.684  -7.432  11.082  1.00 34.42 ? 1884 GLU A CA   1 
ATOM   220  C  C    . GLU A 1 50  ? -7.200  -7.266  11.472  1.00 33.84 ? 1884 GLU A C    1 
ATOM   221  O  O    . GLU A 1 50  ? -6.909  -6.810  12.579  1.00 35.11 ? 1884 GLU A O    1 
ATOM   222  C  CB   . GLU A 1 50  ? -9.311  -8.643  11.802  1.00 38.15 ? 1884 GLU A CB   1 
ATOM   223  C  CG   . GLU A 1 50  ? -8.569  -9.959  11.683  1.00 38.40 ? 1884 GLU A CG   1 
ATOM   224  C  CD   . GLU A 1 50  ? -8.994  -10.982 12.758  1.00 49.70 ? 1884 GLU A CD   1 
ATOM   225  O  OE1  . GLU A 1 50  ? -8.435  -10.947 13.879  1.00 52.77 ? 1884 GLU A OE1  1 
ATOM   226  O  OE2  . GLU A 1 50  ? -9.881  -11.823 12.484  1.00 50.53 ? 1884 GLU A OE2  1 
ATOM   227  N  N    . ASP A 1 51  ? -6.273  -7.594  10.573  1.00 29.70 ? 1885 ASP A N    1 
ATOM   228  C  CA   . ASP A 1 51  ? -4.843  -7.400  10.844  1.00 25.71 ? 1885 ASP A CA   1 
ATOM   229  C  C    . ASP A 1 51  ? -4.305  -6.058  10.312  1.00 22.53 ? 1885 ASP A C    1 
ATOM   230  O  O    . ASP A 1 51  ? -3.093  -5.858  10.251  1.00 26.77 ? 1885 ASP A O    1 
ATOM   231  C  CB   . ASP A 1 51  ? -3.993  -8.524  10.248  1.00 27.13 ? 1885 ASP A CB   1 
ATOM   232  C  CG   . ASP A 1 51  ? -4.251  -9.895  10.908  1.00 35.26 ? 1885 ASP A CG   1 
ATOM   233  O  OD1  . ASP A 1 51  ? -4.886  -9.947  11.984  1.00 31.66 ? 1885 ASP A OD1  1 
ATOM   234  O  OD2  . ASP A 1 51  ? -3.785  -10.910 10.346  1.00 29.74 ? 1885 ASP A OD2  1 
ATOM   235  N  N    . ALA A 1 52  ? -5.195  -5.161  9.924   1.00 24.74 ? 1886 ALA A N    1 
ATOM   236  C  CA   . ALA A 1 52  ? -4.790  -3.853  9.410   1.00 25.02 ? 1886 ALA A CA   1 
ATOM   237  C  C    . ALA A 1 52  ? -4.322  -2.870  10.508  1.00 27.34 ? 1886 ALA A C    1 
ATOM   238  O  O    . ALA A 1 52  ? -3.726  -1.839  10.196  1.00 22.98 ? 1886 ALA A O    1 
ATOM   239  C  CB   . ALA A 1 52  ? -5.941  -3.230  8.618   1.00 26.11 ? 1886 ALA A CB   1 
ATOM   240  N  N    . TRP A 1 53  ? -4.595  -3.174  11.779  1.00 27.61 ? 1887 TRP A N    1 
ATOM   241  C  CA   . TRP A 1 53  ? -4.437  -2.161  12.836  1.00 27.46 ? 1887 TRP A CA   1 
ATOM   242  C  C    . TRP A 1 53  ? -3.037  -1.523  12.960  1.00 24.48 ? 1887 TRP A C    1 
ATOM   243  O  O    . TRP A 1 53  ? -2.946  -0.359  13.369  1.00 25.55 ? 1887 TRP A O    1 
ATOM   244  C  CB   . TRP A 1 53  ? -4.859  -2.733  14.210  1.00 30.82 ? 1887 TRP A CB   1 
ATOM   245  C  CG   . TRP A 1 53  ? -4.187  -4.013  14.590  1.00 28.27 ? 1887 TRP A CG   1 
ATOM   246  C  CD1  . TRP A 1 53  ? -4.652  -5.278  14.351  1.00 27.83 ? 1887 TRP A CD1  1 
ATOM   247  C  CD2  . TRP A 1 53  ? -2.944  -4.164  15.298  1.00 29.48 ? 1887 TRP A CD2  1 
ATOM   248  N  NE1  . TRP A 1 53  ? -3.759  -6.203  14.844  1.00 32.43 ? 1887 TRP A NE1  1 
ATOM   249  C  CE2  . TRP A 1 53  ? -2.704  -5.546  15.427  1.00 31.04 ? 1887 TRP A CE2  1 
ATOM   250  C  CE3  . TRP A 1 53  ? -2.003  -3.264  15.819  1.00 27.77 ? 1887 TRP A CE3  1 
ATOM   251  C  CZ2  . TRP A 1 53  ? -1.562  -6.056  16.064  1.00 34.33 ? 1887 TRP A CZ2  1 
ATOM   252  C  CZ3  . TRP A 1 53  ? -0.865  -3.772  16.450  1.00 26.59 ? 1887 TRP A CZ3  1 
ATOM   253  C  CH2  . TRP A 1 53  ? -0.659  -5.153  16.569  1.00 32.94 ? 1887 TRP A CH2  1 
ATOM   254  N  N    . PRO A 1 54  ? -1.949  -2.247  12.606  1.00 22.70 ? 1888 PRO A N    1 
ATOM   255  C  CA   . PRO A 1 54  ? -0.644  -1.566  12.708  1.00 22.97 ? 1888 PRO A CA   1 
ATOM   256  C  C    . PRO A 1 54  ? -0.376  -0.567  11.578  1.00 25.19 ? 1888 PRO A C    1 
ATOM   257  O  O    . PRO A 1 54  ? 0.626   0.166   11.650  1.00 23.08 ? 1888 PRO A O    1 
ATOM   258  C  CB   . PRO A 1 54  ? 0.382   -2.712  12.627  1.00 24.24 ? 1888 PRO A CB   1 
ATOM   259  C  CG   . PRO A 1 54  ? -0.431  -4.005  12.764  1.00 25.35 ? 1888 PRO A CG   1 
ATOM   260  C  CD   . PRO A 1 54  ? -1.802  -3.676  12.259  1.00 22.05 ? 1888 PRO A CD   1 
ATOM   261  N  N    . PHE A 1 55  ? -1.247  -0.562  10.568  1.00 23.68 ? 1889 PHE A N    1 
ATOM   262  C  CA   . PHE A 1 55  ? -1.021  0.174   9.325   1.00 22.52 ? 1889 PHE A CA   1 
ATOM   263  C  C    . PHE A 1 55  ? -2.076  1.230   9.026   1.00 23.04 ? 1889 PHE A C    1 
ATOM   264  O  O    . PHE A 1 55  ? -1.995  1.912   8.009   1.00 20.88 ? 1889 PHE A O    1 
ATOM   265  C  CB   . PHE A 1 55  ? -0.929  -0.827  8.154   1.00 21.05 ? 1889 PHE A CB   1 
ATOM   266  C  CG   . PHE A 1 55  ? -0.084  -2.022  8.480   1.00 22.42 ? 1889 PHE A CG   1 
ATOM   267  C  CD1  . PHE A 1 55  ? 1.269   -1.863  8.772   1.00 22.63 ? 1889 PHE A CD1  1 
ATOM   268  C  CD2  . PHE A 1 55  ? -0.645  -3.299  8.554   1.00 21.14 ? 1889 PHE A CD2  1 
ATOM   269  C  CE1  . PHE A 1 55  ? 2.064   -2.959  9.120   1.00 21.33 ? 1889 PHE A CE1  1 
ATOM   270  C  CE2  . PHE A 1 55  ? 0.146   -4.411  8.895   1.00 21.10 ? 1889 PHE A CE2  1 
ATOM   271  C  CZ   . PHE A 1 55  ? 1.501   -4.235  9.179   1.00 19.48 ? 1889 PHE A CZ   1 
ATOM   272  N  N    . LEU A 1 56  ? -3.056  1.390   9.904   1.00 22.13 ? 1890 LEU A N    1 
ATOM   273  C  CA   . LEU A 1 56  ? -4.149  2.322   9.626   1.00 24.75 ? 1890 LEU A CA   1 
ATOM   274  C  C    . LEU A 1 56  ? -3.713  3.791   9.657   1.00 30.56 ? 1890 LEU A C    1 
ATOM   275  O  O    . LEU A 1 56  ? -4.211  4.601   8.861   1.00 26.89 ? 1890 LEU A O    1 
ATOM   276  C  CB   . LEU A 1 56  ? -5.298  2.107   10.615  1.00 25.13 ? 1890 LEU A CB   1 
ATOM   277  C  CG   . LEU A 1 56  ? -6.023  0.767   10.456  1.00 29.84 ? 1890 LEU A CG   1 
ATOM   278  C  CD1  . LEU A 1 56  ? -7.114  0.578   11.497  1.00 31.35 ? 1890 LEU A CD1  1 
ATOM   279  C  CD2  . LEU A 1 56  ? -6.616  0.647   9.048   1.00 29.64 ? 1890 LEU A CD2  1 
ATOM   280  N  N    . LEU A 1 57  ? -2.800  4.125   10.573  1.00 24.17 ? 1891 LEU A N    1 
ATOM   281  C  CA   . LEU A 1 57  ? -2.358  5.506   10.768  1.00 24.36 ? 1891 LEU A CA   1 
ATOM   282  C  C    . LEU A 1 57  ? -0.855  5.599   10.732  1.00 24.82 ? 1891 LEU A C    1 
ATOM   283  O  O    . LEU A 1 57  ? -0.168  4.599   10.937  1.00 23.41 ? 1891 LEU A O    1 
ATOM   284  C  CB   . LEU A 1 57  ? -2.878  6.050   12.102  1.00 28.21 ? 1891 LEU A CB   1 
ATOM   285  C  CG   . LEU A 1 57  ? -4.391  6.046   12.294  1.00 33.67 ? 1891 LEU A CG   1 
ATOM   286  C  CD1  . LEU A 1 57  ? -4.741  6.523   13.707  1.00 37.97 ? 1891 LEU A CD1  1 
ATOM   287  C  CD2  . LEU A 1 57  ? -5.056  6.931   11.268  1.00 33.29 ? 1891 LEU A CD2  1 
ATOM   288  N  N    . PRO A 1 58  ? -0.320  6.804   10.477  1.00 29.85 ? 1892 PRO A N    1 
ATOM   289  C  CA   . PRO A 1 58  ? 1.138   6.956   10.480  1.00 26.55 ? 1892 PRO A CA   1 
ATOM   290  C  C    . PRO A 1 58  ? 1.718   6.514   11.814  1.00 30.28 ? 1892 PRO A C    1 
ATOM   291  O  O    . PRO A 1 58  ? 1.083   6.723   12.853  1.00 27.39 ? 1892 PRO A O    1 
ATOM   292  C  CB   . PRO A 1 58  ? 1.350   8.464   10.289  1.00 27.45 ? 1892 PRO A CB   1 
ATOM   293  C  CG   . PRO A 1 58  ? 0.080   8.982   9.763   1.00 28.45 ? 1892 PRO A CG   1 
ATOM   294  C  CD   . PRO A 1 58  ? -1.016  8.087   10.272  1.00 27.65 ? 1892 PRO A CD   1 
ATOM   295  N  N    . VAL A 1 59  ? 2.881   5.888   11.788  1.00 23.58 ? 1893 VAL A N    1 
ATOM   296  C  CA   . VAL A 1 59  ? 3.596   5.580   13.026  1.00 28.26 ? 1893 VAL A CA   1 
ATOM   297  C  C    . VAL A 1 59  ? 3.933   6.901   13.715  1.00 32.36 ? 1893 VAL A C    1 
ATOM   298  O  O    . VAL A 1 59  ? 4.329   7.852   13.044  1.00 29.85 ? 1893 VAL A O    1 
ATOM   299  C  CB   . VAL A 1 59  ? 4.880   4.778   12.759  1.00 29.87 ? 1893 VAL A CB   1 
ATOM   300  C  CG1  . VAL A 1 59  ? 5.710   4.657   14.044  1.00 31.74 ? 1893 VAL A CG1  1 
ATOM   301  C  CG2  . VAL A 1 59  ? 4.547   3.394   12.188  1.00 25.21 ? 1893 VAL A CG2  1 
ATOM   302  N  N    . ASN A 1 60  ? 3.752   6.972   15.035  1.00 34.40 ? 1894 ASN A N    1 
ATOM   303  C  CA   . ASN A 1 60  ? 4.036   8.215   15.764  1.00 37.79 ? 1894 ASN A CA   1 
ATOM   304  C  C    . ASN A 1 60  ? 5.554   8.402   15.919  1.00 36.26 ? 1894 ASN A C    1 
ATOM   305  O  O    . ASN A 1 60  ? 6.201   7.695   16.696  1.00 39.28 ? 1894 ASN A O    1 
ATOM   306  C  CB   . ASN A 1 60  ? 3.334   8.208   17.134  1.00 41.12 ? 1894 ASN A CB   1 
ATOM   307  C  CG   . ASN A 1 60  ? 3.412   9.556   17.852  1.00 43.51 ? 1894 ASN A CG   1 
ATOM   308  O  OD1  . ASN A 1 60  ? 4.371   10.321  17.685  1.00 45.19 ? 1894 ASN A OD1  1 
ATOM   309  N  ND2  . ASN A 1 60  ? 2.397   9.850   18.653  1.00 42.95 ? 1894 ASN A ND2  1 
ATOM   310  N  N    . LEU A 1 61  ? 6.117   9.337   15.160  1.00 30.54 ? 1895 LEU A N    1 
ATOM   311  C  CA   . LEU A 1 61  ? 7.565   9.508   15.110  1.00 34.07 ? 1895 LEU A CA   1 
ATOM   312  C  C    . LEU A 1 61  ? 8.117   10.115  16.400  1.00 45.77 ? 1895 LEU A C    1 
ATOM   313  O  O    . LEU A 1 61  ? 9.309   9.986   16.697  1.00 43.18 ? 1895 LEU A O    1 
ATOM   314  C  CB   . LEU A 1 61  ? 7.962   10.366  13.904  1.00 36.04 ? 1895 LEU A CB   1 
ATOM   315  C  CG   . LEU A 1 61  ? 7.662   9.756   12.529  1.00 40.42 ? 1895 LEU A CG   1 
ATOM   316  C  CD1  . LEU A 1 61  ? 8.127   10.662  11.392  1.00 36.01 ? 1895 LEU A CD1  1 
ATOM   317  C  CD2  . LEU A 1 61  ? 8.296   8.372   12.402  1.00 31.33 ? 1895 LEU A CD2  1 
ATOM   318  N  N    . LYS A 1 62  ? 7.253   10.768  17.171  1.00 47.06 ? 1896 LYS A N    1 
ATOM   319  C  CA   . LYS A 1 62  ? 7.663   11.288  18.474  1.00 49.85 ? 1896 LYS A CA   1 
ATOM   320  C  C    . LYS A 1 62  ? 7.712   10.178  19.521  1.00 50.18 ? 1896 LYS A C    1 
ATOM   321  O  O    . LYS A 1 62  ? 8.537   10.221  20.431  1.00 50.79 ? 1896 LYS A O    1 
ATOM   322  C  CB   . LYS A 1 62  ? 6.721   12.400  18.948  1.00 43.81 ? 1896 LYS A CB   1 
ATOM   323  C  CG   . LYS A 1 62  ? 6.717   13.634  18.072  1.00 47.66 ? 1896 LYS A CG   1 
ATOM   324  C  CD   . LYS A 1 62  ? 5.891   14.738  18.710  1.00 56.00 ? 1896 LYS A CD   1 
ATOM   325  C  CE   . LYS A 1 62  ? 5.693   15.908  17.763  1.00 61.66 ? 1896 LYS A CE   1 
ATOM   326  N  NZ   . LYS A 1 62  ? 4.921   17.007  18.416  1.00 70.26 ? 1896 LYS A NZ   1 
ATOM   327  N  N    . LEU A 1 63  ? 6.848   9.176   19.384  1.00 40.74 ? 1897 LEU A N    1 
ATOM   328  C  CA   . LEU A 1 63  ? 6.693   8.179   20.441  1.00 40.02 ? 1897 LEU A CA   1 
ATOM   329  C  C    . LEU A 1 63  ? 7.343   6.830   20.167  1.00 42.18 ? 1897 LEU A C    1 
ATOM   330  O  O    . LEU A 1 63  ? 7.361   5.974   21.045  1.00 42.29 ? 1897 LEU A O    1 
ATOM   331  C  CB   . LEU A 1 63  ? 5.213   7.947   20.730  1.00 40.17 ? 1897 LEU A CB   1 
ATOM   332  C  CG   . LEU A 1 63  ? 4.422   9.195   21.132  1.00 49.85 ? 1897 LEU A CG   1 
ATOM   333  C  CD1  . LEU A 1 63  ? 3.038   8.794   21.587  1.00 44.57 ? 1897 LEU A CD1  1 
ATOM   334  C  CD2  . LEU A 1 63  ? 5.151   9.992   22.219  1.00 47.99 ? 1897 LEU A CD2  1 
ATOM   335  N  N    . VAL A 1 64  ? 7.861   6.627   18.962  1.00 42.53 ? 1898 VAL A N    1 
ATOM   336  C  CA   . VAL A 1 64  ? 8.485   5.347   18.629  1.00 32.84 ? 1898 VAL A CA   1 
ATOM   337  C  C    . VAL A 1 64  ? 9.951   5.572   18.304  1.00 39.90 ? 1898 VAL A C    1 
ATOM   338  O  O    . VAL A 1 64  ? 10.315  5.932   17.181  1.00 35.74 ? 1898 VAL A O    1 
ATOM   339  C  CB   . VAL A 1 64  ? 7.774   4.643   17.452  1.00 36.29 ? 1898 VAL A CB   1 
ATOM   340  C  CG1  . VAL A 1 64  ? 8.482   3.347   17.090  1.00 31.23 ? 1898 VAL A CG1  1 
ATOM   341  C  CG2  . VAL A 1 64  ? 6.312   4.373   17.799  1.00 36.37 ? 1898 VAL A CG2  1 
ATOM   342  N  N    . PRO A 1 65  ? 10.806  5.402   19.319  1.00 45.39 ? 1899 PRO A N    1 
ATOM   343  C  CA   . PRO A 1 65  ? 12.260  5.509   19.174  1.00 44.61 ? 1899 PRO A CA   1 
ATOM   344  C  C    . PRO A 1 65  ? 12.795  4.734   17.979  1.00 34.48 ? 1899 PRO A C    1 
ATOM   345  O  O    . PRO A 1 65  ? 12.440  3.573   17.763  1.00 38.17 ? 1899 PRO A O    1 
ATOM   346  C  CB   . PRO A 1 65  ? 12.775  4.923   20.494  1.00 47.25 ? 1899 PRO A CB   1 
ATOM   347  C  CG   . PRO A 1 65  ? 11.732  5.353   21.480  1.00 48.07 ? 1899 PRO A CG   1 
ATOM   348  C  CD   . PRO A 1 65  ? 10.405  5.253   20.730  1.00 41.21 ? 1899 PRO A CD   1 
ATOM   349  N  N    . GLY A 1 66  ? 13.635  5.396   17.200  1.00 31.83 ? 1900 GLY A N    1 
ATOM   350  C  CA   . GLY A 1 66  ? 14.314  4.760   16.091  1.00 34.80 ? 1900 GLY A CA   1 
ATOM   351  C  C    . GLY A 1 66  ? 13.599  4.900   14.760  1.00 35.45 ? 1900 GLY A C    1 
ATOM   352  O  O    . GLY A 1 66  ? 14.238  4.856   13.700  1.00 32.87 ? 1900 GLY A O    1 
ATOM   353  N  N    . TYR A 1 67  ? 12.282  5.080   14.799  1.00 30.64 ? 1901 TYR A N    1 
ATOM   354  C  CA   . TYR A 1 67  ? 11.512  4.974   13.552  1.00 34.15 ? 1901 TYR A CA   1 
ATOM   355  C  C    . TYR A 1 67  ? 11.888  6.055   12.546  1.00 30.99 ? 1901 TYR A C    1 
ATOM   356  O  O    . TYR A 1 67  ? 12.047  5.770   11.353  1.00 30.86 ? 1901 TYR A O    1 
ATOM   357  C  CB   . TYR A 1 67  ? 9.996   5.015   13.809  1.00 28.97 ? 1901 TYR A CB   1 
ATOM   358  C  CG   . TYR A 1 67  ? 9.235   4.284   12.711  1.00 27.12 ? 1901 TYR A CG   1 
ATOM   359  C  CD1  . TYR A 1 67  ? 9.108   2.895   12.727  1.00 27.50 ? 1901 TYR A CD1  1 
ATOM   360  C  CD2  . TYR A 1 67  ? 8.693   4.975   11.634  1.00 28.93 ? 1901 TYR A CD2  1 
ATOM   361  C  CE1  . TYR A 1 67  ? 8.430   2.216   11.707  1.00 28.41 ? 1901 TYR A CE1  1 
ATOM   362  C  CE2  . TYR A 1 67  ? 8.019   4.304   10.602  1.00 29.68 ? 1901 TYR A CE2  1 
ATOM   363  C  CZ   . TYR A 1 67  ? 7.884   2.931   10.645  1.00 30.67 ? 1901 TYR A CZ   1 
ATOM   364  O  OH   . TYR A 1 67  ? 7.210   2.268   9.619   1.00 26.36 ? 1901 TYR A OH   1 
ATOM   365  N  N    . LYS A 1 68  ? 12.040  7.289   13.027  1.00 33.45 ? 1902 LYS A N    1 
ATOM   366  C  CA   . LYS A 1 68  ? 12.298  8.414   12.135  1.00 36.81 ? 1902 LYS A CA   1 
ATOM   367  C  C    . LYS A 1 68  ? 13.640  8.276   11.422  1.00 34.98 ? 1902 LYS A C    1 
ATOM   368  O  O    . LYS A 1 68  ? 13.737  8.532   10.228  1.00 33.70 ? 1902 LYS A O    1 
ATOM   369  C  CB   . LYS A 1 68  ? 12.240  9.734   12.908  1.00 39.28 ? 1902 LYS A CB   1 
ATOM   370  C  CG   . LYS A 1 68  ? 12.190  10.966  12.009  1.00 41.37 ? 1902 LYS A CG   1 
ATOM   371  C  CD   . LYS A 1 68  ? 11.953  12.235  12.820  1.00 52.24 ? 1902 LYS A CD   1 
ATOM   372  C  CE   . LYS A 1 68  ? 11.646  13.442  11.930  1.00 59.74 ? 1902 LYS A CE   1 
ATOM   373  N  NZ   . LYS A 1 68  ? 12.699  13.710  10.908  1.00 58.76 ? 1902 LYS A NZ   1 
ATOM   374  N  N    . LYS A 1 69  ? 14.671  7.870   12.156  1.00 32.23 ? 1903 LYS A N    1 
ATOM   375  C  CA   . LYS A 1 69  ? 16.012  7.764   11.587  1.00 33.58 ? 1903 LYS A CA   1 
ATOM   376  C  C    . LYS A 1 69  ? 16.122  6.586   10.634  1.00 32.49 ? 1903 LYS A C    1 
ATOM   377  O  O    . LYS A 1 69  ? 16.778  6.655   9.593   1.00 38.05 ? 1903 LYS A O    1 
ATOM   378  C  CB   . LYS A 1 69  ? 17.057  7.624   12.707  1.00 37.48 ? 1903 LYS A CB   1 
ATOM   379  C  CG   . LYS A 1 69  ? 18.495  7.589   12.213  1.00 34.64 ? 1903 LYS A CG   1 
ATOM   380  C  CD   . LYS A 1 69  ? 18.850  8.893   11.533  1.00 32.79 ? 1903 LYS A CD   1 
ATOM   381  C  CE   . LYS A 1 69  ? 20.305  8.912   11.106  1.00 34.52 ? 1903 LYS A CE   1 
ATOM   382  N  NZ   . LYS A 1 69  ? 21.173  9.352   12.212  1.00 38.13 ? 1903 LYS A NZ   1 
ATOM   383  N  N    . VAL A 1 70  ? 15.473  5.492   11.001  1.00 31.00 ? 1904 VAL A N    1 
ATOM   384  C  CA   . VAL A 1 70  ? 15.626  4.238   10.283  1.00 27.70 ? 1904 VAL A CA   1 
ATOM   385  C  C    . VAL A 1 70  ? 14.754  4.135   9.035   1.00 32.23 ? 1904 VAL A C    1 
ATOM   386  O  O    . VAL A 1 70  ? 15.212  3.683   7.983   1.00 29.53 ? 1904 VAL A O    1 
ATOM   387  C  CB   . VAL A 1 70  ? 15.303  3.058   11.224  1.00 28.13 ? 1904 VAL A CB   1 
ATOM   388  C  CG1  . VAL A 1 70  ? 15.247  1.751   10.459  1.00 33.30 ? 1904 VAL A CG1  1 
ATOM   389  C  CG2  . VAL A 1 70  ? 16.341  3.005   12.342  1.00 31.31 ? 1904 VAL A CG2  1 
ATOM   390  N  N    . ILE A 1 71  ? 13.503  4.555   9.149   1.00 30.00 ? 1905 ILE A N    1 
ATOM   391  C  CA   . ILE A 1 71  ? 12.543  4.385   8.051   1.00 30.13 ? 1905 ILE A CA   1 
ATOM   392  C  C    . ILE A 1 71  ? 12.462  5.660   7.237   1.00 29.74 ? 1905 ILE A C    1 
ATOM   393  O  O    . ILE A 1 71  ? 11.838  6.638   7.643   1.00 27.68 ? 1905 ILE A O    1 
ATOM   394  C  CB   . ILE A 1 71  ? 11.137  4.007   8.572   1.00 33.08 ? 1905 ILE A CB   1 
ATOM   395  C  CG1  . ILE A 1 71  ? 11.219  2.732   9.411   1.00 27.90 ? 1905 ILE A CG1  1 
ATOM   396  C  CG2  . ILE A 1 71  ? 10.158  3.817   7.379   1.00 28.70 ? 1905 ILE A CG2  1 
ATOM   397  C  CD1  . ILE A 1 71  ? 11.580  1.486   8.588   1.00 26.15 ? 1905 ILE A CD1  1 
ATOM   398  N  N    . LYS A 1 72  ? 13.115  5.648   6.085   1.00 27.83 ? 1906 LYS A N    1 
ATOM   399  C  CA   . LYS A 1 72  ? 13.326  6.873   5.332   1.00 35.94 ? 1906 LYS A CA   1 
ATOM   400  C  C    . LYS A 1 72  ? 12.040  7.398   4.686   1.00 37.14 ? 1906 LYS A C    1 
ATOM   401  O  O    . LYS A 1 72  ? 11.867  8.605   4.527   1.00 32.63 ? 1906 LYS A O    1 
ATOM   402  C  CB   . LYS A 1 72  ? 14.404  6.642   4.268   1.00 34.65 ? 1906 LYS A CB   1 
ATOM   403  C  CG   . LYS A 1 72  ? 15.747  6.179   4.848   1.00 37.05 ? 1906 LYS A CG   1 
ATOM   404  C  CD   . LYS A 1 72  ? 16.322  7.209   5.805   1.00 37.78 ? 1906 LYS A CD   1 
ATOM   405  C  CE   . LYS A 1 72  ? 17.580  6.694   6.498   1.00 41.91 ? 1906 LYS A CE   1 
ATOM   406  N  NZ   . LYS A 1 72  ? 18.167  7.716   7.436   1.00 45.91 ? 1906 LYS A NZ   1 
ATOM   407  N  N    . LYS A 1 73  ? 11.134  6.490   4.334   1.00 28.59 ? 1907 LYS A N    1 
ATOM   408  C  CA   . LYS A 1 73  ? 9.862   6.884   3.748   1.00 28.45 ? 1907 LYS A CA   1 
ATOM   409  C  C    . LYS A 1 73  ? 8.687   6.204   4.438   1.00 25.47 ? 1907 LYS A C    1 
ATOM   410  O  O    . LYS A 1 73  ? 8.224   5.160   3.972   1.00 27.58 ? 1907 LYS A O    1 
ATOM   411  C  CB   . LYS A 1 73  ? 9.848   6.554   2.256   1.00 29.62 ? 1907 LYS A CB   1 
ATOM   412  C  CG   . LYS A 1 73  ? 10.964  7.264   1.476   1.00 39.11 ? 1907 LYS A CG   1 
ATOM   413  C  CD   . LYS A 1 73  ? 11.136  6.683   0.076   1.00 46.54 ? 1907 LYS A CD   1 
ATOM   414  C  CE   . LYS A 1 73  ? 10.001  7.105   -0.855  1.00 54.20 ? 1907 LYS A CE   1 
ATOM   415  N  NZ   . LYS A 1 73  ? 10.197  6.591   -2.249  1.00 59.15 ? 1907 LYS A NZ   1 
ATOM   416  N  N    . PRO A 1 74  ? 8.215   6.781   5.556   1.00 25.37 ? 1908 PRO A N    1 
ATOM   417  C  CA   . PRO A 1 74  ? 7.038   6.217   6.237   1.00 27.03 ? 1908 PRO A CA   1 
ATOM   418  C  C    . PRO A 1 74  ? 5.823   6.186   5.305   1.00 25.44 ? 1908 PRO A C    1 
ATOM   419  O  O    . PRO A 1 74  ? 5.658   7.088   4.472   1.00 23.92 ? 1908 PRO A O    1 
ATOM   420  C  CB   . PRO A 1 74  ? 6.807   7.180   7.415   1.00 23.33 ? 1908 PRO A CB   1 
ATOM   421  C  CG   . PRO A 1 74  ? 8.144   7.798   7.655   1.00 26.01 ? 1908 PRO A CG   1 
ATOM   422  C  CD   . PRO A 1 74  ? 8.822   7.885   6.314   1.00 31.69 ? 1908 PRO A CD   1 
ATOM   423  N  N    . MET A 1 75  ? 4.989   5.157   5.432   1.00 22.49 ? 1909 MET A N    1 
ATOM   424  C  CA   . MET A 1 75  ? 3.739   5.103   4.660   1.00 21.59 ? 1909 MET A CA   1 
ATOM   425  C  C    . MET A 1 75  ? 2.720   4.274   5.447   1.00 23.41 ? 1909 MET A C    1 
ATOM   426  O  O    . MET A 1 75  ? 3.102   3.365   6.204   1.00 20.53 ? 1909 MET A O    1 
ATOM   427  C  CB   . MET A 1 75  ? 3.988   4.531   3.244   1.00 18.06 ? 1909 MET A CB   1 
ATOM   428  C  CG   . MET A 1 75  ? 2.769   4.572   2.301   1.00 19.88 ? 1909 MET A CG   1 
ATOM   429  S  SD   . MET A 1 75  ? 2.011   6.226   2.135   1.00 23.97 ? 1909 MET A SD   1 
ATOM   430  C  CE   . MET A 1 75  ? 3.452   7.166   1.606   1.00 24.26 ? 1909 MET A CE   1 
ATOM   431  N  N    . ASP A 1 76  ? 1.444   4.629   5.319   1.00 18.81 ? 1910 ASP A N    1 
ATOM   432  C  CA   . ASP A 1 76  ? 0.368   3.924   5.996   1.00 19.50 ? 1910 ASP A CA   1 
ATOM   433  C  C    . ASP A 1 76  ? -0.919  4.043   5.191   1.00 22.32 ? 1910 ASP A C    1 
ATOM   434  O  O    . ASP A 1 76  ? -0.998  4.866   4.286   1.00 22.64 ? 1910 ASP A O    1 
ATOM   435  C  CB   . ASP A 1 76  ? 0.131   4.506   7.394   1.00 19.55 ? 1910 ASP A CB   1 
ATOM   436  C  CG   . ASP A 1 76  ? -0.464  5.905   7.335   1.00 22.15 ? 1910 ASP A CG   1 
ATOM   437  O  OD1  . ASP A 1 76  ? 0.298   6.856   7.059   1.00 24.46 ? 1910 ASP A OD1  1 
ATOM   438  O  OD2  . ASP A 1 76  ? -1.680  6.043   7.552   1.00 26.00 ? 1910 ASP A OD2  1 
ATOM   439  N  N    . PHE A 1 77  ? -1.935  3.253   5.549   1.00 16.89 ? 1911 PHE A N    1 
ATOM   440  C  CA   . PHE A 1 77  ? -3.148  3.198   4.744   1.00 19.96 ? 1911 PHE A CA   1 
ATOM   441  C  C    . PHE A 1 77  ? -3.864  4.545   4.669   1.00 24.38 ? 1911 PHE A C    1 
ATOM   442  O  O    . PHE A 1 77  ? -4.399  4.883   3.615   1.00 24.20 ? 1911 PHE A O    1 
ATOM   443  C  CB   . PHE A 1 77  ? -4.119  2.134   5.283   1.00 22.34 ? 1911 PHE A CB   1 
ATOM   444  C  CG   . PHE A 1 77  ? -3.614  0.702   5.135   1.00 23.41 ? 1911 PHE A CG   1 
ATOM   445  C  CD1  . PHE A 1 77  ? -2.531  0.399   4.303   1.00 20.05 ? 1911 PHE A CD1  1 
ATOM   446  C  CD2  . PHE A 1 77  ? -4.240  -0.336  5.809   1.00 23.99 ? 1911 PHE A CD2  1 
ATOM   447  C  CE1  . PHE A 1 77  ? -2.074  -0.915  4.189   1.00 20.77 ? 1911 PHE A CE1  1 
ATOM   448  C  CE2  . PHE A 1 77  ? -3.783  -1.644  5.684   1.00 22.42 ? 1911 PHE A CE2  1 
ATOM   449  C  CZ   . PHE A 1 77  ? -2.701  -1.930  4.863   1.00 22.63 ? 1911 PHE A CZ   1 
ATOM   450  N  N    . SER A 1 78  ? -3.896  5.315   5.762   1.00 24.52 ? 1912 SER A N    1 
ATOM   451  C  CA   . SER A 1 78  ? -4.653  6.582   5.745   1.00 23.30 ? 1912 SER A CA   1 
ATOM   452  C  C    . SER A 1 78  ? -3.977  7.606   4.821   1.00 29.45 ? 1912 SER A C    1 
ATOM   453  O  O    . SER A 1 78  ? -4.651  8.411   4.152   1.00 26.11 ? 1912 SER A O    1 
ATOM   454  C  CB   . SER A 1 78  ? -4.812  7.158   7.174   1.00 25.91 ? 1912 SER A CB   1 
ATOM   455  O  OG   . SER A 1 78  ? -3.609  7.767   7.636   1.00 26.03 ? 1912 SER A OG   1 
ATOM   456  N  N    . THR A 1 79  ? -2.652  7.548   4.753   1.00 23.71 ? 1913 THR A N    1 
ATOM   457  C  CA   . THR A 1 79  ? -1.890  8.434   3.888   1.00 20.99 ? 1913 THR A CA   1 
ATOM   458  C  C    . THR A 1 79  ? -2.103  8.021   2.424   1.00 24.44 ? 1913 THR A C    1 
ATOM   459  O  O    . THR A 1 79  ? -2.260  8.871   1.528   1.00 24.45 ? 1913 THR A O    1 
ATOM   460  C  CB   . THR A 1 79  ? -0.403  8.426   4.267   1.00 29.07 ? 1913 THR A CB   1 
ATOM   461  O  OG1  . THR A 1 79  ? -0.263  8.902   5.617   1.00 24.26 ? 1913 THR A OG1  1 
ATOM   462  C  CG2  . THR A 1 79  ? 0.397   9.336   3.334   1.00 27.56 ? 1913 THR A CG2  1 
ATOM   463  N  N    . ILE A 1 80  ? -2.157  6.717   2.187   1.00 21.86 ? 1914 ILE A N    1 
ATOM   464  C  CA   . ILE A 1 80  ? -2.479  6.224   0.847   1.00 22.42 ? 1914 ILE A CA   1 
ATOM   465  C  C    . ILE A 1 80  ? -3.889  6.656   0.458   1.00 27.07 ? 1914 ILE A C    1 
ATOM   466  O  O    . ILE A 1 80  ? -4.110  7.107   -0.666  1.00 26.45 ? 1914 ILE A O    1 
ATOM   467  C  CB   . ILE A 1 80  ? -2.350  4.696   0.768   1.00 22.68 ? 1914 ILE A CB   1 
ATOM   468  C  CG1  . ILE A 1 80  ? -0.897  4.278   1.056   1.00 19.62 ? 1914 ILE A CG1  1 
ATOM   469  C  CG2  . ILE A 1 80  ? -2.845  4.175   -0.580  1.00 21.87 ? 1914 ILE A CG2  1 
ATOM   470  C  CD1  . ILE A 1 80  ? -0.712  2.747   1.199   1.00 21.04 ? 1914 ILE A CD1  1 
ATOM   471  N  N    . ARG A 1 81  ? -4.835  6.543   1.388   1.00 21.64 ? 1915 ARG A N    1 
ATOM   472  C  CA   . ARG A 1 81  ? -6.222  6.925   1.092   1.00 25.26 ? 1915 ARG A CA   1 
ATOM   473  C  C    . ARG A 1 81  ? -6.322  8.416   0.726   1.00 30.38 ? 1915 ARG A C    1 
ATOM   474  O  O    . ARG A 1 81  ? -7.013  8.794   -0.234  1.00 27.78 ? 1915 ARG A O    1 
ATOM   475  C  CB   . ARG A 1 81  ? -7.125  6.584   2.284   1.00 28.00 ? 1915 ARG A CB   1 
ATOM   476  C  CG   . ARG A 1 81  ? -8.548  7.143   2.221   1.00 31.56 ? 1915 ARG A CG   1 
ATOM   477  C  CD   . ARG A 1 81  ? -9.398  6.473   1.168   1.00 28.68 ? 1915 ARG A CD   1 
ATOM   478  N  NE   . ARG A 1 81  ? -9.718  5.080   1.460   1.00 28.79 ? 1915 ARG A NE   1 
ATOM   479  C  CZ   . ARG A 1 81  ? -10.254 4.252   0.564   1.00 30.26 ? 1915 ARG A CZ   1 
ATOM   480  N  NH1  . ARG A 1 81  ? -10.521 4.678   -0.663  1.00 30.92 ? 1915 ARG A NH1  1 
ATOM   481  N  NH2  . ARG A 1 81  ? -10.511 2.998   0.876   1.00 32.41 ? 1915 ARG A NH2  1 
ATOM   482  N  N    . GLU A 1 82  ? -5.614  9.262   1.462   1.00 25.54 ? 1916 GLU A N    1 
ATOM   483  C  CA   . GLU A 1 82  ? -5.604  10.697  1.169   1.00 28.58 ? 1916 GLU A CA   1 
ATOM   484  C  C    . GLU A 1 82  ? -4.958  10.995  -0.195  1.00 35.66 ? 1916 GLU A C    1 
ATOM   485  O  O    . GLU A 1 82  ? -5.468  11.811  -0.968  1.00 32.86 ? 1916 GLU A O    1 
ATOM   486  C  CB   . GLU A 1 82  ? -4.873  11.458  2.274   1.00 30.47 ? 1916 GLU A CB   1 
ATOM   487  C  CG   . GLU A 1 82  ? -4.894  12.977  2.098   1.00 37.41 ? 1916 GLU A CG   1 
ATOM   488  C  CD   . GLU A 1 82  ? -6.295  13.574  2.207   1.00 42.32 ? 1916 GLU A CD   1 
ATOM   489  O  OE1  . GLU A 1 82  ? -7.105  13.076  3.016   1.00 38.45 ? 1916 GLU A OE1  1 
ATOM   490  O  OE2  . GLU A 1 82  ? -6.587  14.548  1.469   1.00 48.50 ? 1916 GLU A OE2  1 
ATOM   491  N  N    . LYS A 1 83  ? -3.845  10.326  -0.496  1.00 29.13 ? 1917 LYS A N    1 
ATOM   492  C  CA   . LYS A 1 83  ? -3.177  10.500  -1.784  1.00 27.86 ? 1917 LYS A CA   1 
ATOM   493  C  C    . LYS A 1 83  ? -4.075  10.047  -2.941  1.00 28.44 ? 1917 LYS A C    1 
ATOM   494  O  O    . LYS A 1 83  ? -4.126  10.701  -4.003  1.00 31.07 ? 1917 LYS A O    1 
ATOM   495  C  CB   . LYS A 1 83  ? -1.849  9.734   -1.817  1.00 27.67 ? 1917 LYS A CB   1 
ATOM   496  C  CG   . LYS A 1 83  ? -0.748  10.392  -0.986  1.00 24.70 ? 1917 LYS A CG   1 
ATOM   497  C  CD   . LYS A 1 83  ? 0.514   9.583   -0.972  1.00 25.60 ? 1917 LYS A CD   1 
ATOM   498  C  CE   . LYS A 1 83  ? 1.193   9.625   -2.318  1.00 25.24 ? 1917 LYS A CE   1 
ATOM   499  N  NZ   . LYS A 1 83  ? 2.554   9.103   -2.198  1.00 27.92 ? 1917 LYS A NZ   1 
ATOM   500  N  N    . LEU A 1 84  ? -4.772  8.932   -2.746  1.00 24.36 ? 1918 LEU A N    1 
ATOM   501  C  CA   . LEU A 1 84  ? -5.671  8.414   -3.782  1.00 29.38 ? 1918 LEU A CA   1 
ATOM   502  C  C    . LEU A 1 84  ? -6.836  9.384   -4.026  1.00 34.69 ? 1918 LEU A C    1 
ATOM   503  O  O    . LEU A 1 84  ? -7.130  9.734   -5.173  1.00 35.47 ? 1918 LEU A O    1 
ATOM   504  C  CB   . LEU A 1 84  ? -6.206  7.030   -3.403  1.00 27.83 ? 1918 LEU A CB   1 
ATOM   505  C  CG   . LEU A 1 84  ? -6.946  6.191   -4.462  1.00 23.28 ? 1918 LEU A CG   1 
ATOM   506  C  CD1  . LEU A 1 84  ? -6.018  5.839   -5.627  1.00 23.11 ? 1918 LEU A CD1  1 
ATOM   507  C  CD2  . LEU A 1 84  ? -7.536  4.905   -3.863  1.00 26.63 ? 1918 LEU A CD2  1 
ATOM   508  N  N    . SER A 1 85  ? -7.481  9.821   -2.945  1.00 28.50 ? 1919 SER A N    1 
ATOM   509  C  CA   . SER A 1 85  ? -8.652  10.699  -3.033  1.00 31.88 ? 1919 SER A CA   1 
ATOM   510  C  C    . SER A 1 85  ? -8.360  12.096  -3.581  1.00 30.78 ? 1919 SER A C    1 
ATOM   511  O  O    . SER A 1 85  ? -9.297  12.860  -3.852  1.00 32.47 ? 1919 SER A O    1 
ATOM   512  C  CB   . SER A 1 85  ? -9.311  10.848  -1.649  1.00 32.14 ? 1919 SER A CB   1 
ATOM   513  O  OG   . SER A 1 85  ? -9.834  9.611   -1.184  1.00 35.57 ? 1919 SER A OG   1 
ATOM   514  N  N    . SER A 1 86  ? -7.086  12.441  -3.731  1.00 28.04 ? 1920 SER A N    1 
ATOM   515  C  CA   . SER A 1 86  ? -6.713  13.794  -4.111  1.00 29.03 ? 1920 SER A CA   1 
ATOM   516  C  C    . SER A 1 86  ? -5.829  13.805  -5.367  1.00 27.11 ? 1920 SER A C    1 
ATOM   517  O  O    . SER A 1 86  ? -5.099  14.773  -5.625  1.00 29.55 ? 1920 SER A O    1 
ATOM   518  C  CB   . SER A 1 86  ? -6.015  14.482  -2.942  1.00 29.68 ? 1920 SER A CB   1 
ATOM   519  O  OG   . SER A 1 86  ? -4.794  13.836  -2.604  1.00 32.18 ? 1920 SER A OG   1 
ATOM   520  N  N    . GLY A 1 87  ? -5.898  12.713  -6.140  1.00 27.54 ? 1921 GLY A N    1 
ATOM   521  C  CA   . GLY A 1 87  ? -5.228  12.625  -7.430  1.00 26.33 ? 1921 GLY A CA   1 
ATOM   522  C  C    . GLY A 1 87  ? -3.716  12.659  -7.395  1.00 28.97 ? 1921 GLY A C    1 
ATOM   523  O  O    . GLY A 1 87  ? -3.066  13.161  -8.319  1.00 29.23 ? 1921 GLY A O    1 
ATOM   524  N  N    . GLN A 1 88  ? -3.123  12.096  -6.348  1.00 26.51 ? 1922 GLN A N    1 
ATOM   525  C  CA   . GLN A 1 88  ? -1.667  12.110  -6.245  1.00 28.82 ? 1922 GLN A CA   1 
ATOM   526  C  C    . GLN A 1 88  ? -0.979  10.827  -6.763  1.00 29.58 ? 1922 GLN A C    1 
ATOM   527  O  O    . GLN A 1 88  ? 0.255   10.750  -6.797  1.00 27.56 ? 1922 GLN A O    1 
ATOM   528  C  CB   . GLN A 1 88  ? -1.264  12.379  -4.793  1.00 30.85 ? 1922 GLN A CB   1 
ATOM   529  C  CG   . GLN A 1 88  ? -1.699  13.767  -4.301  1.00 30.40 ? 1922 GLN A CG   1 
ATOM   530  C  CD   . GLN A 1 88  ? -1.148  14.091  -2.920  1.00 31.09 ? 1922 GLN A CD   1 
ATOM   531  O  OE1  . GLN A 1 88  ? 0.064   14.158  -2.727  1.00 34.07 ? 1922 GLN A OE1  1 
ATOM   532  N  NE2  . GLN A 1 88  ? -2.037  14.270  -1.952  1.00 33.81 ? 1922 GLN A NE2  1 
ATOM   533  N  N    . TYR A 1 89  ? -1.768  9.829   -7.160  1.00 27.49 ? 1923 TYR A N    1 
ATOM   534  C  CA   . TYR A 1 89  ? -1.217  8.678   -7.887  1.00 23.80 ? 1923 TYR A CA   1 
ATOM   535  C  C    . TYR A 1 89  ? -1.449  8.846   -9.389  1.00 26.38 ? 1923 TYR A C    1 
ATOM   536  O  O    . TYR A 1 89  ? -2.592  8.834   -9.852  1.00 27.24 ? 1923 TYR A O    1 
ATOM   537  C  CB   . TYR A 1 89  ? -1.833  7.354   -7.415  1.00 22.78 ? 1923 TYR A CB   1 
ATOM   538  C  CG   . TYR A 1 89  ? -1.456  7.038   -5.980  1.00 21.92 ? 1923 TYR A CG   1 
ATOM   539  C  CD1  . TYR A 1 89  ? -0.126  6.827   -5.623  1.00 26.63 ? 1923 TYR A CD1  1 
ATOM   540  C  CD2  . TYR A 1 89  ? -2.425  6.976   -4.986  1.00 24.19 ? 1923 TYR A CD2  1 
ATOM   541  C  CE1  . TYR A 1 89  ? 0.235   6.560   -4.290  1.00 25.23 ? 1923 TYR A CE1  1 
ATOM   542  C  CE2  . TYR A 1 89  ? -2.081  6.712   -3.655  1.00 25.30 ? 1923 TYR A CE2  1 
ATOM   543  C  CZ   . TYR A 1 89  ? -0.749  6.506   -3.317  1.00 23.18 ? 1923 TYR A CZ   1 
ATOM   544  O  OH   . TYR A 1 89  ? -0.401  6.250   -1.999  1.00 23.48 ? 1923 TYR A OH   1 
ATOM   545  N  N    . PRO A 1 90  ? -0.361  9.002   -10.150 1.00 27.60 ? 1924 PRO A N    1 
ATOM   546  C  CA   . PRO A 1 90  ? -0.487  9.140   -11.604 1.00 33.32 ? 1924 PRO A CA   1 
ATOM   547  C  C    . PRO A 1 90  ? -0.950  7.854   -12.292 1.00 35.23 ? 1924 PRO A C    1 
ATOM   548  O  O    . PRO A 1 90  ? -1.529  7.934   -13.375 1.00 33.60 ? 1924 PRO A O    1 
ATOM   549  C  CB   . PRO A 1 90  ? 0.929   9.521   -12.053 1.00 33.47 ? 1924 PRO A CB   1 
ATOM   550  C  CG   . PRO A 1 90  ? 1.821   9.165   -10.922 1.00 36.92 ? 1924 PRO A CG   1 
ATOM   551  C  CD   . PRO A 1 90  ? 1.001   9.288   -9.674  1.00 31.97 ? 1924 PRO A CD   1 
ATOM   552  N  N    . ASN A 1 91  ? -0.730  6.691   -11.679 1.00 25.09 ? 1925 ASN A N    1 
ATOM   553  C  CA   . ASN A 1 91  ? -1.169  5.442   -12.292 1.00 28.04 ? 1925 ASN A CA   1 
ATOM   554  C  C    . ASN A 1 91  ? -1.272  4.326   -11.258 1.00 30.68 ? 1925 ASN A C    1 
ATOM   555  O  O    . ASN A 1 91  ? -0.849  4.508   -10.111 1.00 28.24 ? 1925 ASN A O    1 
ATOM   556  C  CB   . ASN A 1 91  ? -0.207  5.038   -13.404 1.00 29.16 ? 1925 ASN A CB   1 
ATOM   557  C  CG   . ASN A 1 91  ? 1.214   4.933   -12.909 1.00 32.67 ? 1925 ASN A CG   1 
ATOM   558  O  OD1  . ASN A 1 91  ? 1.519   4.137   -12.015 1.00 35.07 ? 1925 ASN A OD1  1 
ATOM   559  N  ND2  . ASN A 1 91  ? 2.093   5.745   -13.468 1.00 33.39 ? 1925 ASN A ND2  1 
ATOM   560  N  N    A LEU A 1 92  ? -1.843  3.198   -11.681 0.25 29.47 ? 1926 LEU A N    1 
ATOM   561  N  N    B LEU A 1 92  ? -1.812  3.167   -11.637 0.75 29.44 ? 1926 LEU A N    1 
ATOM   562  C  CA   A LEU A 1 92  ? -1.979  2.000   -10.852 0.25 30.93 ? 1926 LEU A CA   1 
ATOM   563  C  CA   B LEU A 1 92  ? -2.032  2.116   -10.628 0.75 30.75 ? 1926 LEU A CA   1 
ATOM   564  C  C    A LEU A 1 92  ? -0.717  1.662   -10.086 0.25 30.07 ? 1926 LEU A C    1 
ATOM   565  C  C    B LEU A 1 92  ? -0.710  1.548   -10.071 0.75 30.09 ? 1926 LEU A C    1 
ATOM   566  O  O    A LEU A 1 92  ? -0.743  1.386   -8.885  0.25 28.24 ? 1926 LEU A O    1 
ATOM   567  O  O    B LEU A 1 92  ? -0.684  1.007   -8.960  0.75 27.71 ? 1926 LEU A O    1 
ATOM   568  C  CB   A LEU A 1 92  ? -2.345  0.797   -11.723 0.25 33.23 ? 1926 LEU A CB   1 
ATOM   569  C  CB   B LEU A 1 92  ? -2.904  0.975   -11.189 0.75 30.88 ? 1926 LEU A CB   1 
ATOM   570  C  CG   A LEU A 1 92  ? -3.797  0.583   -12.124 0.25 30.87 ? 1926 LEU A CG   1 
ATOM   571  C  CG   B LEU A 1 92  ? -2.195  -0.029  -12.099 0.75 32.43 ? 1926 LEU A CG   1 
ATOM   572  C  CD1  A LEU A 1 92  ? -3.894  -0.611  -13.063 0.25 32.82 ? 1926 LEU A CD1  1 
ATOM   573  C  CD1  B LEU A 1 92  ? -3.121  -1.174  -12.462 0.75 30.42 ? 1926 LEU A CD1  1 
ATOM   574  C  CD2  A LEU A 1 92  ? -4.620  0.356   -10.891 0.25 31.14 ? 1926 LEU A CD2  1 
ATOM   575  C  CD2  B LEU A 1 92  ? -1.713  0.680   -13.345 0.75 34.42 ? 1926 LEU A CD2  1 
ATOM   576  N  N    . GLU A 1 93  ? 0.392   1.673   -10.808 1.00 30.65 ? 1927 GLU A N    1 
ATOM   577  C  CA   . GLU A 1 93  ? 1.655   1.161   -10.295 1.00 33.42 ? 1927 GLU A CA   1 
ATOM   578  C  C    . GLU A 1 93  ? 2.228   2.009   -9.155  1.00 33.99 ? 1927 GLU A C    1 
ATOM   579  O  O    . GLU A 1 93  ? 2.809   1.475   -8.200  1.00 29.31 ? 1927 GLU A O    1 
ATOM   580  C  CB   . GLU A 1 93  ? 2.673   1.037   -11.434 1.00 33.55 ? 1927 GLU A CB   1 
ATOM   581  C  CG   . GLU A 1 93  ? 2.209   0.090   -12.556 1.00 42.93 ? 1927 GLU A CG   1 
ATOM   582  C  CD   . GLU A 1 93  ? 1.884   -1.346  -12.077 1.00 49.23 ? 1927 GLU A CD   1 
ATOM   583  O  OE1  . GLU A 1 93  ? 2.462   -1.806  -11.058 1.00 48.56 ? 1927 GLU A OE1  1 
ATOM   584  O  OE2  . GLU A 1 93  ? 1.050   -2.022  -12.731 1.00 46.23 ? 1927 GLU A OE2  1 
ATOM   585  N  N    . THR A 1 94  ? 2.063   3.325   -9.236  1.00 25.30 ? 1928 THR A N    1 
ATOM   586  C  CA   . THR A 1 94  ? 2.543   4.167   -8.150  1.00 27.27 ? 1928 THR A CA   1 
ATOM   587  C  C    . THR A 1 94  ? 1.718   3.873   -6.894  1.00 25.37 ? 1928 THR A C    1 
ATOM   588  O  O    . THR A 1 94  ? 2.223   3.982   -5.777  1.00 24.28 ? 1928 THR A O    1 
ATOM   589  C  CB   . THR A 1 94  ? 2.466   5.667   -8.508  1.00 27.16 ? 1928 THR A CB   1 
ATOM   590  O  OG1  . THR A 1 94  ? 1.118   6.005   -8.845  1.00 26.49 ? 1928 THR A OG1  1 
ATOM   591  C  CG2  . THR A 1 94  ? 3.384   5.971   -9.705  1.00 30.34 ? 1928 THR A CG2  1 
ATOM   592  N  N    . PHE A 1 95  ? 0.461   3.483   -7.082  1.00 25.23 ? 1929 PHE A N    1 
ATOM   593  C  CA   . PHE A 1 95  ? -0.392  3.104   -5.953  1.00 21.95 ? 1929 PHE A CA   1 
ATOM   594  C  C    . PHE A 1 95  ? 0.160   1.833   -5.306  1.00 26.06 ? 1929 PHE A C    1 
ATOM   595  O  O    . PHE A 1 95  ? 0.356   1.779   -4.089  1.00 22.01 ? 1929 PHE A O    1 
ATOM   596  C  CB   . PHE A 1 95  ? -1.843  2.901   -6.402  1.00 23.02 ? 1929 PHE A CB   1 
ATOM   597  C  CG   . PHE A 1 95  ? -2.724  2.238   -5.363  1.00 21.56 ? 1929 PHE A CG   1 
ATOM   598  C  CD1  . PHE A 1 95  ? -3.291  2.974   -4.332  1.00 20.35 ? 1929 PHE A CD1  1 
ATOM   599  C  CD2  . PHE A 1 95  ? -2.994  0.881   -5.445  1.00 20.10 ? 1929 PHE A CD2  1 
ATOM   600  C  CE1  . PHE A 1 95  ? -4.094  2.360   -3.395  1.00 22.98 ? 1929 PHE A CE1  1 
ATOM   601  C  CE2  . PHE A 1 95  ? -3.809  0.259   -4.522  1.00 24.76 ? 1929 PHE A CE2  1 
ATOM   602  C  CZ   . PHE A 1 95  ? -4.357  1.003   -3.477  1.00 20.63 ? 1929 PHE A CZ   1 
ATOM   603  N  N    . ALA A 1 96  ? 0.453   0.824   -6.125  1.00 21.34 ? 1930 ALA A N    1 
ATOM   604  C  CA   . ALA A 1 96  ? 0.982   -0.450  -5.599  1.00 23.50 ? 1930 ALA A CA   1 
ATOM   605  C  C    . ALA A 1 96  ? 2.325   -0.264  -4.893  1.00 23.84 ? 1930 ALA A C    1 
ATOM   606  O  O    . ALA A 1 96  ? 2.625   -0.963  -3.927  1.00 22.03 ? 1930 ALA A O    1 
ATOM   607  C  CB   . ALA A 1 96  ? 1.124   -1.479  -6.735  1.00 23.95 ? 1930 ALA A CB   1 
ATOM   608  N  N    . LEU A 1 97  ? 3.155   0.652   -5.392  1.00 21.69 ? 1931 LEU A N    1 
ATOM   609  C  CA   . LEU A 1 97  ? 4.447   0.911   -4.771  1.00 23.44 ? 1931 LEU A CA   1 
ATOM   610  C  C    . LEU A 1 97  ? 4.293   1.429   -3.334  1.00 26.06 ? 1931 LEU A C    1 
ATOM   611  O  O    . LEU A 1 97  ? 5.053   1.040   -2.443  1.00 25.41 ? 1931 LEU A O    1 
ATOM   612  C  CB   . LEU A 1 97  ? 5.255   1.917   -5.605  1.00 28.14 ? 1931 LEU A CB   1 
ATOM   613  C  CG   . LEU A 1 97  ? 5.894   1.382   -6.892  1.00 35.14 ? 1931 LEU A CG   1 
ATOM   614  C  CD1  . LEU A 1 97  ? 6.442   2.535   -7.739  1.00 35.64 ? 1931 LEU A CD1  1 
ATOM   615  C  CD2  . LEU A 1 97  ? 6.998   0.375   -6.567  1.00 37.44 ? 1931 LEU A CD2  1 
ATOM   616  N  N    . ASP A 1 98  ? 3.326   2.319   -3.111  1.00 21.81 ? 1932 ASP A N    1 
ATOM   617  C  CA   . ASP A 1 98  ? 3.076   2.814   -1.748  1.00 22.40 ? 1932 ASP A CA   1 
ATOM   618  C  C    . ASP A 1 98  ? 2.508   1.722   -0.849  1.00 20.99 ? 1932 ASP A C    1 
ATOM   619  O  O    . ASP A 1 98  ? 2.835   1.682   0.336   1.00 18.23 ? 1932 ASP A O    1 
ATOM   620  C  CB   . ASP A 1 98  ? 2.107   4.011   -1.737  1.00 21.81 ? 1932 ASP A CB   1 
ATOM   621  C  CG   . ASP A 1 98  ? 2.824   5.356   -1.681  1.00 24.71 ? 1932 ASP A CG   1 
ATOM   622  O  OD1  . ASP A 1 98  ? 4.073   5.373   -1.573  1.00 25.50 ? 1932 ASP A OD1  1 
ATOM   623  O  OD2  . ASP A 1 98  ? 2.133   6.400   -1.722  1.00 26.40 ? 1932 ASP A OD2  1 
ATOM   624  N  N    . VAL A 1 99  ? 1.637   0.866   -1.379  1.00 19.14 ? 1933 VAL A N    1 
ATOM   625  C  CA   . VAL A 1 99  ? 1.096   -0.212  -0.551  1.00 19.64 ? 1933 VAL A CA   1 
ATOM   626  C  C    . VAL A 1 99  ? 2.241   -1.137  -0.140  1.00 22.86 ? 1933 VAL A C    1 
ATOM   627  O  O    . VAL A 1 99  ? 2.380   -1.512  1.011   1.00 21.06 ? 1933 VAL A O    1 
ATOM   628  C  CB   . VAL A 1 99  ? 0.012   -1.036  -1.274  1.00 18.19 ? 1933 VAL A CB   1 
ATOM   629  C  CG1  . VAL A 1 99  ? -0.414  -2.228  -0.414  1.00 22.28 ? 1933 VAL A CG1  1 
ATOM   630  C  CG2  . VAL A 1 99  ? -1.196  -0.153  -1.616  1.00 20.67 ? 1933 VAL A CG2  1 
ATOM   631  N  N    . ARG A 1 100 ? 3.082   -1.502  -1.100  1.00 20.61 ? 1934 ARG A N    1 
ATOM   632  C  CA   . ARG A 1 100 ? 4.199   -2.391  -0.786  1.00 23.02 ? 1934 ARG A CA   1 
ATOM   633  C  C    . ARG A 1 100 ? 5.180   -1.739  0.200   1.00 23.67 ? 1934 ARG A C    1 
ATOM   634  O  O    . ARG A 1 100 ? 5.747   -2.427  1.061   1.00 21.80 ? 1934 ARG A O    1 
ATOM   635  C  CB   . ARG A 1 100 ? 4.900   -2.810  -2.072  1.00 21.17 ? 1934 ARG A CB   1 
ATOM   636  C  CG   . ARG A 1 100 ? 4.008   -3.713  -2.930  1.00 20.96 ? 1934 ARG A CG   1 
ATOM   637  C  CD   . ARG A 1 100 ? 4.543   -3.945  -4.342  1.00 26.51 ? 1934 ARG A CD   1 
ATOM   638  N  NE   . ARG A 1 100 ? 3.628   -4.843  -5.040  1.00 28.92 ? 1934 ARG A NE   1 
ATOM   639  C  CZ   . ARG A 1 100 ? 3.331   -4.779  -6.334  1.00 33.23 ? 1934 ARG A CZ   1 
ATOM   640  N  NH1  . ARG A 1 100 ? 3.894   -3.861  -7.110  1.00 26.46 ? 1934 ARG A NH1  1 
ATOM   641  N  NH2  . ARG A 1 100 ? 2.473   -5.649  -6.842  1.00 31.80 ? 1934 ARG A NH2  1 
ATOM   642  N  N    . LEU A 1 101 ? 5.384   -0.427  0.062   1.00 23.02 ? 1935 LEU A N    1 
ATOM   643  C  CA   . LEU A 1 101 ? 6.240   0.330   0.972   1.00 19.30 ? 1935 LEU A CA   1 
ATOM   644  C  C    . LEU A 1 101 ? 5.792   0.130   2.410   1.00 22.85 ? 1935 LEU A C    1 
ATOM   645  O  O    . LEU A 1 101 ? 6.633   -0.026  3.299   1.00 22.03 ? 1935 LEU A O    1 
ATOM   646  C  CB   . LEU A 1 101 ? 6.232   1.820   0.619   1.00 21.54 ? 1935 LEU A CB   1 
ATOM   647  C  CG   . LEU A 1 101 ? 7.003   2.792   1.517   1.00 22.63 ? 1935 LEU A CG   1 
ATOM   648  C  CD1  . LEU A 1 101 ? 8.510   2.414   1.625   1.00 25.45 ? 1935 LEU A CD1  1 
ATOM   649  C  CD2  . LEU A 1 101 ? 6.824   4.203   0.949   1.00 20.65 ? 1935 LEU A CD2  1 
ATOM   650  N  N    . VAL A 1 102 ? 4.474   0.124   2.635   1.00 19.62 ? 1936 VAL A N    1 
ATOM   651  C  CA   . VAL A 1 102 ? 3.944   -0.111  3.975   1.00 17.07 ? 1936 VAL A CA   1 
ATOM   652  C  C    . VAL A 1 102 ? 4.495   -1.423  4.551   1.00 23.67 ? 1936 VAL A C    1 
ATOM   653  O  O    . VAL A 1 102 ? 4.941   -1.476  5.715   1.00 22.22 ? 1936 VAL A O    1 
ATOM   654  C  CB   . VAL A 1 102 ? 2.402   -0.171  3.993   1.00 20.80 ? 1936 VAL A CB   1 
ATOM   655  C  CG1  . VAL A 1 102 ? 1.904   -0.660  5.374   1.00 20.94 ? 1936 VAL A CG1  1 
ATOM   656  C  CG2  . VAL A 1 102 ? 1.781   1.206   3.652   1.00 18.60 ? 1936 VAL A CG2  1 
ATOM   657  N  N    . PHE A 1 103 ? 4.495   -2.483  3.745   1.00 22.23 ? 1937 PHE A N    1 
ATOM   658  C  CA   . PHE A 1 103 ? 4.913   -3.791  4.276   1.00 20.71 ? 1937 PHE A CA   1 
ATOM   659  C  C    . PHE A 1 103 ? 6.423   -3.975  4.306   1.00 27.21 ? 1937 PHE A C    1 
ATOM   660  O  O    . PHE A 1 103 ? 6.950   -4.680  5.179   1.00 27.02 ? 1937 PHE A O    1 
ATOM   661  C  CB   . PHE A 1 103 ? 4.229   -4.905  3.485   1.00 24.97 ? 1937 PHE A CB   1 
ATOM   662  C  CG   . PHE A 1 103 ? 2.738   -4.729  3.415   1.00 22.56 ? 1937 PHE A CG   1 
ATOM   663  C  CD1  . PHE A 1 103 ? 2.011   -4.448  4.572   1.00 21.85 ? 1937 PHE A CD1  1 
ATOM   664  C  CD2  . PHE A 1 103 ? 2.081   -4.753  2.193   1.00 22.02 ? 1937 PHE A CD2  1 
ATOM   665  C  CE1  . PHE A 1 103 ? 0.634   -4.240  4.526   1.00 27.20 ? 1937 PHE A CE1  1 
ATOM   666  C  CE2  . PHE A 1 103 ? 0.700   -4.554  2.124   1.00 23.77 ? 1937 PHE A CE2  1 
ATOM   667  C  CZ   . PHE A 1 103 ? -0.028  -4.293  3.296   1.00 21.93 ? 1937 PHE A CZ   1 
ATOM   668  N  N    . ASP A 1 104 ? 7.121   -3.334  3.373   1.00 23.66 ? 1938 ASP A N    1 
ATOM   669  C  CA   . ASP A 1 104 ? 8.579   -3.286  3.422   1.00 26.07 ? 1938 ASP A CA   1 
ATOM   670  C  C    . ASP A 1 104 ? 9.062   -2.548  4.672   1.00 30.87 ? 1938 ASP A C    1 
ATOM   671  O  O    . ASP A 1 104 ? 9.960   -3.032  5.378   1.00 29.74 ? 1938 ASP A O    1 
ATOM   672  C  CB   . ASP A 1 104 ? 9.128   -2.640  2.152   1.00 25.67 ? 1938 ASP A CB   1 
ATOM   673  C  CG   . ASP A 1 104 ? 8.928   -3.513  0.934   1.00 29.88 ? 1938 ASP A CG   1 
ATOM   674  O  OD1  . ASP A 1 104 ? 8.523   -4.683  1.105   1.00 29.16 ? 1938 ASP A OD1  1 
ATOM   675  O  OD2  . ASP A 1 104 ? 9.179   -3.029  -0.200  1.00 29.19 ? 1938 ASP A OD2  1 
ATOM   676  N  N    . ASN A 1 105 ? 8.460   -1.396  4.972   1.00 25.35 ? 1939 ASN A N    1 
ATOM   677  C  CA   . ASN A 1 105 ? 8.779   -0.694  6.217   1.00 27.97 ? 1939 ASN A CA   1 
ATOM   678  C  C    . ASN A 1 105 ? 8.556   -1.583  7.421   1.00 27.83 ? 1939 ASN A C    1 
ATOM   679  O  O    . ASN A 1 105 ? 9.392   -1.630  8.333   1.00 25.77 ? 1939 ASN A O    1 
ATOM   680  C  CB   . ASN A 1 105 ? 7.947   0.575   6.363   1.00 22.32 ? 1939 ASN A CB   1 
ATOM   681  C  CG   . ASN A 1 105 ? 8.404   1.674   5.426   1.00 27.82 ? 1939 ASN A CG   1 
ATOM   682  O  OD1  . ASN A 1 105 ? 9.487   1.587   4.843   1.00 23.51 ? 1939 ASN A OD1  1 
ATOM   683  N  ND2  . ASN A 1 105 ? 7.588   2.726   5.287   1.00 22.05 ? 1939 ASN A ND2  1 
ATOM   684  N  N    . CYS A 1 106 ? 7.436   -2.299  7.405   1.00 24.60 ? 1940 CYS A N    1 
ATOM   685  C  CA   . CYS A 1 106 ? 7.066   -3.172  8.520   1.00 25.90 ? 1940 CYS A CA   1 
ATOM   686  C  C    . CYS A 1 106 ? 8.140   -4.244  8.728   1.00 25.95 ? 1940 CYS A C    1 
ATOM   687  O  O    . CYS A 1 106 ? 8.568   -4.510  9.858   1.00 27.15 ? 1940 CYS A O    1 
ATOM   688  C  CB   . CYS A 1 106 ? 5.714   -3.825  8.260   1.00 20.93 ? 1940 CYS A CB   1 
ATOM   689  S  SG   . CYS A 1 106 ? 5.115   -4.889  9.643   1.00 23.30 ? 1940 CYS A SG   1 
ATOM   690  N  N    . GLU A 1 107 ? 8.566   -4.853  7.630   1.00 25.29 ? 1941 GLU A N    1 
ATOM   691  C  CA   . GLU A 1 107 ? 9.614   -5.879  7.697   1.00 30.60 ? 1941 GLU A CA   1 
ATOM   692  C  C    . GLU A 1 107 ? 10.946  -5.335  8.193   1.00 30.74 ? 1941 GLU A C    1 
ATOM   693  O  O    . GLU A 1 107 ? 11.712  -6.043  8.852   1.00 32.84 ? 1941 GLU A O    1 
ATOM   694  C  CB   . GLU A 1 107 ? 9.815   -6.521  6.332   1.00 28.73 ? 1941 GLU A CB   1 
ATOM   695  C  CG   . GLU A 1 107 ? 8.876   -7.658  6.076   1.00 37.38 ? 1941 GLU A CG   1 
ATOM   696  C  CD   . GLU A 1 107 ? 9.387   -8.589  4.997   1.00 46.17 ? 1941 GLU A CD   1 
ATOM   697  O  OE1  . GLU A 1 107 ? 10.493  -9.150  5.181   1.00 46.99 ? 1941 GLU A OE1  1 
ATOM   698  O  OE2  . GLU A 1 107 ? 8.684   -8.755  3.968   1.00 41.68 ? 1941 GLU A OE2  1 
ATOM   699  N  N    . THR A 1 108 ? 11.237  -4.085  7.867   1.00 28.52 ? 1942 THR A N    1 
ATOM   700  C  CA   . THR A 1 108 ? 12.499  -3.471  8.281   1.00 29.41 ? 1942 THR A CA   1 
ATOM   701  C  C    . THR A 1 108 ? 12.572  -3.247  9.793   1.00 34.95 ? 1942 THR A C    1 
ATOM   702  O  O    . THR A 1 108 ? 13.636  -3.372  10.405  1.00 31.67 ? 1942 THR A O    1 
ATOM   703  C  CB   . THR A 1 108 ? 12.722  -2.125  7.564   1.00 31.94 ? 1942 THR A CB   1 
ATOM   704  O  OG1  . THR A 1 108 ? 13.048  -2.373  6.191   1.00 30.89 ? 1942 THR A OG1  1 
ATOM   705  C  CG2  . THR A 1 108 ? 13.866  -1.346  8.210   1.00 31.18 ? 1942 THR A CG2  1 
ATOM   706  N  N    . PHE A 1 109 ? 11.436  -2.935  10.399  1.00 27.42 ? 1943 PHE A N    1 
ATOM   707  C  CA   . PHE A 1 109 ? 11.423  -2.501  11.791  1.00 29.32 ? 1943 PHE A CA   1 
ATOM   708  C  C    . PHE A 1 109 ? 10.904  -3.551  12.776  1.00 35.12 ? 1943 PHE A C    1 
ATOM   709  O  O    . PHE A 1 109 ? 11.068  -3.399  13.988  1.00 31.39 ? 1943 PHE A O    1 
ATOM   710  C  CB   . PHE A 1 109 ? 10.578  -1.231  11.916  1.00 28.80 ? 1943 PHE A CB   1 
ATOM   711  C  CG   . PHE A 1 109 ? 10.939  -0.367  13.094  1.00 27.09 ? 1943 PHE A CG   1 
ATOM   712  C  CD1  . PHE A 1 109 ? 12.024  0.498   13.027  1.00 30.57 ? 1943 PHE A CD1  1 
ATOM   713  C  CD2  . PHE A 1 109 ? 10.179  -0.391  14.256  1.00 31.69 ? 1943 PHE A CD2  1 
ATOM   714  C  CE1  . PHE A 1 109 ? 12.357  1.318   14.104  1.00 32.38 ? 1943 PHE A CE1  1 
ATOM   715  C  CE2  . PHE A 1 109 ? 10.506  0.428   15.335  1.00 35.38 ? 1943 PHE A CE2  1 
ATOM   716  C  CZ   . PHE A 1 109 ? 11.595  1.286   15.255  1.00 28.82 ? 1943 PHE A CZ   1 
ATOM   717  N  N    . ASN A 1 110 ? 10.280  -4.611  12.269  1.00 29.25 ? 1944 ASN A N    1 
ATOM   718  C  CA   . ASN A 1 110 ? 9.628   -5.573  13.147  1.00 31.13 ? 1944 ASN A CA   1 
ATOM   719  C  C    . ASN A 1 110 ? 10.155  -6.979  12.923  1.00 35.39 ? 1944 ASN A C    1 
ATOM   720  O  O    . ASN A 1 110 ? 10.374  -7.388  11.787  1.00 30.56 ? 1944 ASN A O    1 
ATOM   721  C  CB   . ASN A 1 110 ? 8.118   -5.569  12.933  1.00 27.49 ? 1944 ASN A CB   1 
ATOM   722  C  CG   . ASN A 1 110 ? 7.482   -4.246  13.290  1.00 32.64 ? 1944 ASN A CG   1 
ATOM   723  O  OD1  . ASN A 1 110 ? 7.063   -4.038  14.428  1.00 31.94 ? 1944 ASN A OD1  1 
ATOM   724  N  ND2  . ASN A 1 110 ? 7.366   -3.352  12.304  1.00 28.22 ? 1944 ASN A ND2  1 
ATOM   725  N  N    . GLU A 1 111 ? 10.369  -7.719  14.004  1.00 36.75 ? 1945 GLU A N    1 
ATOM   726  C  CA   . GLU A 1 111 ? 10.744  -9.119  13.859  1.00 34.42 ? 1945 GLU A CA   1 
ATOM   727  C  C    . GLU A 1 111 ? 9.603   -9.913  13.224  1.00 33.25 ? 1945 GLU A C    1 
ATOM   728  O  O    . GLU A 1 111 ? 8.426   -9.647  13.511  1.00 34.22 ? 1945 GLU A O    1 
ATOM   729  C  CB   A GLU A 1 111 ? 11.088  -9.724  15.220  0.49 40.57 ? 1945 GLU A CB   1 
ATOM   730  C  CB   B GLU A 1 111 ? 11.140  -9.707  15.216  0.51 40.58 ? 1945 GLU A CB   1 
ATOM   731  C  CG   A GLU A 1 111 ? 12.057  -8.908  16.046  0.49 40.68 ? 1945 GLU A CG   1 
ATOM   732  C  CG   B GLU A 1 111 ? 12.604  -9.456  15.587  0.51 41.52 ? 1945 GLU A CG   1 
ATOM   733  C  CD   A GLU A 1 111 ? 12.862  -9.774  16.987  0.49 44.48 ? 1945 GLU A CD   1 
ATOM   734  C  CD   B GLU A 1 111 ? 13.567  -10.238 14.711  0.51 42.11 ? 1945 GLU A CD   1 
ATOM   735  O  OE1  A GLU A 1 111 ? 12.375  -10.060 18.101  0.49 44.60 ? 1945 GLU A OE1  1 
ATOM   736  O  OE1  B GLU A 1 111 ? 13.154  -11.289 14.175  0.51 45.54 ? 1945 GLU A OE1  1 
ATOM   737  O  OE2  A GLU A 1 111 ? 13.978  -10.181 16.597  0.49 44.04 ? 1945 GLU A OE2  1 
ATOM   738  O  OE2  B GLU A 1 111 ? 14.728  -9.808  14.552  0.51 42.10 ? 1945 GLU A OE2  1 
ATOM   739  N  N    . ASP A 1 112 ? 9.944   -10.892 12.379  1.00 34.86 ? 1946 ASP A N    1 
ATOM   740  C  CA   . ASP A 1 112 ? 8.938   -11.758 11.753  1.00 34.66 ? 1946 ASP A CA   1 
ATOM   741  C  C    . ASP A 1 112 ? 8.068   -12.443 12.805  1.00 38.59 ? 1946 ASP A C    1 
ATOM   742  O  O    . ASP A 1 112 ? 6.869   -12.636 12.610  1.00 39.67 ? 1946 ASP A O    1 
ATOM   743  C  CB   . ASP A 1 112 ? 9.589   -12.825 10.860  1.00 34.37 ? 1946 ASP A CB   1 
ATOM   744  C  CG   . ASP A 1 112 ? 10.263  -12.245 9.624   1.00 44.66 ? 1946 ASP A CG   1 
ATOM   745  O  OD1  . ASP A 1 112 ? 9.979   -11.088 9.241   1.00 41.48 ? 1946 ASP A OD1  1 
ATOM   746  O  OD2  . ASP A 1 112 ? 11.086  -12.959 9.018   1.00 41.47 ? 1946 ASP A OD2  1 
ATOM   747  N  N    . ASP A 1 113 ? 8.685   -12.810 13.924  1.00 42.59 ? 1947 ASP A N    1 
ATOM   748  C  CA   . ASP A 1 113 ? 7.983   -13.469 15.021  1.00 40.59 ? 1947 ASP A CA   1 
ATOM   749  C  C    . ASP A 1 113 ? 7.473   -12.440 16.045  1.00 47.44 ? 1947 ASP A C    1 
ATOM   750  O  O    . ASP A 1 113 ? 7.887   -12.434 17.211  1.00 48.36 ? 1947 ASP A O    1 
ATOM   751  C  CB   . ASP A 1 113 ? 8.914   -14.501 15.681  1.00 44.49 ? 1947 ASP A CB   1 
ATOM   752  C  CG   . ASP A 1 113 ? 8.237   -15.295 16.793  1.00 58.73 ? 1947 ASP A CG   1 
ATOM   753  O  OD1  . ASP A 1 113 ? 6.988   -15.363 16.828  1.00 49.59 ? 1947 ASP A OD1  1 
ATOM   754  O  OD2  . ASP A 1 113 ? 8.968   -15.858 17.642  1.00 67.50 ? 1947 ASP A OD2  1 
ATOM   755  N  N    . SER A 1 114 ? 6.591   -11.553 15.593  1.00 39.48 ? 1948 SER A N    1 
ATOM   756  C  CA   . SER A 1 114 ? 5.913   -10.588 16.460  1.00 35.39 ? 1948 SER A CA   1 
ATOM   757  C  C    . SER A 1 114 ? 4.506   -10.431 15.922  1.00 32.72 ? 1948 SER A C    1 
ATOM   758  O  O    . SER A 1 114 ? 4.237   -10.835 14.795  1.00 29.92 ? 1948 SER A O    1 
ATOM   759  C  CB   . SER A 1 114 ? 6.640   -9.242  16.491  1.00 35.03 ? 1948 SER A CB   1 
ATOM   760  O  OG   . SER A 1 114 ? 6.695   -8.661  15.195  1.00 33.96 ? 1948 SER A OG   1 
ATOM   761  N  N    . ASP A 1 115 ? 3.594   -9.862  16.700  1.00 30.58 ? 1949 ASP A N    1 
ATOM   762  C  CA   . ASP A 1 115 ? 2.244   -9.691  16.174  1.00 30.44 ? 1949 ASP A CA   1 
ATOM   763  C  C    . ASP A 1 115 ? 2.271   -8.776  14.946  1.00 32.19 ? 1949 ASP A C    1 
ATOM   764  O  O    . ASP A 1 115 ? 1.672   -9.095  13.912  1.00 28.82 ? 1949 ASP A O    1 
ATOM   765  C  CB   . ASP A 1 115 ? 1.294   -9.130  17.226  1.00 33.16 ? 1949 ASP A CB   1 
ATOM   766  C  CG   . ASP A 1 115 ? 1.061   -10.099 18.378  1.00 44.39 ? 1949 ASP A CG   1 
ATOM   767  O  OD1  . ASP A 1 115 ? 0.175   -10.983 18.258  1.00 38.12 ? 1949 ASP A OD1  1 
ATOM   768  O  OD2  . ASP A 1 115 ? 1.760   -9.950  19.406  1.00 43.06 ? 1949 ASP A OD2  1 
ATOM   769  N  N    . ILE A 1 116 ? 2.972   -7.652  15.058  1.00 28.91 ? 1950 ILE A N    1 
ATOM   770  C  CA   . ILE A 1 116 ? 3.020   -6.694  13.954  1.00 28.80 ? 1950 ILE A CA   1 
ATOM   771  C  C    . ILE A 1 116 ? 3.738   -7.310  12.751  1.00 26.52 ? 1950 ILE A C    1 
ATOM   772  O  O    . ILE A 1 116 ? 3.302   -7.147  11.600  1.00 23.84 ? 1950 ILE A O    1 
ATOM   773  C  CB   . ILE A 1 116 ? 3.704   -5.379  14.390  1.00 33.49 ? 1950 ILE A CB   1 
ATOM   774  C  CG1  . ILE A 1 116 ? 2.813   -4.640  15.392  1.00 27.71 ? 1950 ILE A CG1  1 
ATOM   775  C  CG2  . ILE A 1 116 ? 3.946   -4.457  13.217  1.00 26.15 ? 1950 ILE A CG2  1 
ATOM   776  C  CD1  . ILE A 1 116 ? 3.449   -3.377  15.925  1.00 33.99 ? 1950 ILE A CD1  1 
ATOM   777  N  N    . GLY A 1 117 ? 4.823   -8.035  13.014  1.00 27.84 ? 1951 GLY A N    1 
ATOM   778  C  CA   . GLY A 1 117 ? 5.568   -8.698  11.959  1.00 25.26 ? 1951 GLY A CA   1 
ATOM   779  C  C    . GLY A 1 117 ? 4.696   -9.666  11.161  1.00 28.54 ? 1951 GLY A C    1 
ATOM   780  O  O    . GLY A 1 117 ? 4.752   -9.709  9.921   1.00 29.14 ? 1951 GLY A O    1 
ATOM   781  N  N    . ARG A 1 118 ? 3.898   -10.458 11.873  1.00 29.37 ? 1952 ARG A N    1 
ATOM   782  C  CA   . ARG A 1 118 ? 2.998   -11.412 11.236  1.00 28.96 ? 1952 ARG A CA   1 
ATOM   783  C  C    . ARG A 1 118 ? 1.873   -10.698 10.507  1.00 29.28 ? 1952 ARG A C    1 
ATOM   784  O  O    . ARG A 1 118 ? 1.472   -11.110 9.413   1.00 28.34 ? 1952 ARG A O    1 
ATOM   785  C  CB   . ARG A 1 118 ? 2.419   -12.390 12.269  1.00 31.77 ? 1952 ARG A CB   1 
ATOM   786  C  CG   . ARG A 1 118 ? 3.357   -13.532 12.623  1.00 35.17 ? 1952 ARG A CG   1 
ATOM   787  C  CD   . ARG A 1 118 ? 2.668   -14.564 13.522  1.00 39.70 ? 1952 ARG A CD   1 
ATOM   788  N  NE   . ARG A 1 118 ? 2.458   -14.062 14.880  1.00 42.22 ? 1952 ARG A NE   1 
ATOM   789  C  CZ   . ARG A 1 118 ? 3.389   -14.090 15.830  1.00 41.66 ? 1952 ARG A CZ   1 
ATOM   790  N  NH1  . ARG A 1 118 ? 3.128   -13.603 17.040  1.00 39.17 ? 1952 ARG A NH1  1 
ATOM   791  N  NH2  . ARG A 1 118 ? 4.584   -14.593 15.560  1.00 41.77 ? 1952 ARG A NH2  1 
ATOM   792  N  N    . ALA A 1 119 ? 1.356   -9.632  11.116  1.00 23.54 ? 1953 ALA A N    1 
ATOM   793  C  CA   . ALA A 1 119 ? 0.318   -8.826  10.481  1.00 28.07 ? 1953 ALA A CA   1 
ATOM   794  C  C    . ALA A 1 119 ? 0.793   -8.343  9.119   1.00 26.78 ? 1953 ALA A C    1 
ATOM   795  O  O    . ALA A 1 119 ? 0.034   -8.374  8.135   1.00 27.61 ? 1953 ALA A O    1 
ATOM   796  C  CB   . ALA A 1 119 ? -0.058  -7.642  11.354  1.00 24.35 ? 1953 ALA A CB   1 
ATOM   797  N  N    . GLY A 1 120 ? 2.048   -7.892  9.070   1.00 23.26 ? 1954 GLY A N    1 
ATOM   798  C  CA   . GLY A 1 120 ? 2.601   -7.343  7.839   1.00 25.40 ? 1954 GLY A CA   1 
ATOM   799  C  C    . GLY A 1 120 ? 2.675   -8.395  6.749   1.00 28.43 ? 1954 GLY A C    1 
ATOM   800  O  O    . GLY A 1 120 ? 2.270   -8.171  5.611   1.00 24.19 ? 1954 GLY A O    1 
ATOM   801  N  N    . HIS A 1 121 ? 3.180   -9.570  7.096   1.00 26.37 ? 1955 HIS A N    1 
ATOM   802  C  CA   . HIS A 1 121 ? 3.219   -10.655 6.117   1.00 28.95 ? 1955 HIS A CA   1 
ATOM   803  C  C    . HIS A 1 121 ? 1.833   -11.051 5.637   1.00 25.05 ? 1955 HIS A C    1 
ATOM   804  O  O    . HIS A 1 121 ? 1.628   -11.241 4.439   1.00 26.94 ? 1955 HIS A O    1 
ATOM   805  C  CB   . HIS A 1 121 ? 3.938   -11.866 6.705   1.00 28.88 ? 1955 HIS A CB   1 
ATOM   806  C  CG   . HIS A 1 121 ? 5.410   -11.674 6.808   1.00 30.23 ? 1955 HIS A CG   1 
ATOM   807  N  ND1  . HIS A 1 121 ? 6.213   -11.500 5.704   1.00 36.27 ? 1955 HIS A ND1  1 
ATOM   808  C  CD2  . HIS A 1 121 ? 6.228   -11.595 7.884   1.00 32.84 ? 1955 HIS A CD2  1 
ATOM   809  C  CE1  . HIS A 1 121 ? 7.466   -11.332 6.092   1.00 35.27 ? 1955 HIS A CE1  1 
ATOM   810  N  NE2  . HIS A 1 121 ? 7.501   -11.389 7.411   1.00 36.90 ? 1955 HIS A NE2  1 
ATOM   811  N  N    . ASN A 1 122 ? 0.880   -11.187 6.561   1.00 24.09 ? 1956 ASN A N    1 
ATOM   812  C  CA   . ASN A 1 122 ? -0.488  -11.521 6.188   1.00 23.88 ? 1956 ASN A CA   1 
ATOM   813  C  C    . ASN A 1 122 ? -1.085  -10.503 5.206   1.00 28.85 ? 1956 ASN A C    1 
ATOM   814  O  O    . ASN A 1 122 ? -1.705  -10.868 4.193   1.00 24.74 ? 1956 ASN A O    1 
ATOM   815  C  CB   . ASN A 1 122 ? -1.384  -11.601 7.429   1.00 25.43 ? 1956 ASN A CB   1 
ATOM   816  C  CG   . ASN A 1 122 ? -1.150  -12.861 8.254   1.00 30.90 ? 1956 ASN A CG   1 
ATOM   817  O  OD1  . ASN A 1 122 ? -0.421  -13.759 7.845   1.00 30.56 ? 1956 ASN A OD1  1 
ATOM   818  N  ND2  . ASN A 1 122 ? -1.788  -12.933 9.421   1.00 30.79 ? 1956 ASN A ND2  1 
ATOM   819  N  N    . MET A 1 123 ? -0.909  -9.216  5.517   1.00 24.10 ? 1957 MET A N    1 
ATOM   820  C  CA   . MET A 1 123 ? -1.534  -8.155  4.732   1.00 26.33 ? 1957 MET A CA   1 
ATOM   821  C  C    . MET A 1 123 ? -0.921  -8.054  3.351   1.00 22.01 ? 1957 MET A C    1 
ATOM   822  O  O    . MET A 1 123 ? -1.622  -7.742  2.377   1.00 26.34 ? 1957 MET A O    1 
ATOM   823  C  CB   . MET A 1 123 ? -1.423  -6.804  5.443   1.00 24.74 ? 1957 MET A CB   1 
ATOM   824  C  CG   . MET A 1 123 ? -2.223  -6.696  6.738   1.00 24.60 ? 1957 MET A CG   1 
ATOM   825  S  SD   . MET A 1 123 ? -4.011  -6.923  6.555   1.00 34.62 ? 1957 MET A SD   1 
ATOM   826  C  CE   . MET A 1 123 ? -4.442  -5.738  5.277   1.00 31.20 ? 1957 MET A CE   1 
ATOM   827  N  N    . ARG A 1 124 ? 0.376   -8.317  3.262   1.00 21.77 ? 1958 ARG A N    1 
ATOM   828  C  CA   . ARG A 1 124 ? 1.066   -8.289  1.969   1.00 24.10 ? 1958 ARG A CA   1 
ATOM   829  C  C    . ARG A 1 124 ? 0.519   -9.383  1.056   1.00 30.41 ? 1958 ARG A C    1 
ATOM   830  O  O    . ARG A 1 124 ? 0.186   -9.136  -0.107  1.00 22.47 ? 1958 ARG A O    1 
ATOM   831  C  CB   . ARG A 1 124 ? 2.567   -8.468  2.139   1.00 20.84 ? 1958 ARG A CB   1 
ATOM   832  C  CG   . ARG A 1 124 ? 3.328   -8.393  0.799   1.00 22.08 ? 1958 ARG A CG   1 
ATOM   833  C  CD   . ARG A 1 124 ? 4.746   -8.937  0.894   1.00 29.11 ? 1958 ARG A CD   1 
ATOM   834  N  NE   . ARG A 1 124 ? 5.626   -8.205  1.806   1.00 29.59 ? 1958 ARG A NE   1 
ATOM   835  C  CZ   . ARG A 1 124 ? 6.321   -7.115  1.478   1.00 28.80 ? 1958 ARG A CZ   1 
ATOM   836  N  NH1  . ARG A 1 124 ? 6.211   -6.578  0.267   1.00 29.41 ? 1958 ARG A NH1  1 
ATOM   837  N  NH2  . ARG A 1 124 ? 7.121   -6.549  2.370   1.00 27.15 ? 1958 ARG A NH2  1 
ATOM   838  N  N    . LYS A 1 125 ? 0.416   -10.593 1.599   1.00 26.04 ? 1959 LYS A N    1 
ATOM   839  C  CA   . LYS A 1 125 ? -0.216  -11.698 0.881   1.00 30.85 ? 1959 LYS A CA   1 
ATOM   840  C  C    . LYS A 1 125 ? -1.649  -11.374 0.431   1.00 30.42 ? 1959 LYS A C    1 
ATOM   841  O  O    . LYS A 1 125 ? -2.021  -11.601 -0.730  1.00 31.13 ? 1959 LYS A O    1 
ATOM   842  C  CB   . LYS A 1 125 ? -0.211  -12.949 1.757   1.00 29.32 ? 1959 LYS A CB   1 
ATOM   843  C  CG   . LYS A 1 125 ? -0.614  -14.215 0.999   1.00 39.66 ? 1959 LYS A CG   1 
ATOM   844  C  CD   . LYS A 1 125 ? 0.559   -14.723 0.164   1.00 50.65 ? 1959 LYS A CD   1 
ATOM   845  C  CE   . LYS A 1 125 ? 0.225   -16.005 -0.612  1.00 58.05 ? 1959 LYS A CE   1 
ATOM   846  N  NZ   . LYS A 1 125 ? 1.407   -16.522 -1.387  1.00 65.89 ? 1959 LYS A NZ   1 
ATOM   847  N  N    . TYR A 1 126 ? -2.455  -10.844 1.346   1.00 27.27 ? 1960 TYR A N    1 
ATOM   848  C  CA   . TYR A 1 126 ? -3.814  -10.436 1.050   1.00 26.97 ? 1960 TYR A CA   1 
ATOM   849  C  C    . TYR A 1 126 ? -3.844  -9.433  -0.107  1.00 29.72 ? 1960 TYR A C    1 
ATOM   850  O  O    . TYR A 1 126 ? -4.669  -9.549  -1.022  1.00 29.10 ? 1960 TYR A O    1 
ATOM   851  C  CB   . TYR A 1 126 ? -4.442  -9.847  2.311   1.00 26.14 ? 1960 TYR A CB   1 
ATOM   852  C  CG   . TYR A 1 126 ? -5.923  -9.602  2.286   1.00 26.86 ? 1960 TYR A CG   1 
ATOM   853  C  CD1  . TYR A 1 126 ? -6.839  -10.662 2.330   1.00 29.12 ? 1960 TYR A CD1  1 
ATOM   854  C  CD2  . TYR A 1 126 ? -6.422  -8.306  2.264   1.00 26.75 ? 1960 TYR A CD2  1 
ATOM   855  C  CE1  . TYR A 1 126 ? -8.204  -10.426 2.346   1.00 28.80 ? 1960 TYR A CE1  1 
ATOM   856  C  CE2  . TYR A 1 126 ? -7.783  -8.063  2.276   1.00 35.54 ? 1960 TYR A CE2  1 
ATOM   857  C  CZ   . TYR A 1 126 ? -8.672  -9.127  2.309   1.00 35.77 ? 1960 TYR A CZ   1 
ATOM   858  O  OH   . TYR A 1 126 ? -10.031 -8.863  2.325   1.00 40.43 ? 1960 TYR A OH   1 
ATOM   859  N  N    . PHE A 1 127 ? -2.943  -8.453  -0.068  1.00 24.05 ? 1961 PHE A N    1 
ATOM   860  C  CA   . PHE A 1 127 ? -2.922  -7.406  -1.093  1.00 21.45 ? 1961 PHE A CA   1 
ATOM   861  C  C    . PHE A 1 127 ? -2.559  -7.986  -2.453  1.00 24.16 ? 1961 PHE A C    1 
ATOM   862  O  O    . PHE A 1 127 ? -3.222  -7.692  -3.454  1.00 27.33 ? 1961 PHE A O    1 
ATOM   863  C  CB   . PHE A 1 127 ? -1.919  -6.295  -0.762  1.00 21.87 ? 1961 PHE A CB   1 
ATOM   864  C  CG   . PHE A 1 127 ? -1.649  -5.366  -1.935  1.00 24.30 ? 1961 PHE A CG   1 
ATOM   865  C  CD1  . PHE A 1 127 ? -2.648  -4.503  -2.395  1.00 25.01 ? 1961 PHE A CD1  1 
ATOM   866  C  CD2  . PHE A 1 127 ? -0.419  -5.368  -2.586  1.00 27.25 ? 1961 PHE A CD2  1 
ATOM   867  C  CE1  . PHE A 1 127 ? -2.423  -3.649  -3.488  1.00 24.92 ? 1961 PHE A CE1  1 
ATOM   868  C  CE2  . PHE A 1 127 ? -0.181  -4.519  -3.675  1.00 22.91 ? 1961 PHE A CE2  1 
ATOM   869  C  CZ   . PHE A 1 127 ? -1.177  -3.664  -4.129  1.00 22.30 ? 1961 PHE A CZ   1 
ATOM   870  N  N    . GLU A 1 128 ? -1.506  -8.801  -2.475  1.00 26.39 ? 1962 GLU A N    1 
ATOM   871  C  CA   . GLU A 1 128 ? -0.934  -9.236  -3.740  1.00 24.86 ? 1962 GLU A CA   1 
ATOM   872  C  C    . GLU A 1 128 ? -1.917  -10.154 -4.463  1.00 34.59 ? 1962 GLU A C    1 
ATOM   873  O  O    . GLU A 1 128 ? -1.982  -10.141 -5.704  1.00 31.57 ? 1962 GLU A O    1 
ATOM   874  C  CB   . GLU A 1 128 ? 0.421   -9.916  -3.535  1.00 25.73 ? 1962 GLU A CB   1 
ATOM   875  C  CG   . GLU A 1 128 ? 1.557   -9.005  -3.012  1.00 28.32 ? 1962 GLU A CG   1 
ATOM   876  C  CD   . GLU A 1 128 ? 1.934   -7.822  -3.936  1.00 30.61 ? 1962 GLU A CD   1 
ATOM   877  O  OE1  . GLU A 1 128 ? 1.512   -7.776  -5.111  1.00 30.20 ? 1962 GLU A OE1  1 
ATOM   878  O  OE2  . GLU A 1 128 ? 2.664   -6.919  -3.471  1.00 29.37 ? 1962 GLU A OE2  1 
ATOM   879  N  N    . LYS A 1 129 ? -2.713  -10.920 -3.713  1.00 33.63 ? 1963 LYS A N    1 
ATOM   880  C  CA   . LYS A 1 129 ? -3.756  -11.708 -4.374  1.00 33.81 ? 1963 LYS A CA   1 
ATOM   881  C  C    . LYS A 1 129 ? -4.818  -10.788 -4.980  1.00 36.85 ? 1963 LYS A C    1 
ATOM   882  O  O    . LYS A 1 129 ? -5.168  -10.960 -6.142  1.00 36.39 ? 1963 LYS A O    1 
ATOM   883  C  CB   . LYS A 1 129 ? -4.425  -12.721 -3.429  1.00 35.27 ? 1963 LYS A CB   1 
ATOM   884  C  CG   . LYS A 1 129 ? -5.668  -13.370 -4.084  1.00 34.43 ? 1963 LYS A CG   1 
ATOM   885  C  CD   . LYS A 1 129 ? -6.240  -14.550 -3.314  1.00 41.57 ? 1963 LYS A CD   1 
ATOM   886  C  CE   . LYS A 1 129 ? -7.537  -15.065 -3.973  1.00 44.32 ? 1963 LYS A CE   1 
ATOM   887  N  NZ   . LYS A 1 129 ? -7.321  -15.582 -5.366  1.00 49.05 ? 1963 LYS A NZ   1 
ATOM   888  N  N    . LYS A 1 130 ? -5.331  -9.823  -4.209  1.00 30.30 ? 1964 LYS A N    1 
ATOM   889  C  CA   . LYS A 1 130 ? -6.310  -8.872  -4.743  1.00 30.66 ? 1964 LYS A CA   1 
ATOM   890  C  C    . LYS A 1 130 ? -5.751  -8.178  -5.972  1.00 34.49 ? 1964 LYS A C    1 
ATOM   891  O  O    . LYS A 1 130 ? -6.478  -7.892  -6.924  1.00 36.38 ? 1964 LYS A O    1 
ATOM   892  C  CB   . LYS A 1 130 ? -6.697  -7.791  -3.730  1.00 31.87 ? 1964 LYS A CB   1 
ATOM   893  C  CG   . LYS A 1 130 ? -7.287  -8.246  -2.421  1.00 37.98 ? 1964 LYS A CG   1 
ATOM   894  C  CD   . LYS A 1 130 ? -8.699  -8.750  -2.568  1.00 50.77 ? 1964 LYS A CD   1 
ATOM   895  C  CE   . LYS A 1 130 ? -9.278  -9.061  -1.196  1.00 44.46 ? 1964 LYS A CE   1 
ATOM   896  N  NZ   . LYS A 1 130 ? -10.687 -9.513  -1.305  1.00 49.92 ? 1964 LYS A NZ   1 
ATOM   897  N  N    . TRP A 1 131 ? -4.459  -7.872  -5.933  1.00 30.41 ? 1965 TRP A N    1 
ATOM   898  C  CA   . TRP A 1 131 ? -3.836  -7.134  -7.021  1.00 29.87 ? 1965 TRP A CA   1 
ATOM   899  C  C    . TRP A 1 131 ? -3.832  -7.972  -8.299  1.00 36.16 ? 1965 TRP A C    1 
ATOM   900  O  O    . TRP A 1 131 ? -4.243  -7.512  -9.361  1.00 36.56 ? 1965 TRP A O    1 
ATOM   901  C  CB   . TRP A 1 131 ? -2.416  -6.729  -6.654  1.00 28.36 ? 1965 TRP A CB   1 
ATOM   902  C  CG   . TRP A 1 131 ? -1.819  -5.728  -7.602  1.00 30.50 ? 1965 TRP A CG   1 
ATOM   903  C  CD1  . TRP A 1 131 ? -0.831  -5.956  -8.507  1.00 33.67 ? 1965 TRP A CD1  1 
ATOM   904  C  CD2  . TRP A 1 131 ? -2.181  -4.341  -7.743  1.00 29.52 ? 1965 TRP A CD2  1 
ATOM   905  N  NE1  . TRP A 1 131 ? -0.541  -4.800  -9.196  1.00 33.18 ? 1965 TRP A NE1  1 
ATOM   906  C  CE2  . TRP A 1 131 ? -1.361  -3.796  -8.748  1.00 31.62 ? 1965 TRP A CE2  1 
ATOM   907  C  CE3  . TRP A 1 131 ? -3.117  -3.513  -7.113  1.00 25.05 ? 1965 TRP A CE3  1 
ATOM   908  C  CZ2  . TRP A 1 131 ? -1.447  -2.461  -9.144  1.00 29.98 ? 1965 TRP A CZ2  1 
ATOM   909  C  CZ3  . TRP A 1 131 ? -3.204  -2.179  -7.508  1.00 28.45 ? 1965 TRP A CZ3  1 
ATOM   910  C  CH2  . TRP A 1 131 ? -2.369  -1.668  -8.509  1.00 28.25 ? 1965 TRP A CH2  1 
ATOM   911  N  N    . THR A 1 132 ? -3.359  -9.204  -8.177  1.00 36.82 ? 1966 THR A N    1 
ATOM   912  C  CA   . THR A 1 132 ? -3.311  -10.133 -9.299  1.00 36.54 ? 1966 THR A CA   1 
ATOM   913  C  C    . THR A 1 132 ? -4.700  -10.405 -9.855  1.00 41.27 ? 1966 THR A C    1 
ATOM   914  O  O    . THR A 1 132 ? -4.907  -10.345 -11.066 1.00 44.25 ? 1966 THR A O    1 
ATOM   915  C  CB   . THR A 1 132 ? -2.672  -11.466 -8.890  1.00 36.98 ? 1966 THR A CB   1 
ATOM   916  O  OG1  . THR A 1 132 ? -1.292  -11.251 -8.583  1.00 39.32 ? 1966 THR A OG1  1 
ATOM   917  C  CG2  . THR A 1 132 ? -2.789  -12.487 -10.023 1.00 43.64 ? 1966 THR A CG2  1 
ATOM   918  N  N    . ASP A 1 133 ? -5.653  -10.700 -8.973  1.00 38.95 ? 1967 ASP A N    1 
ATOM   919  C  CA   . ASP A 1 133 ? -7.001  -11.037 -9.413  1.00 38.14 ? 1967 ASP A CA   1 
ATOM   920  C  C    . ASP A 1 133 ? -7.703  -9.873  -10.090 1.00 47.85 ? 1967 ASP A C    1 
ATOM   921  O  O    . ASP A 1 133 ? -8.582  -10.082 -10.927 1.00 42.57 ? 1967 ASP A O    1 
ATOM   922  C  CB   . ASP A 1 133 ? -7.858  -11.514 -8.247  1.00 41.63 ? 1967 ASP A CB   1 
ATOM   923  C  CG   . ASP A 1 133 ? -7.377  -12.819 -7.666  1.00 43.93 ? 1967 ASP A CG   1 
ATOM   924  O  OD1  . ASP A 1 133 ? -6.489  -13.461 -8.271  1.00 44.26 ? 1967 ASP A OD1  1 
ATOM   925  O  OD2  . ASP A 1 133 ? -7.890  -13.201 -6.595  1.00 44.48 ? 1967 ASP A OD2  1 
ATOM   926  N  N    . THR A 1 134 ? -7.334  -8.648  -9.725  1.00 38.09 ? 1968 THR A N    1 
ATOM   927  C  CA   . THR A 1 134 ? -8.029  -7.475  -10.241 1.00 38.93 ? 1968 THR A CA   1 
ATOM   928  C  C    . THR A 1 134 ? -7.436  -6.944  -11.541 1.00 41.29 ? 1968 THR A C    1 
ATOM   929  O  O    . THR A 1 134 ? -8.155  -6.391  -12.360 1.00 45.70 ? 1968 THR A O    1 
ATOM   930  C  CB   . THR A 1 134 ? -8.030  -6.327  -9.218  1.00 36.99 ? 1968 THR A CB   1 
ATOM   931  O  OG1  . THR A 1 134 ? -8.657  -6.766  -8.003  1.00 37.35 ? 1968 THR A OG1  1 
ATOM   932  C  CG2  . THR A 1 134 ? -8.770  -5.107  -9.771  1.00 33.38 ? 1968 THR A CG2  1 
ATOM   933  N  N    . PHE A 1 135 ? -6.130  -7.097  -11.728 1.00 38.27 ? 1969 PHE A N    1 
ATOM   934  C  CA   . PHE A 1 135 ? -5.462  -6.405  -12.828 1.00 43.72 ? 1969 PHE A CA   1 
ATOM   935  C  C    . PHE A 1 135 ? -4.658  -7.312  -13.762 1.00 49.37 ? 1969 PHE A C    1 
ATOM   936  O  O    . PHE A 1 135 ? -4.517  -7.006  -14.947 1.00 56.80 ? 1969 PHE A O    1 
ATOM   937  C  CB   . PHE A 1 135 ? -4.548  -5.308  -12.271 1.00 41.62 ? 1969 PHE A CB   1 
ATOM   938  C  CG   . PHE A 1 135 ? -5.296  -4.169  -11.618 1.00 39.53 ? 1969 PHE A CG   1 
ATOM   939  C  CD1  . PHE A 1 135 ? -6.138  -3.358  -12.364 1.00 34.78 ? 1969 PHE A CD1  1 
ATOM   940  C  CD2  . PHE A 1 135 ? -5.150  -3.911  -10.259 1.00 35.67 ? 1969 PHE A CD2  1 
ATOM   941  C  CE1  . PHE A 1 135 ? -6.826  -2.312  -11.773 1.00 32.39 ? 1969 PHE A CE1  1 
ATOM   942  C  CE2  . PHE A 1 135 ? -5.834  -2.868  -9.658  1.00 29.84 ? 1969 PHE A CE2  1 
ATOM   943  C  CZ   . PHE A 1 135 ? -6.676  -2.067  -10.413 1.00 36.91 ? 1969 PHE A CZ   1 
ATOM   944  N  N    . LYS A 1 136 ? -4.132  -8.418  -13.242 1.00 55.57 ? 1970 LYS A N    1 
ATOM   945  C  CA   . LYS A 1 136 ? -3.386  -9.365  -14.076 1.00 61.82 ? 1970 LYS A CA   1 
ATOM   946  C  C    . LYS A 1 136 ? -4.254  -10.562 -14.487 1.00 59.16 ? 1970 LYS A C    1 
ATOM   947  O  O    . LYS A 1 136 ? -5.351  -10.397 -15.038 1.00 59.17 ? 1970 LYS A O    1 
ATOM   948  C  CB   . LYS A 1 136 ? -2.126  -9.849  -13.345 1.00 54.25 ? 1970 LYS A CB   1 
HETATM 949  C  C1   C EDO B 2 .   ? 6.103   -0.101  14.959  0.60 35.29 ? 2001 EDO A C1   1 
HETATM 950  O  O1   C EDO B 2 .   ? 6.818   -1.257  15.424  0.60 38.23 ? 2001 EDO A O1   1 
HETATM 951  C  C2   C EDO B 2 .   ? 5.147   -0.464  13.825  0.60 31.15 ? 2001 EDO A C2   1 
HETATM 952  O  O2   C EDO B 2 .   ? 5.864   -0.925  12.679  0.60 24.43 ? 2001 EDO A O2   1 
HETATM 953  C  C1   . EDO C 2 .   ? -11.568 -4.987  -6.470  1.00 48.24 ? 2002 EDO A C1   1 
HETATM 954  O  O1   . EDO C 2 .   ? -11.465 -6.084  -7.396  1.00 53.19 ? 2002 EDO A O1   1 
HETATM 955  C  C2   . EDO C 2 .   ? -11.767 -5.515  -5.048  1.00 48.91 ? 2002 EDO A C2   1 
HETATM 956  O  O2   . EDO C 2 .   ? -10.852 -6.599  -4.786  1.00 51.51 ? 2002 EDO A O2   1 
HETATM 957  H  H11  . EDO C 2 .   ? -10.659 -4.384  -6.514  1.00 57.89 ? 2002 EDO A H11  1 
HETATM 958  H  H12  . EDO C 2 .   ? -12.411 -4.350  -6.747  1.00 57.89 ? 2002 EDO A H12  1 
HETATM 959  H  HO1  . EDO C 2 .   ? -11.340 -5.741  -8.290  1.00 63.83 ? 2002 EDO A HO1  1 
HETATM 960  H  H21  . EDO C 2 .   ? -11.597 -4.710  -4.331  1.00 58.70 ? 2002 EDO A H21  1 
HETATM 961  H  H22  . EDO C 2 .   ? -12.795 -5.864  -4.927  1.00 58.70 ? 2002 EDO A H22  1 
HETATM 962  H  HO2  . EDO C 2 .   ? -10.988 -6.923  -3.885  1.00 61.81 ? 2002 EDO A HO2  1 
HETATM 963  BR BR01 D ES3 D 3 .   ? 6.617   0.249   14.426  0.24 36.42 ? 2003 ES3 A BR01 1 
HETATM 964  C  C02  D ES3 D 3 .   ? 4.973   -0.120  13.620  0.40 31.17 ? 2003 ES3 A C02  1 
HETATM 965  C  C03  D ES3 D 3 .   ? 3.777   -0.036  14.231  0.40 33.70 ? 2003 ES3 A C03  1 
HETATM 966  N  N04  D ES3 D 3 .   ? 2.840   -0.382  13.315  0.40 25.99 ? 2003 ES3 A N04  1 
HETATM 967  C  C05  D ES3 D 3 .   ? 3.461   -0.667  12.165  0.40 26.42 ? 2003 ES3 A C05  1 
HETATM 968  N  N06  D ES3 D 3 .   ? 4.756   -0.516  12.333  0.40 31.42 ? 2003 ES3 A N06  1 
HETATM 969  H  H03  D ES3 D 3 .   ? 3.620   0.214   15.128  0.40 40.45 ? 2003 ES3 A H03  1 
HETATM 970  H  HN04 D ES3 D 3 .   ? 1.953   -0.412  13.456  0.40 31.19 ? 2003 ES3 A HN04 1 
HETATM 971  H  H05  D ES3 D 3 .   ? 3.036   -0.940  11.361  0.40 31.70 ? 2003 ES3 A H05  1 
HETATM 972  O  O    . HOH E 4 .   ? -9.045  -11.727 -5.271  1.00 41.50 ? 2101 HOH A O    1 
HETATM 973  O  O    . HOH E 4 .   ? 12.386  -8.339  19.654  1.00 56.31 ? 2102 HOH A O    1 
HETATM 974  O  O    . HOH E 4 .   ? 11.695  -13.115 14.160  1.00 42.49 ? 2103 HOH A O    1 
HETATM 975  O  O    . HOH E 4 .   ? 12.672  -11.210 11.788  1.00 39.61 ? 2104 HOH A O    1 
HETATM 976  O  O    . HOH E 4 .   ? 8.925   5.898   -34.456 1.00 33.93 ? 2105 HOH A O    1 
HETATM 977  O  O    . HOH E 4 .   ? -11.685 -10.210 0.840   1.00 50.90 ? 2106 HOH A O    1 
HETATM 978  O  O    . HOH E 4 .   ? 3.117   -12.333 2.769   1.00 37.87 ? 2107 HOH A O    1 
HETATM 979  O  O    . HOH E 4 .   ? -2.371  0.648   -23.603 1.00 59.49 ? 2108 HOH A O    1 
HETATM 980  O  O    . HOH E 4 .   ? -7.506  4.931   5.523   1.00 33.76 ? 2109 HOH A O    1 
HETATM 981  O  O    . HOH E 4 .   ? -5.079  -16.320 -6.273  1.00 51.64 ? 2110 HOH A O    1 
HETATM 982  O  O    . HOH E 4 .   ? 7.183   -2.263  -25.870 1.00 41.81 ? 2111 HOH A O    1 
HETATM 983  O  O    . HOH E 4 .   ? 2.189   13.276  -3.872  1.00 44.20 ? 2112 HOH A O    1 
HETATM 984  O  O    . HOH E 4 .   ? 4.163   -9.020  19.330  1.00 41.09 ? 2113 HOH A O    1 
HETATM 985  O  O    . HOH E 4 .   ? 0.011   8.666   14.191  1.00 41.86 ? 2114 HOH A O    1 
HETATM 986  O  O    . HOH E 4 .   ? 5.279   -16.182 13.628  1.00 56.30 ? 2115 HOH A O    1 
HETATM 987  O  O    . HOH E 4 .   ? 2.742   -4.113  -9.896  1.00 46.10 ? 2116 HOH A O    1 
HETATM 988  O  O    . HOH E 4 .   ? -11.720 12.125  -4.473  1.00 45.13 ? 2117 HOH A O    1 
HETATM 989  O  O    . HOH E 4 .   ? 6.470   -0.188  10.109  1.00 26.09 ? 2118 HOH A O    1 
HETATM 990  O  O    . HOH E 4 .   ? -8.308  -17.877 -6.128  1.00 61.25 ? 2119 HOH A O    1 
HETATM 991  O  O    . HOH E 4 .   ? -1.340  -13.783 -2.028  1.00 42.13 ? 2120 HOH A O    1 
HETATM 992  O  O    . HOH E 4 .   ? 5.619   3.362   7.809   1.00 24.56 ? 2121 HOH A O    1 
HETATM 993  O  O    . HOH E 4 .   ? 2.778   1.720   8.270   1.00 27.09 ? 2122 HOH A O    1 
HETATM 994  O  O    . HOH E 4 .   ? -10.021 -8.799  -6.040  1.00 49.72 ? 2123 HOH A O    1 
HETATM 995  O  O    . HOH E 4 .   ? 8.535   -4.211  -2.502  1.00 34.39 ? 2124 HOH A O    1 
HETATM 996  O  O    . HOH E 4 .   ? 1.270   11.018  6.155   1.00 42.71 ? 2125 HOH A O    1 
HETATM 997  O  O    . HOH E 4 .   ? 11.158  -0.100  3.625   1.00 36.81 ? 2126 HOH A O    1 
HETATM 998  O  O    . HOH E 4 .   ? 16.013  -4.109  9.429   1.00 31.95 ? 2127 HOH A O    1 
HETATM 999  O  O    . HOH E 4 .   ? 0.606   -4.570  -12.052 1.00 49.60 ? 2128 HOH A O    1 
HETATM 1000 O  O    . HOH E 4 .   ? 1.447   2.509   10.512  1.00 25.04 ? 2129 HOH A O    1 
HETATM 1001 O  O    . HOH E 4 .   ? 5.558   -17.358 17.892  1.00 51.91 ? 2130 HOH A O    1 
HETATM 1002 O  O    . HOH E 4 .   ? 6.144   4.525   -3.047  1.00 36.49 ? 2131 HOH A O    1 
HETATM 1003 O  O    . HOH E 4 .   ? 11.533  9.115   8.619   1.00 40.18 ? 2132 HOH A O    1 
HETATM 1004 O  O    . HOH E 4 .   ? -14.357 1.573   -1.563  1.00 48.26 ? 2133 HOH A O    1 
HETATM 1005 O  O    . HOH E 4 .   ? 5.812   -8.852  4.402   1.00 32.05 ? 2134 HOH A O    1 
HETATM 1006 O  O    . HOH E 4 .   ? 11.408  2.029   19.701  0.5  42.68 ? 2135 HOH A O    1 
HETATM 1007 O  O    . HOH E 4 .   ? 5.439   7.684   -1.612  1.00 32.66 ? 2136 HOH A O    1 
HETATM 1008 O  O    . HOH E 4 .   ? -0.451  -13.297 19.469  1.00 46.27 ? 2137 HOH A O    1 
HETATM 1009 O  O    . HOH E 4 .   ? 8.556   -10.588 2.000   1.00 45.92 ? 2138 HOH A O    1 
HETATM 1010 O  O    . HOH E 4 .   ? 5.578   0.920   -29.854 1.00 36.36 ? 2139 HOH A O    1 
HETATM 1011 O  O    . HOH E 4 .   ? -2.302  2.236   13.039  1.00 28.42 ? 2140 HOH A O    1 
HETATM 1012 O  O    . HOH E 4 .   ? 2.988   6.935   7.230   1.00 25.01 ? 2141 HOH A O    1 
HETATM 1013 O  O    . HOH E 4 .   ? -0.934  12.254  -9.702  1.00 40.86 ? 2142 HOH A O    1 
HETATM 1014 O  O    . HOH E 4 .   ? -4.578  15.601  0.002   1.00 34.37 ? 2143 HOH A O    1 
HETATM 1015 O  O    . HOH E 4 .   ? 11.260  7.949   15.652  1.00 39.75 ? 2144 HOH A O    1 
HETATM 1016 O  O    . HOH E 4 .   ? 4.974   -7.502  -2.192  1.00 36.23 ? 2145 HOH A O    1 
HETATM 1017 O  O    . HOH E 4 .   ? 7.572   0.153   -2.872  1.00 29.24 ? 2146 HOH A O    1 
HETATM 1018 O  O    . HOH E 4 .   ? -9.526  0.277   -15.681 1.00 40.61 ? 2147 HOH A O    1 
HETATM 1019 O  O    . HOH E 4 .   ? 5.899   -13.558 10.235  1.00 45.57 ? 2148 HOH A O    1 
HETATM 1020 O  O    . HOH E 4 .   ? 5.312   7.928   10.499  1.00 27.86 ? 2149 HOH A O    1 
HETATM 1021 O  O    . HOH E 4 .   ? 9.300   -0.349  -0.711  1.00 31.37 ? 2150 HOH A O    1 
HETATM 1022 O  O    . HOH E 4 .   ? 7.668   6.953   -3.215  1.00 52.51 ? 2151 HOH A O    1 
HETATM 1023 O  O    . HOH E 4 .   ? -11.155 -7.182  4.405   1.00 34.23 ? 2152 HOH A O    1 
HETATM 1024 O  O    . HOH E 4 .   ? 0.092   8.380   18.568  1.00 49.37 ? 2153 HOH A O    1 
HETATM 1025 O  O    . HOH E 4 .   ? 4.500   -0.312  8.157   1.00 26.35 ? 2154 HOH A O    1 
HETATM 1026 O  O    . HOH E 4 .   ? -3.673  3.606   -14.036 1.00 29.77 ? 2155 HOH A O    1 
HETATM 1027 O  O    . HOH E 4 .   ? -12.734 1.585   4.641   1.00 50.97 ? 2156 HOH A O    1 
HETATM 1028 O  O    . HOH E 4 .   ? -9.339  -3.088  10.179  1.00 33.14 ? 2157 HOH A O    1 
HETATM 1029 O  O    . HOH E 4 .   ? 4.368   5.595   -5.165  1.00 29.65 ? 2158 HOH A O    1 
HETATM 1030 O  O    . HOH E 4 .   ? 10.391  3.922   -1.597  1.00 46.68 ? 2159 HOH A O    1 
HETATM 1031 O  O    . HOH E 4 .   ? 2.811   4.817   16.470  1.00 35.18 ? 2160 HOH A O    1 
HETATM 1032 O  O    . HOH E 4 .   ? 8.753   -8.673  9.755   1.00 27.02 ? 2161 HOH A O    1 
HETATM 1033 O  O    . HOH E 4 .   ? 0.600   -9.341  -7.189  1.00 33.72 ? 2162 HOH A O    1 
HETATM 1034 O  O    . HOH E 4 .   ? -1.935  -0.343  -31.758 1.00 35.91 ? 2163 HOH A O    1 
HETATM 1035 O  O    . HOH E 4 .   ? 23.710  9.886   11.257  1.00 41.70 ? 2164 HOH A O    1 
HETATM 1036 O  O    . HOH E 4 .   ? -13.534 2.860   2.483   1.00 50.41 ? 2165 HOH A O    1 
HETATM 1037 O  O    . HOH E 4 .   ? 6.810   -5.716  16.621  1.00 35.93 ? 2166 HOH A O    1 
HETATM 1038 O  O    . HOH E 4 .   ? 7.220   8.759   2.902   1.00 35.79 ? 2167 HOH A O    1 
HETATM 1039 O  O    . HOH E 4 .   ? 4.143   -0.985  -9.007  1.00 46.02 ? 2168 HOH A O    1 
HETATM 1040 O  O    . HOH E 4 .   ? -6.678  3.920   7.771   1.00 34.35 ? 2169 HOH A O    1 
HETATM 1041 O  O    . HOH E 4 .   ? 3.171   -17.117 0.681   1.00 54.54 ? 2170 HOH A O    1 
HETATM 1042 O  O    . HOH E 4 .   ? -4.702  5.949   -15.278 1.00 37.43 ? 2171 HOH A O    1 
HETATM 1043 O  O    . HOH E 4 .   ? 5.583   -6.846  6.276   1.00 24.42 ? 2172 HOH A O    1 
HETATM 1044 O  O    . HOH E 4 .   ? 2.267   -14.497 7.699   1.00 48.02 ? 2173 HOH A O    1 
HETATM 1045 O  O    . HOH E 4 .   ? -7.149  9.364   4.971   1.00 35.33 ? 2174 HOH A O    1 
HETATM 1046 O  O    . HOH E 4 .   ? -8.713  10.791  3.096   1.00 40.54 ? 2175 HOH A O    1 
HETATM 1047 O  O    . HOH E 4 .   ? -2.483  1.055   -17.890 1.00 57.24 ? 2176 HOH A O    1 
HETATM 1048 O  O    . HOH E 4 .   ? 10.009  -11.828 4.510   1.00 54.68 ? 2177 HOH A O    1 
HETATM 1049 O  O    . HOH E 4 .   ? 11.645  16.331  10.944  1.00 63.64 ? 2178 HOH A O    1 
HETATM 1050 O  O    . HOH E 4 .   ? 9.550   -6.729  16.520  1.00 39.48 ? 2179 HOH A O    1 
HETATM 1051 O  O    . HOH E 4 .   ? -10.189 7.031   -2.280  1.00 34.07 ? 2180 HOH A O    1 
HETATM 1052 O  O    . HOH E 4 .   ? -1.797  14.803  0.814   1.00 35.23 ? 2181 HOH A O    1 
HETATM 1053 O  O    . HOH E 4 .   ? 6.493   -7.930  8.571   1.00 26.45 ? 2182 HOH A O    1 
HETATM 1054 O  O    . HOH E 4 .   ? 2.600   9.227   -6.356  1.00 43.30 ? 2183 HOH A O    1 
HETATM 1055 O  O    . HOH E 4 .   ? -6.833  -11.377 -0.980  1.00 31.82 ? 2184 HOH A O    1 
HETATM 1056 O  O    . HOH E 4 .   ? 15.582  6.921   18.601  1.00 45.11 ? 2185 HOH A O    1 
HETATM 1057 O  O    . HOH E 4 .   ? 4.522   9.682   4.806   1.00 40.49 ? 2186 HOH A O    1 
HETATM 1058 O  O    . HOH E 4 .   ? 10.080  -6.748  -0.104  1.00 45.14 ? 2187 HOH A O    1 
HETATM 1059 O  O    . HOH E 4 .   ? 4.343   -0.725  -22.543 1.00 56.60 ? 2188 HOH A O    1 
HETATM 1060 O  O    . HOH E 4 .   ? -14.622 2.458   -5.728  1.00 45.86 ? 2189 HOH A O    1 
HETATM 1061 O  O    . HOH E 4 .   ? 15.634  9.536   8.331   1.00 48.44 ? 2190 HOH A O    1 
HETATM 1062 O  O    . HOH E 4 .   ? 12.606  -12.863 17.481  1.00 56.69 ? 2191 HOH A O    1 
HETATM 1063 O  O    . HOH E 4 .   ? -10.468 10.438  1.508   1.00 45.69 ? 2192 HOH A O    1 
HETATM 1064 O  O    . HOH E 4 .   ? -1.798  10.912  7.011   1.00 47.10 ? 2193 HOH A O    1 
HETATM 1065 O  O    . HOH E 4 .   ? 5.150   -13.612 19.125  1.00 53.65 ? 2194 HOH A O    1 
HETATM 1066 O  O    . HOH E 4 .   ? -10.303 0.939   9.070   1.00 39.99 ? 2195 HOH A O    1 
HETATM 1067 O  O    . HOH E 4 .   ? -11.920 -9.332  -3.939  1.00 55.01 ? 2196 HOH A O    1 
HETATM 1068 O  O    . HOH E 4 .   ? -8.136  -3.180  -18.199 1.00 50.54 ? 2197 HOH A O    1 
HETATM 1069 O  O    . HOH E 4 .   ? 4.260   -6.737  17.528  1.00 31.93 ? 2198 HOH A O    1 
HETATM 1070 O  O    . HOH E 4 .   ? 11.353  3.611   3.815   1.00 30.33 ? 2199 HOH A O    1 
HETATM 1071 O  O    . HOH E 4 .   ? 6.756   -3.365  -6.700  1.00 36.68 ? 2200 HOH A O    1 
HETATM 1072 O  O    . HOH E 4 .   ? -12.097 4.951   -11.740 1.00 35.14 ? 2201 HOH A O    1 
HETATM 1073 O  O    . HOH E 4 .   ? -9.120  -11.809 -2.351  1.00 45.56 ? 2202 HOH A O    1 
HETATM 1074 O  O    . HOH E 4 .   ? -7.103  -4.451  -15.826 1.00 55.78 ? 2203 HOH A O    1 
HETATM 1075 O  O    . HOH E 4 .   ? 1.521   7.079   -16.066 1.00 44.87 ? 2204 HOH A O    1 
HETATM 1076 O  O    . HOH E 4 .   ? 4.136   5.532   9.112   1.00 24.55 ? 2205 HOH A O    1 
HETATM 1077 O  O    . HOH E 4 .   ? -1.093  10.226  -15.228 1.00 43.21 ? 2206 HOH A O    1 
HETATM 1078 O  O    C HOH E 4 .   ? 6.047   -1.000  18.291  0.60 44.79 ? 2207 HOH A O    1 
HETATM 1079 O  O    D HOH E 4 .   ? 7.640   -2.147  17.733  0.40 46.58 ? 2207 HOH A O    1 
HETATM 1080 O  O    . HOH E 4 .   ? 2.156   13.554  -0.689  1.00 49.12 ? 2208 HOH A O    1 
HETATM 1081 O  O    . HOH E 4 .   ? 13.524  -11.197 20.611  1.00 61.37 ? 2209 HOH A O    1 
HETATM 1082 O  O    . HOH E 4 .   ? 4.495   11.303  13.582  1.00 43.64 ? 2210 HOH A O    1 
HETATM 1083 O  O    . HOH E 4 .   ? 14.446  7.839   15.154  1.00 42.08 ? 2211 HOH A O    1 
HETATM 1084 O  O    . HOH E 4 .   ? 3.926   8.285   -4.751  1.00 37.09 ? 2212 HOH A O    1 
HETATM 1085 O  O    . HOH E 4 .   ? 1.839   12.908  -8.186  1.00 51.35 ? 2213 HOH A O    1 
HETATM 1086 O  O    . HOH E 4 .   ? -3.543  2.398   -20.152 1.00 50.83 ? 2214 HOH A O    1 
HETATM 1087 O  O    . HOH E 4 .   ? 3.941   10.742  -0.053  1.00 37.63 ? 2215 HOH A O    1 
HETATM 1088 O  O    . HOH E 4 .   ? -4.818  9.315   -7.243  1.00 29.07 ? 2216 HOH A O    1 
HETATM 1089 O  O    D HOH E 4 .   ? 1.257   -0.170  15.969  0.40 36.05 ? 2217 HOH A O    1 
HETATM 1090 O  O    . HOH E 4 .   ? -10.223 -9.958  8.265   1.00 36.74 ? 2218 HOH A O    1 
HETATM 1091 O  O    . HOH E 4 .   ? 13.722  10.231  6.428   1.00 55.72 ? 2219 HOH A O    1 
HETATM 1092 O  O    . HOH E 4 .   ? 14.045  3.038   4.663   1.00 39.96 ? 2220 HOH A O    1 
HETATM 1093 O  O    . HOH E 4 .   ? -10.938 -9.034  -8.293  1.00 53.31 ? 2221 HOH A O    1 
HETATM 1094 O  O    . HOH E 4 .   ? 2.938   -6.404  -9.862  1.00 53.02 ? 2222 HOH A O    1 
HETATM 1095 O  O    . HOH E 4 .   ? 6.378   -11.819 2.575   1.00 50.60 ? 2223 HOH A O    1 
HETATM 1096 O  O    . HOH E 4 .   ? -5.313  0.769   15.143  1.00 51.53 ? 2224 HOH A O    1 
HETATM 1097 O  O    . HOH E 4 .   ? 0.103   5.145   15.422  1.00 46.43 ? 2225 HOH A O    1 
HETATM 1098 O  O    . HOH E 4 .   ? 1.749   16.743  -1.967  1.00 52.06 ? 2226 HOH A O    1 
HETATM 1099 O  O    . HOH E 4 .   ? -14.332 -2.972  -1.498  1.00 51.61 ? 2227 HOH A O    1 
HETATM 1100 O  O    . HOH E 4 .   ? 0.038   3.447   13.907  1.00 37.87 ? 2228 HOH A O    1 
HETATM 1101 O  O    . HOH E 4 .   ? -13.287 -8.471  0.467   1.00 52.18 ? 2229 HOH A O    1 
HETATM 1102 O  O    C HOH E 4 .   ? 1.560   1.269   14.639  0.60 34.08 ? 2230 HOH A O    1 
HETATM 1103 O  O    . HOH E 4 .   ? 12.133  -4.718  3.511   1.00 44.53 ? 2231 HOH A O    1 
HETATM 1104 O  O    . HOH E 4 .   ? -10.426 9.472   -5.850  1.00 41.55 ? 2232 HOH A O    1 
HETATM 1105 O  O    . HOH E 4 .   ? 12.532  -3.349  -0.609  1.00 54.13 ? 2233 HOH A O    1 
HETATM 1106 O  O    . HOH E 4 .   ? -7.932  -2.955  12.510  1.00 38.24 ? 2234 HOH A O    1 
HETATM 1107 O  O    . HOH E 4 .   ? 11.648  8.731   20.496  1.00 56.23 ? 2235 HOH A O    1 
HETATM 1108 O  O    . HOH E 4 .   ? -11.599 5.069   4.992   1.00 55.26 ? 2236 HOH A O    1 
HETATM 1109 O  O    . HOH E 4 .   ? 9.499   -8.155  18.825  1.00 50.54 ? 2237 HOH A O    1 
HETATM 1110 O  O    . HOH E 4 .   ? -12.175 -3.641  11.111  1.00 58.58 ? 2238 HOH A O    1 
HETATM 1111 O  O    . HOH E 4 .   ? 7.344   -6.290  -3.120  1.00 40.39 ? 2239 HOH A O    1 
HETATM 1112 O  O    . HOH E 4 .   ? -0.909  -13.596 -5.530  1.00 54.56 ? 2240 HOH A O    1 
HETATM 1113 O  O    . HOH E 4 .   ? -13.519 -6.957  2.765   1.00 53.52 ? 2241 HOH A O    1 
HETATM 1114 O  O    . HOH E 4 .   ? 11.496  12.737  17.866  1.00 65.50 ? 2242 HOH A O    1 
HETATM 1115 O  O    . HOH E 4 .   ? 1.581   -19.759 -3.216  1.00 64.79 ? 2243 HOH A O    1 
HETATM 1116 O  O    . HOH E 4 .   ? 8.988   -8.078  -1.755  1.00 50.04 ? 2244 HOH A O    1 
HETATM 1117 O  O    . HOH E 4 .   ? 5.047   -8.483  -6.220  1.00 51.08 ? 2245 HOH A O    1 
HETATM 1118 O  O    C HOH E 4 .   ? -0.311  0.147   16.118  0.60 39.01 ? 2246 HOH A O    1 
HETATM 1119 O  O    . HOH E 4 .   ? 7.032   -6.189  -6.219  1.00 50.45 ? 2247 HOH A O    1 
HETATM 1120 O  O    . HOH E 4 .   ? 2.033   -11.514 -6.641  1.00 50.13 ? 2248 HOH A O    1 
HETATM 1121 O  O    . HOH E 4 .   ? -7.981  4.994   9.754   1.00 48.94 ? 2249 HOH A O    1 
HETATM 1122 O  O    . HOH E 4 .   ? -6.944  -18.882 -3.319  1.00 46.85 ? 2250 HOH A O    1 
HETATM 1123 O  O    . HOH E 4 .   ? 1.655   -8.833  -9.447  1.00 45.64 ? 2251 HOH A O    1 
HETATM 1124 O  O    . HOH E 4 .   ? -7.361  -18.418 -8.119  1.00 60.03 ? 2252 HOH A O    1 
HETATM 1125 O  O    . HOH E 4 .   ? -1.417  12.579  2.616   1.00 48.82 ? 2253 HOH A O    1 
HETATM 1126 O  O    . HOH E 4 .   ? 8.508   3.060   -3.007  1.00 38.87 ? 2254 HOH A O    1 
HETATM 1127 O  O    . HOH E 4 .   ? 12.690  -3.813  1.550   1.00 52.88 ? 2255 HOH A O    1 
HETATM 1128 O  O    . HOH E 4 .   ? 4.118   0.418   17.878  1.00 51.19 ? 2256 HOH A O    1 
HETATM 1129 O  O    . HOH E 4 .   ? 3.484   9.713   7.000   1.00 27.37 ? 2257 HOH A O    1 
HETATM 1130 O  O    . HOH E 4 .   ? -0.332  -7.060  -12.632 1.00 62.33 ? 2258 HOH A O    1 
HETATM 1131 O  O    . HOH E 4 .   ? -11.254 7.487   -4.650  1.00 49.95 ? 2259 HOH A O    1 
HETATM 1132 O  O    . HOH E 4 .   ? -1.980  3.019   -16.025 1.00 41.81 ? 2260 HOH A O    1 
HETATM 1133 O  O    . HOH E 4 .   ? -10.877 -10.699 5.901   1.00 47.70 ? 2261 HOH A O    1 
HETATM 1134 O  O    . HOH E 4 .   ? 3.052   5.611   18.848  1.00 49.95 ? 2262 HOH A O    1 
HETATM 1135 O  O    . HOH E 4 .   ? -2.118  0.874   17.200  1.00 49.24 ? 2263 HOH A O    1 
HETATM 1136 O  O    . HOH E 4 .   ? 1.594   10.476  14.642  1.00 48.12 ? 2264 HOH A O    1 
HETATM 1137 O  O    . HOH E 4 .   ? -5.067  2.984   14.522  1.00 45.47 ? 2265 HOH A O    1 
HETATM 1138 O  O    . HOH E 4 .   ? 0.016   16.326  1.084   1.00 52.11 ? 2266 HOH A O    1 
HETATM 1139 O  O    . HOH E 4 .   ? -15.605 -1.143  -1.609  1.00 52.57 ? 2267 HOH A O    1 
HETATM 1140 O  O    . HOH E 4 .   ? 12.883  9.329   18.885  1.00 50.32 ? 2268 HOH A O    1 
HETATM 1141 O  O    C HOH E 4 .   ? -1.324  7.379   16.290  1.00 47.87 ? 2269 HOH A O    1 
HETATM 1142 O  O    . HOH E 4 .   ? 5.637   -6.002  -24.759 1.00 47.91 ? 2270 HOH A O    1 
HETATM 1143 O  O    . HOH E 4 .   ? 11.769  3.525   1.245   1.00 34.67 ? 2271 HOH A O    1 
HETATM 1144 O  O    . HOH E 4 .   ? 7.928   -2.169  -4.284  1.00 31.48 ? 2272 HOH A O    1 
HETATM 1145 O  O    . HOH E 4 .   ? -11.219 -5.902  12.937  1.00 53.14 ? 2273 HOH A O    1 
HETATM 1146 O  O    . HOH E 4 .   ? 5.477   -10.133 -2.542  1.00 42.42 ? 2274 HOH A O    1 
HETATM 1147 O  O    . HOH E 4 .   ? -8.783  7.272   6.033   1.00 37.24 ? 2275 HOH A O    1 
HETATM 1148 O  O    . HOH E 4 .   ? -10.521 4.071   7.670   1.00 59.60 ? 2276 HOH A O    1 
HETATM 1149 O  O    . HOH E 4 .   ? -13.990 7.084   -9.064  1.00 56.98 ? 2277 HOH A O    1 
HETATM 1150 O  O    . HOH E 4 .   ? 7.886   11.134  4.386   1.00 46.71 ? 2278 HOH A O    1 
HETATM 1151 O  O    C HOH E 4 .   ? 5.602   -3.012  19.433  0.60 42.70 ? 2279 HOH A O    1 
HETATM 1152 O  O    D HOH E 4 .   ? 6.956   -4.199  19.067  0.40 38.20 ? 2279 HOH A O    1 
HETATM 1153 O  O    . HOH E 4 .   ? -14.265 -2.335  9.755   1.00 52.88 ? 2280 HOH A O    1 
HETATM 1154 O  O    . HOH E 4 .   ? 4.381   9.781   -8.541  1.00 52.08 ? 2281 HOH A O    1 
HETATM 1155 O  O    . HOH E 4 .   ? 10.161  11.191  8.041   1.00 43.77 ? 2282 HOH A O    1 
HETATM 1156 O  O    . HOH E 4 .   ? 4.311   11.886  10.840  1.00 45.28 ? 2283 HOH A O    1 
HETATM 1157 O  O    . HOH E 4 .   ? -5.103  -18.977 -7.531  1.00 64.41 ? 2284 HOH A O    1 
HETATM 1158 O  O    . HOH E 4 .   ? 6.802   8.752   0.338   1.00 46.26 ? 2285 HOH A O    1 
HETATM 1159 O  O    . HOH E 4 .   ? 4.253   -11.473 -4.824  1.00 55.42 ? 2286 HOH A O    1 
HETATM 1160 O  O    . HOH E 4 .   ? 1.138   12.652  1.519   1.00 49.75 ? 2287 HOH A O    1 
HETATM 1161 O  O    . HOH E 4 .   ? 5.221   10.139  9.097   1.00 30.88 ? 2288 HOH A O    1 
HETATM 1162 O  O    . HOH E 4 .   ? 11.641  0.810   0.729   1.00 35.85 ? 2289 HOH A O    1 
HETATM 1163 O  O    . HOH E 4 .   ? -8.115  7.608   8.868   1.00 43.03 ? 2290 HOH A O    1 
HETATM 1164 O  O    . HOH E 4 .   ? 2.292   -5.165  18.987  1.00 35.46 ? 2291 HOH A O    1 
HETATM 1165 O  O    . HOH E 4 .   ? 4.271   -14.901 9.167   1.00 46.63 ? 2292 HOH A O    1 
HETATM 1166 O  O    C HOH E 4 .   ? 3.466   2.055   15.966  0.60 41.01 ? 2293 HOH A O    1 
HETATM 1167 O  O    . HOH E 4 .   ? 1.126   12.364  8.563   1.00 50.74 ? 2294 HOH A O    1 
HETATM 1168 O  O    . HOH E 4 .   ? 3.789   10.991  2.322   1.00 44.26 ? 2295 HOH A O    1 
HETATM 1169 O  O    . HOH E 4 .   ? -11.186 7.882   5.185   1.00 56.93 ? 2296 HOH A O    1 
HETATM 1170 O  O    . HOH E 4 .   ? 6.300   6.430   -6.973  1.00 50.09 ? 2297 HOH A O    1 
HETATM 1171 O  O    . HOH E 4 .   ? 11.853  2.110   -3.395  1.00 57.44 ? 2298 HOH A O    1 
HETATM 1172 O  O    . HOH E 4 .   ? -15.900 -0.438  4.628   1.00 57.60 ? 2299 HOH A O    1 
HETATM 1173 O  O    . HOH E 4 .   ? 11.972  14.041  20.295  1.00 70.08 ? 2300 HOH A O    1 
HETATM 1174 O  O    . HOH E 4 .   ? 7.354   11.394  7.834   1.00 39.88 ? 2301 HOH A O    1 
HETATM 1175 O  O    . HOH E 4 .   ? 1.528   -1.004  18.354  1.00 52.29 ? 2302 HOH A O    1 
HETATM 1176 O  O    . HOH E 4 .   ? -8.264  4.877   12.280  1.00 55.36 ? 2303 HOH A O    1 
HETATM 1177 O  O    . HOH E 4 .   ? 1.324   12.145  11.504  1.00 52.47 ? 2304 HOH A O    1 
HETATM 1178 O  O    . HOH E 4 .   ? -7.223  3.764   13.846  1.00 40.96 ? 2305 HOH A O    1 
HETATM 1179 O  O    . HOH E 4 .   ? -16.871 -1.762  2.801   1.00 57.29 ? 2306 HOH A O    1 
HETATM 1180 O  O    . HOH E 4 .   ? -3.024  -4.580  -32.840 1.00 44.13 ? 2307 HOH A O    1 
HETATM 1181 O  O    . HOH E 4 .   ? -9.949  11.178  7.594   1.00 56.69 ? 2308 HOH A O    1 
HETATM 1182 O  O    . HOH E 4 .   ? -3.517  4.683   16.318  1.00 59.34 ? 2309 HOH A O    1 
HETATM 1183 O  O    . HOH E 4 .   ? -8.900  7.595   12.780  1.00 55.93 ? 2310 HOH A O    1 
HETATM 1184 O  O    . HOH E 4 .   ? -7.674  6.363   15.885  1.00 55.42 ? 2311 HOH A O    1 
HETATM 1185 O  O    . HOH E 4 .   ? -7.602  8.951   14.401  1.00 60.00 ? 2312 HOH A O    1 
# 
